data_4JAP
#
_entry.id   4JAP
#
_cell.length_a   72.011
_cell.length_b   48.627
_cell.length_c   193.656
_cell.angle_alpha   90.00
_cell.angle_beta   97.57
_cell.angle_gamma   90.00
#
_symmetry.space_group_name_H-M   'P 1 21 1'
#
loop_
_entity.id
_entity.type
_entity.pdbx_description
1 polymer 'Alpha-pyrone synthesis polyketide synthase-like Pks11'
2 non-polymer 'PALMITIC ACID'
3 non-polymer 'COENZYME A'
4 non-polymer '(2S)-2-methyl-3-oxooctadecanoic acid'
5 water water
#
_entity_poly.entity_id   1
_entity_poly.type   'polypeptide(L)'
_entity_poly.pdbx_seq_one_letter_code
;MSVIAGVFGALPPHRYSQSEITDSFVEFPGLKEHEEIIRRLHAAAKVNGRHLVLPLQQYPSLTDFGDANEIFIEKAVDLG
VEALLGALDDANLRPSDIDMIATATVTGVAVPSLDARIAGRLGLRPDVRRMPLFGLGCVAGAAGVARLRDYLRGAPDDVA
VLVSVELCSLTYPAVKPTVSSLVGTALFGDGAAAVVAVGDRRAEQVRAGGPDILDSRSSLYPDSLHIMGWDVGSHGLRLR
LSPDLTNLIERYLANDVTTFLDAHRLTKDDIGAWVSHPGGPKVIDAVATSLALPPEALELTWRSLGEIGNLSSASILHIL
RDTIEKRPPSGSAGLMLAMGPGFCTELVLLRWR
;
_entity_poly.pdbx_strand_id   D,C,B,A
#
# COMPACT_ATOMS: atom_id res chain seq x y z
N SER A 2 -3.90 -6.93 6.09
CA SER A 2 -4.37 -8.22 6.61
C SER A 2 -3.88 -9.37 5.74
N VAL A 3 -4.21 -10.58 6.18
CA VAL A 3 -3.55 -11.79 5.69
C VAL A 3 -4.43 -13.03 5.90
N ILE A 4 -4.58 -13.82 4.83
CA ILE A 4 -5.44 -15.00 4.87
C ILE A 4 -4.82 -16.08 5.77
N ALA A 5 -5.65 -16.78 6.54
CA ALA A 5 -5.17 -17.81 7.47
C ALA A 5 -5.66 -19.22 7.10
N GLY A 6 -6.75 -19.29 6.34
CA GLY A 6 -7.26 -20.57 5.89
C GLY A 6 -8.20 -20.44 4.71
N VAL A 7 -8.18 -21.44 3.83
CA VAL A 7 -9.08 -21.49 2.67
C VAL A 7 -9.57 -22.93 2.51
N PHE A 8 -10.88 -23.12 2.52
CA PHE A 8 -11.42 -24.48 2.50
C PHE A 8 -12.68 -24.59 1.65
N GLY A 9 -12.68 -25.55 0.74
CA GLY A 9 -13.85 -25.81 -0.08
C GLY A 9 -14.66 -27.00 0.42
N ALA A 10 -15.96 -26.96 0.14
CA ALA A 10 -16.89 -28.02 0.51
C ALA A 10 -17.83 -28.28 -0.67
N LEU A 11 -18.09 -29.55 -0.93
CA LEU A 11 -18.96 -29.93 -2.03
C LEU A 11 -19.94 -30.96 -1.62
N PRO A 12 -21.03 -31.05 -2.34
CA PRO A 12 -21.96 -32.16 -2.10
C PRO A 12 -21.30 -33.49 -2.45
N PRO A 13 -21.63 -34.56 -1.70
CA PRO A 13 -21.11 -35.93 -1.93
C PRO A 13 -21.71 -36.59 -3.18
N HIS A 14 -22.90 -36.16 -3.60
CA HIS A 14 -23.38 -36.56 -4.92
C HIS A 14 -22.54 -35.88 -6.00
N ARG A 15 -21.67 -36.67 -6.64
CA ARG A 15 -20.88 -36.21 -7.78
C ARG A 15 -21.23 -37.04 -9.02
N TYR A 16 -21.39 -36.37 -10.16
CA TYR A 16 -21.75 -37.05 -11.39
C TYR A 16 -20.86 -36.55 -12.54
N SER A 17 -20.54 -37.44 -13.47
CA SER A 17 -19.83 -37.04 -14.68
C SER A 17 -20.78 -36.21 -15.55
N GLN A 18 -20.23 -35.35 -16.40
CA GLN A 18 -21.04 -34.51 -17.25
C GLN A 18 -21.99 -35.33 -18.13
N SER A 19 -21.52 -36.50 -18.54
CA SER A 19 -22.27 -37.40 -19.42
C SER A 19 -23.46 -38.06 -18.70
N GLU A 20 -23.25 -38.43 -17.43
CA GLU A 20 -24.32 -38.91 -16.55
C GLU A 20 -25.45 -37.88 -16.52
N ILE A 21 -25.07 -36.64 -16.21
CA ILE A 21 -25.99 -35.51 -16.19
C ILE A 21 -26.72 -35.33 -17.53
N THR A 22 -25.97 -35.14 -18.61
CA THR A 22 -26.58 -34.84 -19.91
C THR A 22 -27.58 -35.92 -20.33
N ASP A 23 -27.18 -37.18 -20.24
CA ASP A 23 -28.05 -38.31 -20.58
C ASP A 23 -29.39 -38.30 -19.82
N SER A 24 -29.33 -38.14 -18.50
CA SER A 24 -30.54 -38.03 -17.69
C SER A 24 -31.40 -36.84 -18.13
N PHE A 25 -30.73 -35.71 -18.33
CA PHE A 25 -31.36 -34.40 -18.53
C PHE A 25 -32.28 -34.30 -19.76
N VAL A 26 -31.92 -34.96 -20.85
CA VAL A 26 -32.69 -34.85 -22.09
C VAL A 26 -34.02 -35.60 -21.99
N GLU A 27 -34.10 -36.50 -21.01
CA GLU A 27 -35.30 -37.31 -20.80
C GLU A 27 -36.24 -36.68 -19.79
N PHE A 28 -35.85 -35.53 -19.25
CA PHE A 28 -36.70 -34.77 -18.34
C PHE A 28 -37.95 -34.27 -19.06
N PRO A 29 -38.96 -33.86 -18.29
CA PRO A 29 -40.22 -33.37 -18.86
C PRO A 29 -40.07 -32.21 -19.86
N GLY A 30 -40.37 -32.49 -21.12
CA GLY A 30 -40.44 -31.48 -22.18
C GLY A 30 -39.15 -31.05 -22.88
N LEU A 31 -38.01 -31.64 -22.47
CA LEU A 31 -36.73 -31.41 -23.13
C LEU A 31 -36.25 -32.65 -23.86
N LYS A 32 -37.17 -33.28 -24.56
CA LYS A 32 -36.81 -34.36 -25.45
C LYS A 32 -36.65 -33.77 -26.85
N GLU A 33 -37.40 -32.71 -27.13
CA GLU A 33 -37.32 -32.01 -28.41
C GLU A 33 -36.26 -30.90 -28.43
N HIS A 34 -35.28 -30.99 -27.53
CA HIS A 34 -34.13 -30.09 -27.54
C HIS A 34 -32.87 -30.89 -27.25
N GLU A 35 -32.94 -32.20 -27.48
CA GLU A 35 -31.82 -33.11 -27.26
C GLU A 35 -30.57 -32.63 -27.98
N GLU A 36 -30.74 -32.14 -29.21
CA GLU A 36 -29.59 -31.74 -30.02
C GLU A 36 -28.88 -30.50 -29.47
N ILE A 37 -29.61 -29.40 -29.34
CA ILE A 37 -29.04 -28.18 -28.75
C ILE A 37 -28.41 -28.41 -27.37
N ILE A 38 -29.08 -29.18 -26.51
CA ILE A 38 -28.59 -29.46 -25.16
C ILE A 38 -27.26 -30.22 -25.19
N ARG A 39 -27.24 -31.32 -25.94
CA ARG A 39 -26.04 -32.14 -26.08
C ARG A 39 -24.86 -31.33 -26.62
N ARG A 40 -25.12 -30.40 -27.54
CA ARG A 40 -24.08 -29.52 -28.07
C ARG A 40 -23.56 -28.58 -26.99
N LEU A 41 -24.50 -28.03 -26.21
CA LEU A 41 -24.18 -27.08 -25.13
C LEU A 41 -23.41 -27.75 -23.99
N HIS A 42 -23.89 -28.91 -23.57
CA HIS A 42 -23.27 -29.65 -22.48
C HIS A 42 -21.84 -30.15 -22.79
N ALA A 43 -21.61 -30.52 -24.05
CA ALA A 43 -20.29 -31.02 -24.46
C ALA A 43 -19.29 -29.89 -24.59
N ALA A 44 -19.77 -28.72 -25.02
CA ALA A 44 -18.89 -27.57 -25.23
C ALA A 44 -18.66 -26.73 -23.97
N ALA A 45 -19.13 -27.21 -22.82
CA ALA A 45 -18.91 -26.47 -21.58
C ALA A 45 -17.52 -26.73 -20.94
N LYS A 46 -16.82 -27.76 -21.43
CA LYS A 46 -15.52 -28.14 -20.86
C LYS A 46 -15.59 -28.36 -19.36
N VAL A 47 -16.75 -28.82 -18.91
CA VAL A 47 -16.95 -29.33 -17.56
C VAL A 47 -17.09 -30.84 -17.72
N ASN A 48 -16.32 -31.59 -16.94
CA ASN A 48 -16.33 -33.05 -17.07
C ASN A 48 -17.19 -33.71 -15.98
N GLY A 49 -17.41 -32.96 -14.90
CA GLY A 49 -18.28 -33.41 -13.83
C GLY A 49 -18.66 -32.26 -12.90
N ARG A 50 -19.71 -32.47 -12.11
CA ARG A 50 -20.20 -31.49 -11.15
C ARG A 50 -20.78 -32.19 -9.95
N HIS A 51 -20.75 -31.53 -8.79
CA HIS A 51 -21.43 -32.03 -7.60
C HIS A 51 -22.87 -31.47 -7.52
N LEU A 52 -23.86 -32.35 -7.37
CA LEU A 52 -25.27 -31.94 -7.23
C LEU A 52 -25.72 -32.12 -5.77
N VAL A 53 -26.47 -31.16 -5.25
CA VAL A 53 -26.83 -31.19 -3.84
C VAL A 53 -27.99 -32.18 -3.63
N LEU A 54 -28.64 -32.51 -4.73
CA LEU A 54 -29.77 -33.45 -4.75
C LEU A 54 -29.46 -34.65 -5.64
N PRO A 55 -30.11 -35.80 -5.37
CA PRO A 55 -30.09 -36.94 -6.29
C PRO A 55 -30.54 -36.52 -7.70
N LEU A 56 -29.82 -36.99 -8.72
CA LEU A 56 -30.09 -36.57 -10.11
C LEU A 56 -31.53 -36.84 -10.59
N GLN A 57 -32.18 -37.86 -10.04
CA GLN A 57 -33.55 -38.23 -10.41
C GLN A 57 -34.62 -37.37 -9.73
N GLN A 58 -34.25 -36.67 -8.66
CA GLN A 58 -35.19 -35.81 -7.93
C GLN A 58 -35.53 -34.51 -8.69
N TYR A 59 -34.57 -33.99 -9.47
CA TYR A 59 -34.77 -32.72 -10.21
C TYR A 59 -36.03 -32.53 -11.07
N PRO A 60 -36.51 -33.59 -11.77
CA PRO A 60 -37.79 -33.48 -12.50
C PRO A 60 -38.98 -33.07 -11.60
N SER A 61 -38.86 -33.35 -10.31
CA SER A 61 -39.92 -33.01 -9.36
C SER A 61 -39.75 -31.63 -8.76
N LEU A 62 -38.61 -31.00 -8.99
CA LEU A 62 -38.33 -29.68 -8.41
C LEU A 62 -38.88 -28.57 -9.30
N THR A 63 -40.19 -28.46 -9.33
CA THR A 63 -40.85 -27.55 -10.24
C THR A 63 -41.34 -26.30 -9.50
N ASP A 64 -41.40 -26.40 -8.18
CA ASP A 64 -41.90 -25.30 -7.36
C ASP A 64 -40.79 -24.52 -6.66
N PHE A 65 -40.79 -23.21 -6.89
CA PHE A 65 -39.79 -22.30 -6.31
C PHE A 65 -39.76 -22.35 -4.78
N GLY A 66 -40.95 -22.54 -4.18
CA GLY A 66 -41.11 -22.64 -2.73
C GLY A 66 -40.38 -23.86 -2.19
N ASP A 67 -40.60 -25.00 -2.86
CA ASP A 67 -39.88 -26.23 -2.50
C ASP A 67 -38.36 -26.04 -2.57
N ALA A 68 -37.89 -25.69 -3.78
CA ALA A 68 -36.46 -25.47 -4.03
C ALA A 68 -35.80 -24.50 -3.05
N ASN A 69 -36.44 -23.37 -2.77
CA ASN A 69 -35.83 -22.42 -1.82
C ASN A 69 -35.71 -22.97 -0.39
N GLU A 70 -36.70 -23.76 0.01
CA GLU A 70 -36.68 -24.38 1.32
C GLU A 70 -35.52 -25.35 1.45
N ILE A 71 -35.38 -26.21 0.44
CA ILE A 71 -34.26 -27.14 0.35
C ILE A 71 -32.94 -26.36 0.29
N PHE A 72 -32.90 -25.28 -0.50
CA PHE A 72 -31.74 -24.38 -0.48
C PHE A 72 -31.33 -24.06 0.94
N ILE A 73 -32.27 -23.56 1.75
CA ILE A 73 -31.91 -23.06 3.08
C ILE A 73 -31.24 -24.13 3.96
N GLU A 74 -31.85 -25.30 4.04
CA GLU A 74 -31.29 -26.41 4.81
C GLU A 74 -29.91 -26.90 4.30
N LYS A 75 -29.80 -27.18 3.00
CA LYS A 75 -28.56 -27.67 2.40
C LYS A 75 -27.44 -26.63 2.44
N ALA A 76 -27.81 -25.35 2.35
CA ALA A 76 -26.85 -24.25 2.34
C ALA A 76 -26.23 -24.02 3.71
N VAL A 77 -27.01 -24.17 4.78
CA VAL A 77 -26.40 -24.04 6.10
C VAL A 77 -25.46 -25.21 6.38
N ASP A 78 -25.83 -26.41 5.94
CA ASP A 78 -24.96 -27.59 6.10
C ASP A 78 -23.60 -27.43 5.43
N LEU A 79 -23.60 -27.17 4.13
CA LEU A 79 -22.37 -26.96 3.36
C LEU A 79 -21.51 -25.78 3.90
N GLY A 80 -22.18 -24.65 4.19
CA GLY A 80 -21.50 -23.48 4.69
C GLY A 80 -20.76 -23.76 5.99
N VAL A 81 -21.42 -24.49 6.89
CA VAL A 81 -20.84 -24.88 8.16
C VAL A 81 -19.63 -25.79 7.95
N GLU A 82 -19.75 -26.70 6.99
CA GLU A 82 -18.66 -27.59 6.62
C GLU A 82 -17.42 -26.82 6.12
N ALA A 83 -17.63 -25.81 5.27
CA ALA A 83 -16.52 -25.00 4.76
C ALA A 83 -15.86 -24.15 5.85
N LEU A 84 -16.65 -23.41 6.63
CA LEU A 84 -16.07 -22.62 7.75
C LEU A 84 -15.24 -23.50 8.69
N LEU A 85 -15.83 -24.60 9.15
CA LEU A 85 -15.13 -25.56 10.00
C LEU A 85 -13.78 -25.92 9.38
N GLY A 86 -13.80 -26.31 8.11
CA GLY A 86 -12.61 -26.68 7.37
C GLY A 86 -11.58 -25.57 7.16
N ALA A 87 -12.04 -24.31 7.20
CA ALA A 87 -11.12 -23.18 7.05
C ALA A 87 -10.61 -22.77 8.43
N LEU A 88 -11.46 -22.96 9.44
CA LEU A 88 -11.14 -22.73 10.85
C LEU A 88 -10.01 -23.67 11.30
N ASP A 89 -10.16 -24.93 10.94
CA ASP A 89 -9.16 -25.97 11.12
C ASP A 89 -7.83 -25.61 10.39
N ASP A 90 -7.93 -25.07 9.18
CA ASP A 90 -6.76 -24.67 8.41
C ASP A 90 -5.99 -23.56 9.11
N ALA A 91 -6.74 -22.61 9.63
CA ALA A 91 -6.18 -21.52 10.41
C ALA A 91 -5.74 -21.95 11.82
N ASN A 92 -6.08 -23.18 12.22
CA ASN A 92 -6.04 -23.57 13.64
C ASN A 92 -6.67 -22.48 14.50
N LEU A 93 -7.90 -22.12 14.16
CA LEU A 93 -8.70 -21.17 14.94
C LEU A 93 -10.07 -21.79 15.27
N ARG A 94 -10.79 -21.17 16.21
CA ARG A 94 -12.09 -21.67 16.66
C ARG A 94 -13.21 -20.68 16.37
N PRO A 95 -14.45 -21.19 16.24
CA PRO A 95 -15.67 -20.37 16.07
C PRO A 95 -15.72 -19.14 16.99
N SER A 96 -15.31 -19.31 18.24
CA SER A 96 -15.26 -18.20 19.20
C SER A 96 -14.24 -17.09 18.83
N ASP A 97 -13.35 -17.38 17.90
CA ASP A 97 -12.36 -16.37 17.52
C ASP A 97 -12.92 -15.38 16.49
N ILE A 98 -14.01 -15.76 15.83
CA ILE A 98 -14.58 -14.97 14.72
C ILE A 98 -15.29 -13.68 15.17
N ASP A 99 -14.83 -12.53 14.66
CA ASP A 99 -15.41 -11.22 15.00
C ASP A 99 -16.40 -10.69 13.94
N MET A 100 -16.36 -11.27 12.74
CA MET A 100 -17.14 -10.79 11.61
C MET A 100 -17.25 -11.89 10.58
N ILE A 101 -18.50 -12.27 10.27
CA ILE A 101 -18.79 -13.26 9.23
C ILE A 101 -19.54 -12.59 8.09
N ALA A 102 -19.07 -12.81 6.87
CA ALA A 102 -19.72 -12.28 5.69
C ALA A 102 -20.13 -13.49 4.87
N THR A 103 -21.33 -13.44 4.30
CA THR A 103 -21.85 -14.60 3.56
C THR A 103 -22.18 -14.16 2.14
N ALA A 104 -21.88 -15.02 1.16
CA ALA A 104 -22.22 -14.67 -0.20
C ALA A 104 -22.98 -15.79 -0.87
N THR A 105 -24.16 -15.47 -1.38
CA THR A 105 -24.91 -16.39 -2.22
C THR A 105 -25.72 -15.56 -3.17
N VAL A 106 -26.18 -16.20 -4.25
CA VAL A 106 -27.07 -15.55 -5.18
C VAL A 106 -28.12 -16.56 -5.67
N THR A 107 -28.03 -17.79 -5.14
CA THR A 107 -28.87 -18.89 -5.62
C THR A 107 -30.04 -19.25 -4.70
N GLY A 108 -30.29 -18.43 -3.68
CA GLY A 108 -31.37 -18.69 -2.75
C GLY A 108 -31.66 -17.46 -1.91
N VAL A 109 -32.88 -17.36 -1.40
CA VAL A 109 -33.24 -16.16 -0.64
C VAL A 109 -33.66 -16.56 0.77
N ALA A 110 -32.86 -16.14 1.74
CA ALA A 110 -33.06 -16.55 3.12
C ALA A 110 -33.09 -15.33 4.03
N VAL A 111 -34.18 -15.18 4.78
CA VAL A 111 -34.28 -14.19 5.87
C VAL A 111 -34.88 -14.92 7.08
N PRO A 112 -34.09 -15.06 8.18
CA PRO A 112 -32.74 -14.52 8.35
C PRO A 112 -31.73 -15.17 7.41
N SER A 113 -30.57 -14.53 7.30
CA SER A 113 -29.58 -14.88 6.33
C SER A 113 -28.82 -16.11 6.79
N LEU A 114 -28.00 -16.66 5.89
CA LEU A 114 -27.13 -17.80 6.17
C LEU A 114 -26.17 -17.52 7.33
N ASP A 115 -25.57 -16.32 7.36
CA ASP A 115 -24.68 -15.96 8.47
C ASP A 115 -25.38 -16.12 9.81
N ALA A 116 -26.66 -15.74 9.89
CA ALA A 116 -27.46 -15.98 11.08
C ALA A 116 -27.47 -17.46 11.45
N ARG A 117 -27.72 -18.29 10.45
CA ARG A 117 -27.94 -19.72 10.69
C ARG A 117 -26.62 -20.43 10.98
N ILE A 118 -25.59 -20.01 10.26
CA ILE A 118 -24.23 -20.54 10.42
C ILE A 118 -23.68 -20.22 11.81
N ALA A 119 -23.84 -18.97 12.24
CA ALA A 119 -23.40 -18.55 13.57
C ALA A 119 -24.06 -19.40 14.66
N GLY A 120 -25.34 -19.72 14.44
CA GLY A 120 -26.09 -20.55 15.36
C GLY A 120 -25.54 -21.96 15.45
N ARG A 121 -25.46 -22.64 14.30
CA ARG A 121 -24.94 -24.02 14.24
C ARG A 121 -23.52 -24.17 14.82
N LEU A 122 -22.67 -23.16 14.64
CA LEU A 122 -21.26 -23.25 15.05
C LEU A 122 -20.94 -22.59 16.39
N GLY A 123 -21.93 -22.00 17.03
CA GLY A 123 -21.72 -21.27 18.27
C GLY A 123 -20.69 -20.15 18.14
N LEU A 124 -20.89 -19.26 17.17
CA LEU A 124 -20.08 -18.04 17.11
C LEU A 124 -20.60 -17.14 18.22
N ARG A 125 -19.77 -16.19 18.67
CA ARG A 125 -20.20 -15.24 19.67
C ARG A 125 -21.48 -14.53 19.21
N PRO A 126 -22.39 -14.29 20.16
CA PRO A 126 -23.65 -13.56 19.92
C PRO A 126 -23.37 -12.14 19.43
N ASP A 127 -22.18 -11.61 19.72
CA ASP A 127 -21.78 -10.29 19.25
C ASP A 127 -20.97 -10.34 17.95
N VAL A 128 -21.02 -11.46 17.23
CA VAL A 128 -20.35 -11.49 15.94
C VAL A 128 -21.04 -10.53 14.93
N ARG A 129 -20.21 -9.74 14.25
CA ARG A 129 -20.67 -8.81 13.22
C ARG A 129 -21.09 -9.58 11.97
N ARG A 130 -22.26 -9.24 11.41
CA ARG A 130 -22.77 -9.97 10.26
C ARG A 130 -22.91 -9.11 9.02
N MET A 131 -22.49 -9.67 7.88
CA MET A 131 -22.50 -8.95 6.60
C MET A 131 -22.97 -9.92 5.51
N PRO A 132 -24.30 -10.15 5.44
CA PRO A 132 -24.86 -11.01 4.37
C PRO A 132 -24.84 -10.25 3.06
N LEU A 133 -24.16 -10.79 2.05
CA LEU A 133 -24.09 -10.13 0.75
C LEU A 133 -24.91 -10.89 -0.27
N PHE A 134 -25.94 -10.25 -0.81
CA PHE A 134 -26.78 -10.88 -1.84
C PHE A 134 -26.85 -10.08 -3.13
N GLY A 135 -26.55 -10.74 -4.24
CA GLY A 135 -26.67 -10.12 -5.55
C GLY A 135 -25.35 -9.69 -6.17
N LEU A 136 -24.25 -10.13 -5.58
CA LEU A 136 -22.98 -9.88 -6.21
C LEU A 136 -22.71 -10.96 -7.26
N GLY A 137 -23.43 -12.08 -7.16
CA GLY A 137 -23.22 -13.18 -8.09
C GLY A 137 -21.79 -13.69 -8.10
N CYS A 138 -21.25 -13.90 -9.29
CA CYS A 138 -19.94 -14.53 -9.48
C CYS A 138 -18.74 -13.67 -9.08
N VAL A 139 -18.98 -12.44 -8.63
CA VAL A 139 -17.87 -11.57 -8.28
C VAL A 139 -17.58 -11.65 -6.78
N ALA A 140 -18.51 -12.28 -6.05
CA ALA A 140 -18.51 -12.20 -4.60
C ALA A 140 -17.39 -13.00 -3.93
N GLY A 141 -16.79 -13.95 -4.67
CA GLY A 141 -15.69 -14.70 -4.13
C GLY A 141 -14.51 -13.75 -3.91
N ALA A 142 -14.25 -12.91 -4.91
CA ALA A 142 -13.17 -11.92 -4.83
C ALA A 142 -13.60 -10.69 -4.03
N ALA A 143 -14.79 -10.18 -4.32
CA ALA A 143 -15.27 -8.98 -3.65
C ALA A 143 -15.43 -9.22 -2.16
N GLY A 144 -15.65 -10.47 -1.78
CA GLY A 144 -15.77 -10.85 -0.38
C GLY A 144 -14.46 -10.72 0.39
N VAL A 145 -13.37 -11.07 -0.28
CA VAL A 145 -12.04 -11.02 0.31
C VAL A 145 -11.68 -9.56 0.51
N ALA A 146 -12.02 -8.77 -0.50
CA ALA A 146 -11.89 -7.31 -0.44
C ALA A 146 -12.68 -6.72 0.73
N ARG A 147 -13.90 -7.22 0.97
CA ARG A 147 -14.68 -6.67 2.10
C ARG A 147 -14.02 -7.01 3.45
N LEU A 148 -13.44 -8.20 3.54
CA LEU A 148 -12.70 -8.64 4.72
C LEU A 148 -11.49 -7.74 5.00
N ARG A 149 -10.75 -7.43 3.94
CA ARG A 149 -9.57 -6.60 4.09
C ARG A 149 -9.98 -5.21 4.57
N ASP A 150 -11.11 -4.73 4.06
CA ASP A 150 -11.65 -3.43 4.50
C ASP A 150 -12.06 -3.45 5.97
N TYR A 151 -12.62 -4.55 6.42
CA TYR A 151 -13.01 -4.65 7.81
C TYR A 151 -11.76 -4.72 8.69
N LEU A 152 -10.80 -5.54 8.29
CA LEU A 152 -9.61 -5.83 9.10
C LEU A 152 -8.59 -4.68 9.14
N ARG A 153 -8.74 -3.75 8.19
CA ARG A 153 -7.91 -2.54 8.12
C ARG A 153 -8.30 -1.58 9.25
N GLY A 154 -9.55 -1.66 9.69
CA GLY A 154 -10.03 -0.85 10.80
C GLY A 154 -10.05 -1.66 12.09
N ALA A 155 -9.77 -2.95 11.96
CA ALA A 155 -9.74 -3.88 13.10
C ALA A 155 -8.60 -4.89 12.94
N PRO A 156 -7.35 -4.47 13.20
CA PRO A 156 -6.13 -5.24 12.91
C PRO A 156 -5.87 -6.37 13.90
N ASP A 157 -6.67 -6.44 14.97
CA ASP A 157 -6.58 -7.52 15.97
C ASP A 157 -7.68 -8.56 15.77
N ASP A 158 -8.54 -8.36 14.77
CA ASP A 158 -9.74 -9.19 14.63
C ASP A 158 -9.60 -10.32 13.63
N VAL A 159 -10.58 -11.24 13.65
CA VAL A 159 -10.67 -12.38 12.73
C VAL A 159 -11.97 -12.28 11.94
N ALA A 160 -11.87 -12.27 10.62
CA ALA A 160 -13.06 -12.13 9.79
C ALA A 160 -13.13 -13.26 8.78
N VAL A 161 -14.34 -13.78 8.57
CA VAL A 161 -14.49 -14.91 7.66
C VAL A 161 -15.48 -14.59 6.53
N LEU A 162 -15.35 -15.34 5.44
CA LEU A 162 -16.23 -15.21 4.28
C LEU A 162 -16.70 -16.59 3.91
N VAL A 163 -18.01 -16.82 3.98
CA VAL A 163 -18.53 -18.12 3.56
C VAL A 163 -19.35 -17.91 2.29
N SER A 164 -18.98 -18.64 1.25
CA SER A 164 -19.69 -18.54 -0.03
C SER A 164 -20.37 -19.87 -0.34
N VAL A 165 -21.70 -19.86 -0.44
CA VAL A 165 -22.47 -21.06 -0.69
C VAL A 165 -23.36 -20.87 -1.89
N GLU A 166 -23.13 -21.67 -2.94
CA GLU A 166 -23.91 -21.55 -4.16
C GLU A 166 -24.47 -22.90 -4.60
N LEU A 167 -25.77 -23.05 -4.49
CA LEU A 167 -26.44 -24.26 -4.90
C LEU A 167 -27.24 -24.02 -6.17
N CYS A 168 -26.51 -23.81 -7.26
CA CYS A 168 -27.07 -23.46 -8.56
C CYS A 168 -28.13 -24.42 -9.13
N SER A 169 -27.94 -25.72 -8.91
CA SER A 169 -28.91 -26.74 -9.39
C SER A 169 -30.31 -26.50 -8.83
N LEU A 170 -30.35 -25.87 -7.66
CA LEU A 170 -31.61 -25.65 -6.94
C LEU A 170 -32.48 -24.57 -7.60
N THR A 171 -31.95 -23.94 -8.64
CA THR A 171 -32.72 -22.93 -9.36
C THR A 171 -33.49 -23.56 -10.51
N TYR A 172 -33.40 -24.89 -10.64
CA TYR A 172 -34.15 -25.65 -11.67
C TYR A 172 -35.64 -25.26 -11.92
N PRO A 173 -36.42 -24.94 -10.86
CA PRO A 173 -37.78 -24.38 -11.07
C PRO A 173 -37.90 -23.31 -12.17
N ALA A 174 -36.79 -22.64 -12.46
CA ALA A 174 -36.81 -21.50 -13.33
C ALA A 174 -36.36 -21.79 -14.77
N VAL A 175 -35.70 -22.91 -15.00
CA VAL A 175 -35.11 -23.13 -16.32
C VAL A 175 -36.14 -23.60 -17.35
N LYS A 176 -35.96 -23.15 -18.59
CA LYS A 176 -36.78 -23.55 -19.74
C LYS A 176 -35.85 -23.74 -20.95
N PRO A 177 -36.37 -24.28 -22.09
CA PRO A 177 -35.49 -24.45 -23.26
C PRO A 177 -35.12 -23.16 -24.03
N THR A 178 -34.46 -22.24 -23.36
CA THR A 178 -33.90 -21.06 -24.02
C THR A 178 -32.40 -21.24 -24.01
N VAL A 179 -31.70 -20.56 -24.91
CA VAL A 179 -30.24 -20.69 -25.01
C VAL A 179 -29.56 -20.34 -23.67
N SER A 180 -30.01 -19.23 -23.08
CA SER A 180 -29.48 -18.74 -21.81
C SER A 180 -29.55 -19.77 -20.69
N SER A 181 -30.75 -20.26 -20.42
CA SER A 181 -30.99 -21.24 -19.37
C SER A 181 -30.26 -22.54 -19.65
N LEU A 182 -30.33 -23.02 -20.89
CA LEU A 182 -29.62 -24.23 -21.27
C LEU A 182 -28.12 -24.09 -21.05
N VAL A 183 -27.54 -22.97 -21.45
CA VAL A 183 -26.11 -22.76 -21.21
C VAL A 183 -25.77 -22.91 -19.73
N GLY A 184 -26.61 -22.35 -18.87
CA GLY A 184 -26.42 -22.47 -17.43
C GLY A 184 -26.52 -23.90 -16.92
N THR A 185 -27.30 -24.75 -17.57
CA THR A 185 -27.43 -26.15 -17.16
C THR A 185 -26.24 -26.98 -17.67
N ALA A 186 -25.47 -26.39 -18.59
CA ALA A 186 -24.25 -27.00 -19.07
C ALA A 186 -23.07 -26.67 -18.15
N LEU A 187 -23.18 -25.54 -17.46
CA LEU A 187 -22.05 -24.94 -16.76
C LEU A 187 -22.06 -25.14 -15.24
N PHE A 188 -23.20 -24.84 -14.60
CA PHE A 188 -23.23 -24.61 -13.15
C PHE A 188 -23.35 -25.83 -12.23
N GLY A 189 -22.50 -25.87 -11.22
CA GLY A 189 -22.49 -26.93 -10.24
C GLY A 189 -22.83 -26.38 -8.87
N ASP A 190 -22.78 -27.24 -7.84
CA ASP A 190 -23.07 -26.82 -6.48
C ASP A 190 -21.79 -26.99 -5.66
N GLY A 191 -21.70 -26.26 -4.56
CA GLY A 191 -20.55 -26.35 -3.68
C GLY A 191 -20.47 -25.12 -2.81
N ALA A 192 -19.46 -25.08 -1.93
CA ALA A 192 -19.29 -23.98 -1.00
C ALA A 192 -17.81 -23.79 -0.72
N ALA A 193 -17.44 -22.66 -0.13
CA ALA A 193 -16.04 -22.40 0.23
C ALA A 193 -15.95 -21.31 1.28
N ALA A 194 -14.87 -21.34 2.06
CA ALA A 194 -14.70 -20.38 3.14
C ALA A 194 -13.29 -19.83 3.16
N VAL A 195 -13.15 -18.60 3.65
CA VAL A 195 -11.85 -17.97 3.83
C VAL A 195 -11.81 -17.38 5.22
N VAL A 196 -10.76 -17.71 5.98
CA VAL A 196 -10.52 -17.08 7.27
C VAL A 196 -9.35 -16.12 7.08
N ALA A 197 -9.48 -14.90 7.59
CA ALA A 197 -8.40 -13.92 7.47
C ALA A 197 -8.29 -13.11 8.77
N VAL A 198 -7.09 -12.63 9.07
CA VAL A 198 -6.86 -11.97 10.34
C VAL A 198 -6.19 -10.62 10.11
N GLY A 199 -6.42 -9.67 11.02
CA GLY A 199 -5.77 -8.38 10.96
C GLY A 199 -4.25 -8.52 11.01
N ASP A 200 -3.56 -7.45 10.60
CA ASP A 200 -2.09 -7.41 10.64
C ASP A 200 -1.52 -7.74 12.03
N ARG A 201 -2.03 -7.09 13.08
CA ARG A 201 -1.56 -7.34 14.45
C ARG A 201 -1.87 -8.74 14.99
N ARG A 202 -2.66 -9.50 14.24
CA ARG A 202 -3.08 -10.83 14.67
C ARG A 202 -2.31 -11.89 13.90
N ALA A 203 -1.77 -11.47 12.75
CA ALA A 203 -1.05 -12.36 11.83
C ALA A 203 0.10 -13.16 12.47
N GLU A 204 0.90 -12.50 13.31
CA GLU A 204 2.02 -13.17 13.98
C GLU A 204 1.54 -14.14 15.08
N GLN A 205 0.81 -13.60 16.07
CA GLN A 205 0.26 -14.39 17.17
C GLN A 205 -0.44 -15.70 16.72
N VAL A 206 -1.02 -15.68 15.52
CA VAL A 206 -1.81 -16.84 15.05
C VAL A 206 -1.08 -17.65 13.94
N ARG A 207 0.12 -17.19 13.59
CA ARG A 207 0.96 -17.82 12.56
C ARG A 207 0.22 -18.06 11.22
N ALA A 208 -0.52 -17.04 10.78
CA ALA A 208 -1.31 -17.07 9.55
C ALA A 208 -0.50 -17.51 8.31
N GLY A 209 -0.83 -18.67 7.77
CA GLY A 209 -0.06 -19.24 6.68
C GLY A 209 -0.21 -18.50 5.36
N GLY A 210 -1.45 -18.46 4.87
CA GLY A 210 -1.79 -17.91 3.55
C GLY A 210 -1.31 -16.50 3.24
N PRO A 211 -1.76 -15.95 2.10
CA PRO A 211 -1.23 -14.73 1.47
C PRO A 211 -1.66 -13.44 2.17
N ASP A 212 -0.82 -12.41 2.10
CA ASP A 212 -1.26 -11.08 2.52
C ASP A 212 -2.34 -10.61 1.53
N ILE A 213 -3.30 -9.81 2.02
CA ILE A 213 -4.27 -9.15 1.16
C ILE A 213 -3.91 -7.68 1.05
N LEU A 214 -3.29 -7.31 -0.06
CA LEU A 214 -2.73 -5.94 -0.23
C LEU A 214 -3.73 -4.89 -0.67
N ASP A 215 -4.49 -5.17 -1.71
CA ASP A 215 -5.43 -4.16 -2.22
C ASP A 215 -6.52 -4.83 -3.05
N SER A 216 -7.52 -4.03 -3.40
CA SER A 216 -8.59 -4.44 -4.30
C SER A 216 -9.09 -3.21 -5.06
N ARG A 217 -9.64 -3.46 -6.25
CA ARG A 217 -10.36 -2.45 -7.00
C ARG A 217 -11.58 -3.07 -7.67
N SER A 218 -12.73 -2.41 -7.48
CA SER A 218 -13.97 -2.77 -8.16
C SER A 218 -14.07 -1.96 -9.43
N SER A 219 -14.85 -2.45 -10.38
CA SER A 219 -15.03 -1.70 -11.61
C SER A 219 -16.43 -1.95 -12.12
N LEU A 220 -17.29 -0.97 -11.91
CA LEU A 220 -18.69 -1.04 -12.34
C LEU A 220 -18.87 -0.37 -13.71
N TYR A 221 -19.06 -1.17 -14.76
CA TYR A 221 -19.19 -0.68 -16.13
C TYR A 221 -20.48 0.10 -16.37
N PRO A 222 -20.39 1.23 -17.10
CA PRO A 222 -21.57 2.06 -17.44
C PRO A 222 -22.61 1.31 -18.26
N ASP A 223 -23.89 1.55 -17.96
CA ASP A 223 -25.02 1.04 -18.76
C ASP A 223 -24.86 -0.44 -19.13
N SER A 224 -24.65 -1.28 -18.11
CA SER A 224 -24.36 -2.70 -18.31
C SER A 224 -25.21 -3.62 -17.42
N LEU A 225 -26.41 -3.18 -17.06
CA LEU A 225 -27.31 -3.99 -16.22
C LEU A 225 -27.70 -5.30 -16.91
N HIS A 226 -28.02 -5.21 -18.19
CA HIS A 226 -28.50 -6.35 -18.97
C HIS A 226 -27.51 -7.51 -19.16
N ILE A 227 -26.23 -7.29 -18.86
CA ILE A 227 -25.21 -8.32 -19.16
C ILE A 227 -25.40 -9.61 -18.37
N MET A 228 -25.75 -9.50 -17.09
CA MET A 228 -25.83 -10.66 -16.21
C MET A 228 -26.73 -10.34 -15.02
N GLY A 229 -27.55 -11.30 -14.60
CA GLY A 229 -28.43 -11.07 -13.47
C GLY A 229 -29.55 -12.08 -13.33
N TRP A 230 -30.47 -11.82 -12.39
CA TRP A 230 -31.63 -12.69 -12.15
C TRP A 230 -32.91 -12.12 -12.74
N ASP A 231 -33.67 -12.96 -13.43
CA ASP A 231 -35.06 -12.64 -13.73
C ASP A 231 -35.92 -13.27 -12.63
N VAL A 232 -36.34 -12.45 -11.67
CA VAL A 232 -37.05 -12.97 -10.53
C VAL A 232 -38.54 -13.04 -10.82
N GLY A 233 -39.16 -14.14 -10.39
CA GLY A 233 -40.57 -14.33 -10.70
C GLY A 233 -41.19 -15.45 -9.91
N SER A 234 -42.35 -15.86 -10.39
CA SER A 234 -43.14 -16.91 -9.76
C SER A 234 -42.39 -18.24 -9.75
N HIS A 235 -41.54 -18.45 -10.76
CA HIS A 235 -40.84 -19.72 -10.89
C HIS A 235 -39.45 -19.71 -10.29
N GLY A 236 -39.14 -18.64 -9.57
CA GLY A 236 -37.86 -18.50 -8.91
C GLY A 236 -36.88 -17.61 -9.65
N LEU A 237 -35.61 -18.01 -9.60
CA LEU A 237 -34.53 -17.20 -10.13
C LEU A 237 -34.13 -17.73 -11.51
N ARG A 238 -34.49 -16.98 -12.55
CA ARG A 238 -34.19 -17.36 -13.94
C ARG A 238 -32.95 -16.64 -14.48
N LEU A 239 -32.05 -17.39 -15.10
CA LEU A 239 -30.79 -16.85 -15.57
C LEU A 239 -30.97 -15.81 -16.65
N ARG A 240 -30.29 -14.69 -16.47
CA ARG A 240 -30.21 -13.68 -17.51
C ARG A 240 -28.72 -13.62 -17.88
N LEU A 241 -28.42 -14.08 -19.09
CA LEU A 241 -27.05 -14.13 -19.56
C LEU A 241 -27.03 -13.71 -21.04
N SER A 242 -26.27 -12.65 -21.30
CA SER A 242 -26.29 -11.95 -22.58
C SER A 242 -25.06 -12.34 -23.40
N PRO A 243 -25.22 -12.39 -24.73
CA PRO A 243 -24.11 -12.74 -25.64
C PRO A 243 -22.96 -11.73 -25.54
N ASP A 244 -23.29 -10.46 -25.32
CA ASP A 244 -22.30 -9.40 -25.35
C ASP A 244 -21.26 -9.44 -24.21
N LEU A 245 -21.41 -10.40 -23.29
CA LEU A 245 -20.49 -10.54 -22.15
C LEU A 245 -19.01 -10.59 -22.55
N THR A 246 -18.64 -11.56 -23.39
CA THR A 246 -17.24 -11.74 -23.78
C THR A 246 -16.66 -10.48 -24.43
N ASN A 247 -17.42 -9.84 -25.32
CA ASN A 247 -16.96 -8.61 -25.96
C ASN A 247 -16.78 -7.45 -24.98
N LEU A 248 -17.51 -7.49 -23.88
CA LEU A 248 -17.31 -6.51 -22.82
C LEU A 248 -15.92 -6.71 -22.21
N ILE A 249 -15.62 -7.96 -21.84
CA ILE A 249 -14.31 -8.31 -21.31
C ILE A 249 -13.18 -7.91 -22.24
N GLU A 250 -13.30 -8.27 -23.52
CA GLU A 250 -12.23 -8.03 -24.49
C GLU A 250 -11.97 -6.53 -24.65
N ARG A 251 -13.02 -5.74 -24.43
CA ARG A 251 -12.94 -4.31 -24.60
C ARG A 251 -12.40 -3.59 -23.37
N TYR A 252 -12.81 -4.01 -22.17
CA TYR A 252 -12.49 -3.22 -20.97
C TYR A 252 -11.64 -3.90 -19.88
N LEU A 253 -11.35 -5.19 -20.02
CA LEU A 253 -10.63 -5.90 -18.95
C LEU A 253 -9.18 -5.44 -18.76
N ALA A 254 -8.49 -5.15 -19.86
CA ALA A 254 -7.10 -4.70 -19.81
C ALA A 254 -6.98 -3.34 -19.12
N ASN A 255 -7.83 -2.40 -19.51
CA ASN A 255 -7.92 -1.12 -18.82
C ASN A 255 -8.06 -1.29 -17.30
N ASP A 256 -9.04 -2.08 -16.85
CA ASP A 256 -9.28 -2.30 -15.41
C ASP A 256 -8.03 -2.79 -14.66
N VAL A 257 -7.36 -3.76 -15.26
CA VAL A 257 -6.21 -4.40 -14.60
C VAL A 257 -4.93 -3.55 -14.71
N THR A 258 -4.71 -2.91 -15.87
CA THR A 258 -3.60 -1.96 -16.00
C THR A 258 -3.75 -0.82 -14.99
N THR A 259 -4.96 -0.28 -14.88
CA THR A 259 -5.26 0.82 -13.97
C THR A 259 -4.95 0.44 -12.53
N PHE A 260 -5.33 -0.78 -12.16
CA PHE A 260 -5.12 -1.28 -10.81
C PHE A 260 -3.61 -1.47 -10.53
N LEU A 261 -2.96 -2.24 -11.41
CA LEU A 261 -1.53 -2.54 -11.31
C LEU A 261 -0.59 -1.30 -11.40
N ASP A 262 -0.97 -0.30 -12.22
CA ASP A 262 -0.24 0.98 -12.25
C ASP A 262 -0.22 1.68 -10.88
N ALA A 263 -1.29 1.52 -10.11
CA ALA A 263 -1.34 2.15 -8.78
C ALA A 263 -0.35 1.50 -7.79
N HIS A 264 0.19 0.35 -8.20
CA HIS A 264 1.25 -0.30 -7.43
C HIS A 264 2.53 -0.34 -8.24
N ARG A 265 2.53 0.34 -9.39
CA ARG A 265 3.64 0.29 -10.36
C ARG A 265 4.07 -1.14 -10.74
N LEU A 266 3.09 -2.00 -11.00
CA LEU A 266 3.33 -3.38 -11.39
C LEU A 266 2.89 -3.62 -12.83
N THR A 267 3.46 -4.65 -13.45
CA THR A 267 3.11 -5.06 -14.82
C THR A 267 2.45 -6.42 -14.75
N LYS A 268 1.80 -6.85 -15.84
CA LYS A 268 1.20 -8.19 -15.89
C LYS A 268 2.22 -9.31 -15.66
N ASP A 269 3.49 -9.04 -15.94
CA ASP A 269 4.55 -10.04 -15.80
C ASP A 269 5.00 -10.18 -14.34
N ASP A 270 4.70 -9.14 -13.55
CA ASP A 270 5.02 -9.14 -12.13
C ASP A 270 4.09 -10.06 -11.32
N ILE A 271 3.00 -10.51 -11.96
CA ILE A 271 2.00 -11.40 -11.32
C ILE A 271 2.34 -12.90 -11.42
N GLY A 272 2.71 -13.52 -10.30
CA GLY A 272 3.16 -14.90 -10.29
C GLY A 272 2.02 -15.92 -10.37
N ALA A 273 0.87 -15.58 -9.80
CA ALA A 273 -0.28 -16.48 -9.77
C ALA A 273 -1.60 -15.78 -10.14
N TRP A 274 -2.24 -16.27 -11.19
CA TRP A 274 -3.56 -15.75 -11.59
C TRP A 274 -4.72 -16.58 -11.00
N VAL A 275 -5.59 -15.90 -10.24
CA VAL A 275 -6.73 -16.56 -9.60
C VAL A 275 -8.07 -16.05 -10.18
N SER A 276 -8.48 -16.61 -11.32
CA SER A 276 -9.65 -16.10 -12.05
C SER A 276 -10.91 -16.97 -12.00
N HIS A 277 -12.07 -16.34 -12.14
CA HIS A 277 -13.35 -17.04 -12.14
C HIS A 277 -13.52 -17.83 -13.43
N PRO A 278 -13.94 -19.11 -13.30
CA PRO A 278 -14.11 -19.95 -14.50
C PRO A 278 -15.51 -19.79 -15.07
N GLY A 279 -15.83 -18.61 -15.59
CA GLY A 279 -17.13 -18.39 -16.21
C GLY A 279 -17.34 -19.09 -17.55
N GLY A 280 -16.69 -20.23 -17.75
CA GLY A 280 -16.87 -20.98 -18.98
C GLY A 280 -15.76 -20.67 -19.98
N PRO A 281 -15.65 -21.50 -21.04
CA PRO A 281 -14.55 -21.45 -22.00
C PRO A 281 -14.40 -20.11 -22.72
N LYS A 282 -15.51 -19.59 -23.23
CA LYS A 282 -15.51 -18.32 -23.97
C LYS A 282 -15.09 -17.13 -23.09
N VAL A 283 -15.41 -17.20 -21.81
CA VAL A 283 -14.99 -16.15 -20.85
C VAL A 283 -13.50 -16.27 -20.50
N ILE A 284 -13.06 -17.49 -20.17
CA ILE A 284 -11.64 -17.73 -19.91
C ILE A 284 -10.76 -17.40 -21.13
N ASP A 285 -11.21 -17.71 -22.34
CA ASP A 285 -10.46 -17.31 -23.55
C ASP A 285 -10.28 -15.79 -23.60
N ALA A 286 -11.37 -15.05 -23.36
CA ALA A 286 -11.35 -13.59 -23.43
C ALA A 286 -10.49 -12.93 -22.33
N VAL A 287 -10.40 -13.57 -21.17
CA VAL A 287 -9.49 -13.08 -20.11
C VAL A 287 -8.05 -13.21 -20.58
N ALA A 288 -7.72 -14.41 -21.07
CA ALA A 288 -6.39 -14.71 -21.58
C ALA A 288 -6.03 -13.75 -22.71
N THR A 289 -6.91 -13.71 -23.70
CA THR A 289 -6.74 -12.84 -24.86
C THR A 289 -6.58 -11.36 -24.50
N SER A 290 -7.49 -10.81 -23.70
CA SER A 290 -7.40 -9.39 -23.34
C SER A 290 -6.12 -9.08 -22.54
N LEU A 291 -5.63 -10.06 -21.79
CA LEU A 291 -4.48 -9.86 -20.92
C LEU A 291 -3.23 -10.60 -21.42
N ALA A 292 -3.31 -11.13 -22.64
CA ALA A 292 -2.17 -11.81 -23.28
C ALA A 292 -1.40 -12.78 -22.36
N LEU A 293 -2.12 -13.71 -21.75
CA LEU A 293 -1.50 -14.63 -20.79
C LEU A 293 -1.14 -15.98 -21.42
N PRO A 294 -0.04 -16.59 -20.93
CA PRO A 294 0.31 -17.95 -21.40
C PRO A 294 -0.72 -18.97 -20.94
N PRO A 295 -0.91 -20.04 -21.74
CA PRO A 295 -1.88 -21.10 -21.39
C PRO A 295 -1.60 -21.65 -20.00
N GLU A 296 -0.35 -21.52 -19.56
CA GLU A 296 0.03 -21.86 -18.20
C GLU A 296 -0.76 -21.09 -17.14
N ALA A 297 -0.84 -19.77 -17.29
CA ALA A 297 -1.30 -18.86 -16.25
C ALA A 297 -2.70 -19.20 -15.75
N LEU A 298 -3.56 -19.65 -16.67
CA LEU A 298 -4.94 -19.90 -16.33
C LEU A 298 -5.27 -21.37 -16.07
N GLU A 299 -4.30 -22.27 -16.13
CA GLU A 299 -4.65 -23.71 -16.10
C GLU A 299 -5.37 -24.16 -14.82
N LEU A 300 -5.02 -23.57 -13.68
CA LEU A 300 -5.68 -23.97 -12.43
C LEU A 300 -7.19 -23.71 -12.44
N THR A 301 -7.64 -22.65 -13.09
CA THR A 301 -9.07 -22.38 -13.21
C THR A 301 -9.74 -23.20 -14.32
N TRP A 302 -9.01 -23.47 -15.39
CA TRP A 302 -9.44 -24.43 -16.41
C TRP A 302 -9.66 -25.80 -15.76
N ARG A 303 -8.77 -26.15 -14.83
CA ARG A 303 -8.83 -27.42 -14.11
C ARG A 303 -10.08 -27.48 -13.21
N SER A 304 -10.35 -26.39 -12.51
CA SER A 304 -11.51 -26.32 -11.62
C SER A 304 -12.79 -26.45 -12.42
N LEU A 305 -12.86 -25.74 -13.54
CA LEU A 305 -14.01 -25.75 -14.43
C LEU A 305 -14.37 -27.19 -14.87
N GLY A 306 -13.35 -27.99 -15.15
CA GLY A 306 -13.54 -29.35 -15.64
C GLY A 306 -13.96 -30.34 -14.56
N GLU A 307 -13.36 -30.18 -13.38
CA GLU A 307 -13.58 -31.06 -12.21
C GLU A 307 -14.89 -30.83 -11.48
N ILE A 308 -15.28 -29.55 -11.39
CA ILE A 308 -16.28 -29.14 -10.42
C ILE A 308 -17.40 -28.28 -11.01
N GLY A 309 -17.16 -27.72 -12.18
CA GLY A 309 -18.14 -26.86 -12.84
C GLY A 309 -18.07 -25.45 -12.29
N ASN A 310 -18.97 -24.59 -12.74
CA ASN A 310 -19.02 -23.20 -12.30
C ASN A 310 -19.85 -23.09 -11.00
N LEU A 311 -19.20 -22.71 -9.90
CA LEU A 311 -19.88 -22.63 -8.61
C LEU A 311 -20.25 -21.18 -8.23
N SER A 312 -20.50 -20.35 -9.21
CA SER A 312 -20.74 -18.95 -8.92
C SER A 312 -19.65 -18.43 -8.02
N SER A 313 -19.98 -17.64 -7.01
CA SER A 313 -18.92 -16.97 -6.24
C SER A 313 -17.95 -17.95 -5.55
N ALA A 314 -18.29 -19.22 -5.52
CA ALA A 314 -17.51 -20.19 -4.77
C ALA A 314 -16.32 -20.73 -5.55
N SER A 315 -16.45 -20.76 -6.87
CA SER A 315 -15.37 -21.28 -7.73
C SER A 315 -14.01 -20.59 -7.51
N ILE A 316 -14.00 -19.27 -7.46
CA ILE A 316 -12.72 -18.56 -7.34
C ILE A 316 -12.00 -18.88 -6.04
N LEU A 317 -12.74 -19.34 -5.02
CA LEU A 317 -12.12 -19.70 -3.74
C LEU A 317 -11.55 -21.12 -3.75
N HIS A 318 -12.23 -22.04 -4.42
CA HIS A 318 -11.67 -23.37 -4.68
C HIS A 318 -10.30 -23.26 -5.37
N ILE A 319 -10.24 -22.42 -6.39
CA ILE A 319 -9.00 -22.16 -7.13
C ILE A 319 -7.95 -21.43 -6.29
N LEU A 320 -8.38 -20.54 -5.40
CA LEU A 320 -7.45 -19.90 -4.49
C LEU A 320 -6.81 -20.94 -3.58
N ARG A 321 -7.59 -21.96 -3.21
CA ARG A 321 -7.05 -23.05 -2.38
C ARG A 321 -6.05 -23.88 -3.20
N ASP A 322 -6.36 -24.15 -4.47
CA ASP A 322 -5.45 -24.84 -5.38
C ASP A 322 -4.13 -24.09 -5.62
N THR A 323 -4.22 -22.77 -5.79
CA THR A 323 -3.03 -21.98 -6.05
C THR A 323 -2.15 -22.01 -4.80
N ILE A 324 -2.75 -21.82 -3.64
CA ILE A 324 -2.03 -21.88 -2.35
C ILE A 324 -1.31 -23.21 -2.12
N GLU A 325 -2.01 -24.31 -2.35
CA GLU A 325 -1.44 -25.65 -2.12
C GLU A 325 -0.29 -26.00 -3.10
N LYS A 326 -0.17 -25.24 -4.19
CA LYS A 326 0.95 -25.40 -5.14
C LYS A 326 2.12 -24.51 -4.71
N ARG A 327 1.87 -23.67 -3.71
CA ARG A 327 2.83 -22.73 -3.15
C ARG A 327 3.64 -21.92 -4.12
N PRO A 328 3.11 -20.78 -4.54
CA PRO A 328 3.93 -19.83 -5.30
C PRO A 328 5.16 -19.40 -4.48
N PRO A 329 6.18 -18.79 -5.14
CA PRO A 329 7.43 -18.41 -4.46
C PRO A 329 7.19 -17.29 -3.45
N SER A 330 7.88 -17.30 -2.31
CA SER A 330 7.68 -16.28 -1.28
C SER A 330 7.83 -14.87 -1.88
N GLY A 331 6.99 -13.94 -1.40
CA GLY A 331 7.07 -12.56 -1.83
C GLY A 331 6.51 -12.27 -3.21
N SER A 332 6.15 -13.31 -3.98
CA SER A 332 5.61 -13.11 -5.33
C SER A 332 4.15 -12.61 -5.30
N ALA A 333 3.68 -12.06 -6.41
CA ALA A 333 2.38 -11.41 -6.45
C ALA A 333 1.28 -12.30 -7.05
N GLY A 334 0.07 -12.14 -6.52
CA GLY A 334 -1.11 -12.84 -7.01
C GLY A 334 -2.31 -11.93 -7.21
N LEU A 335 -3.04 -12.16 -8.30
CA LEU A 335 -4.22 -11.36 -8.61
C LEU A 335 -5.47 -12.23 -8.72
N MET A 336 -6.41 -12.02 -7.79
CA MET A 336 -7.75 -12.57 -7.94
C MET A 336 -8.46 -11.69 -8.95
N LEU A 337 -9.25 -12.32 -9.82
CA LEU A 337 -9.98 -11.63 -10.88
C LEU A 337 -11.33 -12.31 -11.08
N ALA A 338 -12.39 -11.62 -10.67
CA ALA A 338 -13.77 -12.12 -10.76
C ALA A 338 -14.62 -11.12 -11.52
N MET A 339 -15.76 -11.57 -12.02
CA MET A 339 -16.75 -10.68 -12.63
C MET A 339 -18.18 -11.14 -12.33
N GLY A 340 -19.09 -10.19 -12.17
CA GLY A 340 -20.46 -10.54 -11.88
C GLY A 340 -21.47 -9.49 -12.32
N PRO A 341 -22.75 -9.73 -11.98
CA PRO A 341 -23.88 -8.84 -12.29
C PRO A 341 -23.59 -7.39 -11.87
N GLY A 342 -23.90 -6.43 -12.75
CA GLY A 342 -23.49 -5.04 -12.58
C GLY A 342 -23.60 -4.14 -13.81
N PHE A 343 -22.87 -4.43 -14.88
CA PHE A 343 -21.83 -5.43 -14.90
C PHE A 343 -20.61 -4.87 -14.19
N CYS A 344 -19.95 -5.70 -13.40
CA CYS A 344 -18.76 -5.24 -12.70
C CYS A 344 -17.67 -6.26 -12.74
N THR A 345 -16.52 -5.83 -12.24
CA THR A 345 -15.34 -6.65 -12.22
C THR A 345 -14.62 -6.25 -10.94
N GLU A 346 -14.02 -7.25 -10.29
CA GLU A 346 -13.25 -7.02 -9.06
C GLU A 346 -11.88 -7.65 -9.19
N LEU A 347 -10.87 -6.93 -8.72
CA LEU A 347 -9.49 -7.38 -8.72
C LEU A 347 -9.00 -7.35 -7.27
N VAL A 348 -8.31 -8.40 -6.84
CA VAL A 348 -7.70 -8.40 -5.50
C VAL A 348 -6.22 -8.72 -5.64
N LEU A 349 -5.38 -7.86 -5.08
CA LEU A 349 -3.95 -8.11 -5.16
C LEU A 349 -3.46 -8.88 -3.93
N LEU A 350 -2.82 -10.04 -4.17
CA LEU A 350 -2.23 -10.83 -3.07
C LEU A 350 -0.70 -10.89 -3.12
N ARG A 351 -0.08 -11.07 -1.95
CA ARG A 351 1.35 -11.37 -1.86
C ARG A 351 1.59 -12.67 -1.10
N TRP A 352 2.67 -13.50 -1.84
CA TRP A 352 2.36 -14.85 -1.33
C TRP A 352 3.20 -15.26 -0.12
N ARG A 353 3.52 -16.28 0.44
CA ARG A 353 4.56 -16.63 1.41
C ARG A 353 5.36 -17.87 0.95
N MET B 1 -15.39 4.70 14.22
CA MET B 1 -15.29 5.75 15.22
C MET B 1 -15.71 7.12 14.64
N SER B 2 -16.21 7.09 13.40
CA SER B 2 -16.38 8.22 12.48
C SER B 2 -17.44 9.27 12.75
N VAL B 3 -18.02 9.84 11.70
CA VAL B 3 -18.99 10.93 11.90
C VAL B 3 -19.99 11.12 10.74
N ILE B 4 -21.28 11.14 11.10
CA ILE B 4 -22.35 11.34 10.13
C ILE B 4 -22.33 12.77 9.58
N ALA B 5 -22.45 12.89 8.25
CA ALA B 5 -22.47 14.20 7.62
C ALA B 5 -23.83 14.51 6.98
N GLY B 6 -24.67 13.50 6.85
CA GLY B 6 -25.97 13.68 6.23
C GLY B 6 -26.95 12.55 6.46
N VAL B 7 -28.17 12.93 6.84
CA VAL B 7 -29.29 11.98 6.96
C VAL B 7 -30.46 12.55 6.15
N PHE B 8 -31.13 11.67 5.40
CA PHE B 8 -32.22 12.11 4.54
C PHE B 8 -33.27 11.01 4.35
N GLY B 9 -34.54 11.37 4.50
CA GLY B 9 -35.64 10.44 4.33
C GLY B 9 -36.33 10.70 3.00
N ALA B 10 -36.91 9.65 2.43
CA ALA B 10 -37.66 9.78 1.18
C ALA B 10 -38.89 8.86 1.22
N LEU B 11 -40.01 9.38 0.73
CA LEU B 11 -41.29 8.69 0.76
C LEU B 11 -42.03 8.71 -0.55
N PRO B 12 -42.80 7.68 -0.87
CA PRO B 12 -43.62 7.77 -2.08
C PRO B 12 -44.65 8.89 -1.96
N PRO B 13 -44.99 9.52 -3.09
CA PRO B 13 -45.91 10.67 -3.05
C PRO B 13 -47.32 10.27 -2.58
N HIS B 14 -47.74 9.03 -2.86
CA HIS B 14 -49.07 8.58 -2.42
C HIS B 14 -49.15 8.46 -0.89
N ARG B 15 -49.87 9.38 -0.25
CA ARG B 15 -50.09 9.35 1.19
C ARG B 15 -51.56 9.03 1.48
N TYR B 16 -51.81 8.08 2.37
CA TYR B 16 -53.17 7.76 2.80
C TYR B 16 -53.29 7.76 4.31
N SER B 17 -54.50 8.01 4.80
CA SER B 17 -54.78 7.83 6.22
C SER B 17 -54.93 6.34 6.51
N GLN B 18 -54.61 5.94 7.73
CA GLN B 18 -54.81 4.57 8.17
C GLN B 18 -56.29 4.17 7.99
N SER B 19 -57.17 5.10 8.32
CA SER B 19 -58.60 4.82 8.19
C SER B 19 -58.97 4.68 6.70
N GLU B 20 -58.32 5.47 5.85
CA GLU B 20 -58.51 5.39 4.41
C GLU B 20 -58.01 4.04 3.88
N ILE B 21 -56.87 3.60 4.43
CA ILE B 21 -56.25 2.33 4.01
C ILE B 21 -57.09 1.18 4.47
N THR B 22 -57.59 1.28 5.71
CA THR B 22 -58.40 0.22 6.28
C THR B 22 -59.74 0.10 5.55
N ASP B 23 -60.37 1.22 5.23
CA ASP B 23 -61.68 1.20 4.61
C ASP B 23 -61.65 0.60 3.24
N SER B 24 -60.66 0.97 2.45
CA SER B 24 -60.51 0.38 1.12
C SER B 24 -59.99 -1.05 1.21
N PHE B 25 -59.15 -1.34 2.21
CA PHE B 25 -58.55 -2.65 2.33
C PHE B 25 -59.59 -3.73 2.59
N VAL B 26 -60.47 -3.49 3.57
CA VAL B 26 -61.55 -4.44 3.84
C VAL B 26 -62.51 -4.64 2.67
N GLU B 27 -62.39 -3.80 1.63
CA GLU B 27 -63.21 -3.98 0.43
C GLU B 27 -62.50 -4.74 -0.69
N PHE B 28 -61.31 -5.26 -0.40
CA PHE B 28 -60.55 -6.05 -1.39
C PHE B 28 -61.13 -7.46 -1.51
N PRO B 29 -60.84 -8.15 -2.63
CA PRO B 29 -61.12 -9.58 -2.84
C PRO B 29 -60.54 -10.52 -1.78
N GLY B 30 -61.39 -11.38 -1.23
CA GLY B 30 -60.96 -12.42 -0.30
C GLY B 30 -61.08 -11.98 1.14
N LEU B 31 -61.26 -10.67 1.32
CA LEU B 31 -61.00 -9.94 2.57
C LEU B 31 -62.16 -9.40 3.37
N LYS B 32 -63.26 -9.09 2.71
CA LYS B 32 -64.43 -8.53 3.39
C LYS B 32 -64.87 -9.36 4.61
N GLU B 33 -64.82 -10.68 4.45
CA GLU B 33 -65.22 -11.63 5.50
C GLU B 33 -64.40 -11.44 6.77
N HIS B 34 -63.20 -10.87 6.62
CA HIS B 34 -62.27 -10.67 7.72
C HIS B 34 -62.21 -9.22 8.22
N GLU B 35 -63.18 -8.40 7.77
CA GLU B 35 -63.21 -6.99 8.18
C GLU B 35 -63.03 -6.73 9.68
N GLU B 36 -63.68 -7.55 10.52
CA GLU B 36 -63.64 -7.30 11.96
C GLU B 36 -62.22 -7.28 12.52
N ILE B 37 -61.42 -8.28 12.16
CA ILE B 37 -60.07 -8.40 12.70
C ILE B 37 -59.12 -7.39 12.04
N ILE B 38 -59.39 -7.08 10.76
CA ILE B 38 -58.59 -6.10 10.04
C ILE B 38 -58.76 -4.72 10.68
N ARG B 39 -60.01 -4.36 10.98
CA ARG B 39 -60.26 -3.05 11.58
C ARG B 39 -59.60 -2.98 12.95
N ARG B 40 -59.64 -4.08 13.70
CA ARG B 40 -59.07 -4.13 15.05
C ARG B 40 -57.56 -3.95 15.05
N LEU B 41 -56.88 -4.77 14.24
CA LEU B 41 -55.43 -4.72 14.05
C LEU B 41 -54.93 -3.36 13.54
N HIS B 42 -55.64 -2.78 12.58
CA HIS B 42 -55.23 -1.50 12.01
C HIS B 42 -55.41 -0.34 13.01
N ALA B 43 -56.50 -0.36 13.77
CA ALA B 43 -56.66 0.59 14.87
C ALA B 43 -55.59 0.39 15.95
N ALA B 44 -55.29 -0.86 16.28
CA ALA B 44 -54.38 -1.16 17.38
C ALA B 44 -52.92 -0.88 17.02
N ALA B 45 -52.67 -0.66 15.73
CA ALA B 45 -51.32 -0.48 15.18
C ALA B 45 -50.67 0.85 15.57
N LYS B 46 -51.48 1.83 15.97
CA LYS B 46 -51.00 3.15 16.37
C LYS B 46 -50.25 3.84 15.22
N VAL B 47 -50.79 3.67 14.02
CA VAL B 47 -50.28 4.26 12.79
C VAL B 47 -51.47 5.03 12.22
N ASN B 48 -51.28 6.31 11.93
CA ASN B 48 -52.40 7.16 11.49
C ASN B 48 -52.36 7.43 10.00
N GLY B 49 -51.21 7.14 9.39
CA GLY B 49 -51.00 7.34 7.97
C GLY B 49 -49.80 6.56 7.46
N ARG B 50 -49.83 6.19 6.18
CA ARG B 50 -48.71 5.51 5.53
C ARG B 50 -48.56 6.02 4.11
N HIS B 51 -47.31 6.06 3.62
CA HIS B 51 -47.05 6.33 2.22
C HIS B 51 -46.99 5.01 1.46
N LEU B 52 -47.51 5.00 0.23
CA LEU B 52 -47.48 3.79 -0.57
C LEU B 52 -46.93 4.05 -1.97
N VAL B 53 -46.16 3.10 -2.46
CA VAL B 53 -45.52 3.25 -3.76
C VAL B 53 -46.53 3.16 -4.92
N LEU B 54 -47.62 2.42 -4.72
CA LEU B 54 -48.70 2.36 -5.73
C LEU B 54 -49.99 3.02 -5.22
N PRO B 55 -50.83 3.54 -6.15
CA PRO B 55 -52.17 4.01 -5.80
C PRO B 55 -52.90 2.92 -5.01
N LEU B 56 -53.61 3.30 -3.95
CA LEU B 56 -54.23 2.31 -3.06
C LEU B 56 -54.98 1.23 -3.81
N GLN B 57 -55.87 1.63 -4.72
CA GLN B 57 -56.73 0.67 -5.41
C GLN B 57 -56.03 -0.18 -6.50
N GLN B 58 -54.73 0.01 -6.69
CA GLN B 58 -53.99 -0.83 -7.65
C GLN B 58 -53.66 -2.19 -7.03
N TYR B 59 -53.64 -2.26 -5.71
CA TYR B 59 -53.19 -3.48 -5.03
C TYR B 59 -54.02 -4.77 -5.30
N PRO B 60 -55.34 -4.66 -5.55
CA PRO B 60 -56.00 -5.95 -5.82
C PRO B 60 -55.57 -6.60 -7.14
N SER B 61 -54.96 -5.80 -8.01
CA SER B 61 -54.42 -6.26 -9.29
C SER B 61 -52.99 -6.78 -9.16
N LEU B 62 -52.41 -6.62 -7.96
CA LEU B 62 -51.01 -7.00 -7.74
C LEU B 62 -50.93 -8.39 -7.15
N THR B 63 -51.14 -9.40 -8.00
CA THR B 63 -51.23 -10.79 -7.56
C THR B 63 -49.99 -11.61 -7.91
N ASP B 64 -49.19 -11.09 -8.85
CA ASP B 64 -48.07 -11.83 -9.40
C ASP B 64 -46.74 -11.35 -8.80
N PHE B 65 -45.94 -12.28 -8.29
CA PHE B 65 -44.62 -11.97 -7.71
C PHE B 65 -43.76 -11.23 -8.74
N GLY B 66 -43.57 -11.87 -9.91
CA GLY B 66 -42.86 -11.26 -11.02
C GLY B 66 -43.17 -9.80 -11.32
N ASP B 67 -44.46 -9.44 -11.37
CA ASP B 67 -44.86 -8.03 -11.53
C ASP B 67 -44.39 -7.19 -10.33
N ALA B 68 -44.69 -7.67 -9.13
CA ALA B 68 -44.37 -6.97 -7.87
C ALA B 68 -42.88 -6.63 -7.74
N ASN B 69 -42.05 -7.62 -8.04
CA ASN B 69 -40.62 -7.49 -7.82
C ASN B 69 -39.99 -6.61 -8.88
N GLU B 70 -40.54 -6.67 -10.10
CA GLU B 70 -40.12 -5.77 -11.16
C GLU B 70 -40.53 -4.33 -10.83
N ILE B 71 -41.73 -4.14 -10.30
CA ILE B 71 -42.09 -2.79 -9.85
C ILE B 71 -41.18 -2.38 -8.70
N PHE B 72 -40.87 -3.34 -7.82
CA PHE B 72 -39.94 -3.11 -6.71
C PHE B 72 -38.63 -2.51 -7.24
N ILE B 73 -38.00 -3.18 -8.19
CA ILE B 73 -36.72 -2.70 -8.71
C ILE B 73 -36.81 -1.27 -9.26
N GLU B 74 -37.78 -1.02 -10.16
CA GLU B 74 -37.99 0.31 -10.72
C GLU B 74 -38.15 1.39 -9.64
N LYS B 75 -39.05 1.13 -8.69
CA LYS B 75 -39.42 2.13 -7.69
C LYS B 75 -38.38 2.26 -6.57
N ALA B 76 -37.68 1.16 -6.27
CA ALA B 76 -36.68 1.18 -5.20
C ALA B 76 -35.45 2.01 -5.57
N VAL B 77 -34.93 1.81 -6.78
CA VAL B 77 -33.85 2.62 -7.32
C VAL B 77 -34.23 4.11 -7.31
N ASP B 78 -35.45 4.44 -7.78
CA ASP B 78 -35.96 5.81 -7.75
C ASP B 78 -35.82 6.44 -6.36
N LEU B 79 -36.51 5.85 -5.38
CA LEU B 79 -36.48 6.32 -3.98
C LEU B 79 -35.08 6.36 -3.37
N GLY B 80 -34.26 5.35 -3.70
CA GLY B 80 -32.90 5.24 -3.20
C GLY B 80 -32.04 6.38 -3.71
N VAL B 81 -32.07 6.64 -5.01
CA VAL B 81 -31.33 7.79 -5.52
C VAL B 81 -31.89 9.13 -5.01
N GLU B 82 -33.19 9.20 -4.75
CA GLU B 82 -33.77 10.41 -4.20
C GLU B 82 -33.31 10.60 -2.75
N ALA B 83 -33.28 9.50 -1.99
CA ALA B 83 -32.77 9.52 -0.63
C ALA B 83 -31.28 9.89 -0.58
N LEU B 84 -30.46 9.19 -1.36
CA LEU B 84 -29.02 9.45 -1.39
C LEU B 84 -28.68 10.91 -1.70
N LEU B 85 -29.23 11.39 -2.81
CA LEU B 85 -29.00 12.75 -3.30
C LEU B 85 -29.35 13.79 -2.23
N GLY B 86 -30.43 13.54 -1.49
CA GLY B 86 -30.85 14.42 -0.42
C GLY B 86 -29.81 14.42 0.68
N ALA B 87 -29.22 13.24 0.91
CA ALA B 87 -28.23 13.09 1.98
C ALA B 87 -26.90 13.74 1.59
N LEU B 88 -26.45 13.46 0.37
CA LEU B 88 -25.28 14.14 -0.21
C LEU B 88 -25.37 15.67 -0.11
N ASP B 89 -26.51 16.23 -0.50
CA ASP B 89 -26.66 17.69 -0.48
C ASP B 89 -26.73 18.25 0.92
N ASP B 90 -27.15 17.41 1.86
CA ASP B 90 -27.23 17.78 3.27
C ASP B 90 -25.82 17.77 3.84
N ALA B 91 -24.97 16.98 3.18
CA ALA B 91 -23.60 16.77 3.61
C ALA B 91 -22.63 17.60 2.77
N ASN B 92 -23.18 18.45 1.91
CA ASN B 92 -22.37 19.29 1.03
C ASN B 92 -21.41 18.46 0.18
N LEU B 93 -21.78 17.19 -0.06
CA LEU B 93 -20.97 16.24 -0.83
C LEU B 93 -21.67 15.91 -2.14
N ARG B 94 -21.02 15.09 -2.97
CA ARG B 94 -21.58 14.73 -4.28
C ARG B 94 -21.20 13.32 -4.70
N PRO B 95 -21.91 12.75 -5.70
CA PRO B 95 -21.79 11.30 -5.98
C PRO B 95 -20.36 10.82 -6.18
N SER B 96 -19.53 11.62 -6.84
CA SER B 96 -18.16 11.22 -7.14
C SER B 96 -17.28 11.09 -5.88
N ASP B 97 -17.71 11.70 -4.78
CA ASP B 97 -16.98 11.60 -3.52
C ASP B 97 -17.06 10.22 -2.84
N ILE B 98 -18.14 9.48 -3.10
CA ILE B 98 -18.40 8.19 -2.43
C ILE B 98 -17.38 7.11 -2.76
N ASP B 99 -16.73 6.57 -1.72
CA ASP B 99 -15.80 5.44 -1.84
C ASP B 99 -16.49 4.11 -1.59
N MET B 100 -17.53 4.11 -0.76
CA MET B 100 -18.27 2.87 -0.54
C MET B 100 -19.78 3.05 -0.31
N ILE B 101 -20.56 2.21 -0.99
CA ILE B 101 -22.00 2.28 -0.84
C ILE B 101 -22.55 0.96 -0.30
N ALA B 102 -23.31 1.07 0.79
CA ALA B 102 -24.06 -0.05 1.34
C ALA B 102 -25.53 0.09 0.95
N THR B 103 -26.24 -1.03 0.94
CA THR B 103 -27.64 -1.03 0.50
C THR B 103 -28.48 -2.04 1.27
N ALA B 104 -29.51 -1.57 1.95
CA ALA B 104 -30.29 -2.45 2.80
C ALA B 104 -31.73 -2.53 2.34
N THR B 105 -32.16 -3.77 2.08
CA THR B 105 -33.55 -4.05 1.76
C THR B 105 -33.85 -5.49 2.15
N VAL B 106 -35.09 -5.76 2.53
CA VAL B 106 -35.49 -7.12 2.83
C VAL B 106 -36.74 -7.42 2.02
N THR B 107 -37.01 -6.57 1.05
CA THR B 107 -38.38 -6.49 0.57
C THR B 107 -38.54 -6.65 -0.95
N GLY B 108 -37.43 -6.94 -1.62
CA GLY B 108 -37.41 -7.28 -3.03
C GLY B 108 -36.11 -7.99 -3.35
N VAL B 109 -36.06 -8.66 -4.50
CA VAL B 109 -34.88 -9.43 -4.86
C VAL B 109 -34.26 -8.83 -6.13
N ALA B 110 -33.11 -8.17 -5.96
CA ALA B 110 -32.50 -7.43 -7.07
C ALA B 110 -31.09 -7.92 -7.41
N VAL B 111 -30.95 -8.60 -8.54
CA VAL B 111 -29.63 -8.98 -9.06
C VAL B 111 -29.52 -8.60 -10.55
N PRO B 112 -28.67 -7.59 -10.88
CA PRO B 112 -27.72 -6.82 -10.05
C PRO B 112 -28.41 -6.04 -8.94
N SER B 113 -27.76 -5.95 -7.79
CA SER B 113 -28.26 -5.29 -6.64
C SER B 113 -28.67 -3.83 -6.78
N LEU B 114 -29.32 -3.30 -5.76
CA LEU B 114 -29.75 -1.91 -5.75
C LEU B 114 -28.57 -0.93 -5.85
N ASP B 115 -27.54 -1.14 -5.03
CA ASP B 115 -26.34 -0.30 -5.05
C ASP B 115 -25.76 -0.17 -6.46
N ALA B 116 -25.67 -1.29 -7.18
CA ALA B 116 -25.18 -1.24 -8.55
C ALA B 116 -26.02 -0.26 -9.40
N ARG B 117 -27.34 -0.34 -9.24
CA ARG B 117 -28.28 0.48 -10.02
C ARG B 117 -28.26 1.95 -9.62
N ILE B 118 -28.16 2.19 -8.31
CA ILE B 118 -28.07 3.55 -7.76
C ILE B 118 -26.73 4.19 -8.19
N ALA B 119 -25.65 3.40 -8.11
CA ALA B 119 -24.33 3.86 -8.55
C ALA B 119 -24.36 4.27 -10.00
N GLY B 120 -25.03 3.48 -10.84
CA GLY B 120 -25.15 3.80 -12.26
C GLY B 120 -25.99 5.05 -12.50
N ARG B 121 -26.98 5.24 -11.64
CA ARG B 121 -27.89 6.35 -11.84
C ARG B 121 -27.30 7.66 -11.37
N LEU B 122 -26.61 7.63 -10.23
CA LEU B 122 -26.07 8.87 -9.70
C LEU B 122 -24.65 9.16 -10.20
N GLY B 123 -24.07 8.22 -10.94
CA GLY B 123 -22.73 8.45 -11.48
C GLY B 123 -21.60 8.39 -10.46
N LEU B 124 -21.72 7.53 -9.46
CA LEU B 124 -20.61 7.28 -8.54
C LEU B 124 -19.43 6.75 -9.36
N ARG B 125 -18.22 6.84 -8.79
CA ARG B 125 -17.03 6.31 -9.46
C ARG B 125 -17.17 4.81 -9.69
N PRO B 126 -16.78 4.35 -10.89
CA PRO B 126 -16.72 2.93 -11.31
C PRO B 126 -16.02 2.03 -10.28
N ASP B 127 -15.11 2.62 -9.49
CA ASP B 127 -14.39 1.85 -8.48
C ASP B 127 -15.00 1.98 -7.08
N VAL B 128 -16.26 2.37 -7.01
CA VAL B 128 -16.92 2.46 -5.69
C VAL B 128 -17.08 1.05 -5.08
N ARG B 129 -16.92 0.94 -3.77
CA ARG B 129 -17.04 -0.34 -3.07
C ARG B 129 -18.50 -0.65 -2.75
N ARG B 130 -18.98 -1.81 -3.18
CA ARG B 130 -20.39 -2.17 -3.02
C ARG B 130 -20.64 -3.21 -1.92
N MET B 131 -21.53 -2.88 -0.98
CA MET B 131 -21.94 -3.79 0.09
C MET B 131 -23.47 -4.03 0.13
N PRO B 132 -23.95 -4.97 -0.71
CA PRO B 132 -25.39 -5.27 -0.75
C PRO B 132 -25.91 -6.12 0.41
N LEU B 133 -26.38 -5.46 1.48
CA LEU B 133 -26.91 -6.13 2.65
C LEU B 133 -28.38 -6.54 2.48
N PHE B 134 -28.62 -7.82 2.25
CA PHE B 134 -29.98 -8.29 2.14
C PHE B 134 -30.26 -9.32 3.22
N GLY B 135 -31.42 -9.20 3.87
CA GLY B 135 -31.82 -10.19 4.86
C GLY B 135 -31.44 -9.84 6.29
N LEU B 136 -31.03 -8.59 6.51
CA LEU B 136 -30.85 -8.11 7.86
C LEU B 136 -32.20 -7.61 8.34
N GLY B 137 -33.05 -7.19 7.40
CA GLY B 137 -34.40 -6.72 7.71
C GLY B 137 -34.41 -5.52 8.65
N CYS B 138 -35.38 -5.49 9.57
CA CYS B 138 -35.64 -4.32 10.42
C CYS B 138 -34.41 -3.79 11.17
N VAL B 139 -33.35 -4.60 11.20
CA VAL B 139 -32.18 -4.27 12.00
C VAL B 139 -31.15 -3.49 11.14
N ALA B 140 -31.37 -3.46 9.83
CA ALA B 140 -30.39 -2.95 8.89
C ALA B 140 -30.15 -1.44 8.98
N GLY B 141 -31.05 -0.71 9.63
CA GLY B 141 -30.84 0.72 9.80
C GLY B 141 -29.66 0.93 10.73
N ALA B 142 -29.74 0.33 11.91
CA ALA B 142 -28.63 0.35 12.87
C ALA B 142 -27.42 -0.39 12.36
N ALA B 143 -27.65 -1.57 11.80
CA ALA B 143 -26.55 -2.43 11.34
C ALA B 143 -25.76 -1.80 10.21
N GLY B 144 -26.45 -1.13 9.28
CA GLY B 144 -25.78 -0.44 8.19
C GLY B 144 -24.88 0.68 8.69
N VAL B 145 -25.39 1.43 9.67
CA VAL B 145 -24.61 2.49 10.30
C VAL B 145 -23.38 1.90 11.00
N ALA B 146 -23.55 0.80 11.73
CA ALA B 146 -22.41 0.14 12.36
C ALA B 146 -21.35 -0.25 11.31
N ARG B 147 -21.79 -0.88 10.23
CA ARG B 147 -20.88 -1.32 9.15
C ARG B 147 -20.15 -0.15 8.49
N LEU B 148 -20.78 1.03 8.47
CA LEU B 148 -20.17 2.25 7.93
C LEU B 148 -18.96 2.70 8.76
N ARG B 149 -19.15 2.78 10.07
CA ARG B 149 -18.02 2.97 10.99
C ARG B 149 -16.95 1.90 10.76
N ASP B 150 -17.32 0.62 10.74
CA ASP B 150 -16.34 -0.44 10.51
C ASP B 150 -15.46 -0.17 9.27
N TYR B 151 -16.05 0.47 8.24
CA TYR B 151 -15.30 0.84 7.03
C TYR B 151 -14.42 2.09 7.25
N LEU B 152 -15.04 3.15 7.74
CA LEU B 152 -14.37 4.41 7.95
C LEU B 152 -13.30 4.34 9.06
N ARG B 153 -13.41 3.35 9.95
CA ARG B 153 -12.39 3.10 10.98
C ARG B 153 -11.03 2.87 10.32
N GLY B 154 -11.03 2.12 9.22
CA GLY B 154 -9.83 1.83 8.46
C GLY B 154 -9.60 2.76 7.30
N ALA B 155 -10.43 3.79 7.17
CA ALA B 155 -10.25 4.78 6.10
C ALA B 155 -10.72 6.17 6.54
N PRO B 156 -9.82 6.93 7.19
CA PRO B 156 -10.12 8.22 7.84
C PRO B 156 -10.36 9.40 6.90
N ASP B 157 -9.97 9.25 5.62
CA ASP B 157 -10.19 10.30 4.63
C ASP B 157 -11.41 10.00 3.76
N ASP B 158 -12.11 8.90 4.06
CA ASP B 158 -13.10 8.33 3.16
C ASP B 158 -14.54 8.78 3.40
N VAL B 159 -15.37 8.58 2.39
CA VAL B 159 -16.80 8.83 2.46
C VAL B 159 -17.55 7.51 2.21
N ALA B 160 -18.47 7.17 3.10
CA ALA B 160 -19.28 5.95 2.96
C ALA B 160 -20.76 6.24 3.09
N VAL B 161 -21.58 5.59 2.26
CA VAL B 161 -23.02 5.81 2.31
C VAL B 161 -23.85 4.54 2.50
N LEU B 162 -24.87 4.67 3.34
CA LEU B 162 -25.89 3.63 3.49
C LEU B 162 -27.23 4.11 2.89
N VAL B 163 -27.82 3.30 2.02
CA VAL B 163 -29.15 3.58 1.50
C VAL B 163 -30.09 2.42 1.84
N SER B 164 -31.11 2.72 2.64
CA SER B 164 -32.15 1.74 2.99
C SER B 164 -33.40 2.03 2.16
N VAL B 165 -33.99 0.99 1.60
CA VAL B 165 -35.21 1.16 0.82
C VAL B 165 -36.11 -0.01 1.11
N GLU B 166 -37.28 0.29 1.66
CA GLU B 166 -38.23 -0.77 2.01
C GLU B 166 -39.61 -0.46 1.44
N LEU B 167 -40.04 -1.31 0.54
CA LEU B 167 -41.33 -1.19 -0.08
C LEU B 167 -42.19 -2.35 0.33
N CYS B 168 -42.62 -2.33 1.57
CA CYS B 168 -43.39 -3.43 2.16
C CYS B 168 -44.68 -3.74 1.40
N SER B 169 -45.35 -2.70 0.90
CA SER B 169 -46.64 -2.89 0.24
C SER B 169 -46.55 -3.79 -1.01
N LEU B 170 -45.36 -3.88 -1.60
CA LEU B 170 -45.15 -4.68 -2.82
C LEU B 170 -45.03 -6.18 -2.58
N THR B 171 -45.02 -6.58 -1.31
CA THR B 171 -45.03 -8.00 -0.95
C THR B 171 -46.47 -8.53 -0.95
N TYR B 172 -47.41 -7.69 -1.38
CA TYR B 172 -48.83 -8.07 -1.41
C TYR B 172 -49.21 -9.42 -2.08
N PRO B 173 -48.52 -9.84 -3.17
CA PRO B 173 -48.93 -11.15 -3.72
C PRO B 173 -48.82 -12.31 -2.73
N ALA B 174 -47.91 -12.20 -1.76
CA ALA B 174 -47.77 -13.22 -0.73
C ALA B 174 -48.80 -13.09 0.38
N VAL B 175 -49.55 -11.99 0.39
CA VAL B 175 -50.47 -11.70 1.50
C VAL B 175 -51.82 -12.41 1.36
N LYS B 176 -52.24 -13.04 2.46
CA LYS B 176 -53.54 -13.71 2.54
C LYS B 176 -54.11 -13.44 3.94
N PRO B 177 -55.43 -13.56 4.10
CA PRO B 177 -55.99 -13.19 5.41
C PRO B 177 -55.71 -14.19 6.54
N THR B 178 -54.43 -14.45 6.82
CA THR B 178 -54.03 -15.14 8.05
C THR B 178 -53.52 -14.08 9.02
N VAL B 179 -53.56 -14.38 10.31
CA VAL B 179 -53.26 -13.35 11.33
C VAL B 179 -51.93 -12.62 11.11
N SER B 180 -50.81 -13.35 11.05
CA SER B 180 -49.50 -12.71 10.91
C SER B 180 -49.37 -11.76 9.71
N SER B 181 -49.81 -12.22 8.54
CA SER B 181 -49.88 -11.37 7.35
C SER B 181 -50.74 -10.13 7.60
N LEU B 182 -51.90 -10.31 8.23
CA LEU B 182 -52.80 -9.20 8.51
C LEU B 182 -52.18 -8.23 9.51
N VAL B 183 -51.45 -8.75 10.48
CA VAL B 183 -50.70 -7.88 11.38
C VAL B 183 -49.84 -6.99 10.50
N GLY B 184 -49.16 -7.60 9.53
CA GLY B 184 -48.33 -6.87 8.58
C GLY B 184 -49.06 -5.74 7.86
N THR B 185 -50.26 -6.02 7.38
CA THR B 185 -51.05 -5.00 6.68
C THR B 185 -51.39 -3.81 7.60
N ALA B 186 -51.20 -3.97 8.91
CA ALA B 186 -51.54 -2.92 9.89
C ALA B 186 -50.38 -1.97 10.17
N LEU B 187 -49.15 -2.45 10.02
CA LEU B 187 -47.98 -1.70 10.45
C LEU B 187 -47.11 -1.14 9.32
N PHE B 188 -46.87 -1.94 8.30
CA PHE B 188 -45.83 -1.64 7.31
C PHE B 188 -46.22 -0.69 6.20
N GLY B 189 -45.36 0.31 5.96
CA GLY B 189 -45.53 1.26 4.87
C GLY B 189 -44.29 1.28 3.98
N ASP B 190 -44.21 2.21 3.03
CA ASP B 190 -43.03 2.27 2.17
C ASP B 190 -42.24 3.55 2.43
N GLY B 191 -40.93 3.47 2.21
CA GLY B 191 -40.07 4.62 2.40
C GLY B 191 -38.60 4.25 2.21
N ALA B 192 -37.74 5.26 2.25
CA ALA B 192 -36.32 5.05 2.05
C ALA B 192 -35.55 6.13 2.77
N ALA B 193 -34.30 5.83 3.08
CA ALA B 193 -33.45 6.77 3.79
C ALA B 193 -31.98 6.56 3.42
N ALA B 194 -31.18 7.62 3.57
CA ALA B 194 -29.77 7.54 3.27
C ALA B 194 -28.94 8.25 4.32
N VAL B 195 -27.91 7.56 4.80
CA VAL B 195 -26.93 8.16 5.69
C VAL B 195 -25.59 8.34 4.99
N VAL B 196 -25.11 9.59 4.97
CA VAL B 196 -23.76 9.85 4.47
C VAL B 196 -22.80 10.09 5.65
N ALA B 197 -21.84 9.18 5.82
CA ALA B 197 -20.82 9.33 6.88
C ALA B 197 -19.41 9.55 6.29
N VAL B 198 -18.54 10.24 7.05
CA VAL B 198 -17.16 10.51 6.59
C VAL B 198 -16.12 10.06 7.63
N GLY B 199 -14.89 9.81 7.17
CA GLY B 199 -13.79 9.44 8.06
C GLY B 199 -13.42 10.57 9.00
N ASP B 200 -12.56 10.29 9.98
CA ASP B 200 -12.18 11.29 10.97
C ASP B 200 -11.38 12.50 10.44
N ARG B 201 -10.50 12.27 9.47
CA ARG B 201 -9.69 13.37 8.91
C ARG B 201 -10.49 14.17 7.90
N ARG B 202 -11.44 13.47 7.27
CA ARG B 202 -12.32 14.03 6.27
C ARG B 202 -13.39 14.88 6.96
N ALA B 203 -13.62 14.59 8.25
CA ALA B 203 -14.62 15.28 9.06
C ALA B 203 -14.37 16.77 9.22
N GLU B 204 -13.12 17.14 9.50
CA GLU B 204 -12.78 18.56 9.61
C GLU B 204 -12.85 19.22 8.22
N GLN B 205 -12.34 18.51 7.21
CA GLN B 205 -12.33 18.96 5.81
C GLN B 205 -13.71 19.40 5.26
N VAL B 206 -14.76 18.65 5.58
CA VAL B 206 -16.09 18.88 5.01
C VAL B 206 -17.09 19.44 6.03
N ARG B 207 -16.59 19.84 7.20
CA ARG B 207 -17.40 20.37 8.30
C ARG B 207 -18.58 19.43 8.61
N ALA B 208 -18.29 18.14 8.77
CA ALA B 208 -19.32 17.14 9.09
C ALA B 208 -20.06 17.49 10.39
N GLY B 209 -21.33 17.83 10.28
CA GLY B 209 -22.09 18.31 11.43
C GLY B 209 -22.92 17.30 12.19
N GLY B 210 -23.10 16.10 11.63
CA GLY B 210 -23.94 15.10 12.27
C GLY B 210 -23.24 14.48 13.46
N PRO B 211 -23.87 13.45 14.07
CA PRO B 211 -23.33 12.79 15.27
C PRO B 211 -22.11 11.91 14.99
N ASP B 212 -21.27 11.74 16.00
CA ASP B 212 -20.15 10.81 15.91
C ASP B 212 -20.61 9.37 16.19
N ILE B 213 -20.26 8.45 15.29
CA ILE B 213 -20.49 7.02 15.50
C ILE B 213 -19.33 6.45 16.30
N LEU B 214 -19.54 6.19 17.60
CA LEU B 214 -18.46 5.75 18.49
C LEU B 214 -18.21 4.23 18.52
N ASP B 215 -19.28 3.44 18.48
CA ASP B 215 -19.17 2.00 18.66
C ASP B 215 -20.50 1.33 18.33
N SER B 216 -20.47 0.01 18.18
CA SER B 216 -21.71 -0.75 18.01
C SER B 216 -21.55 -2.12 18.65
N ARG B 217 -22.68 -2.79 18.90
CA ARG B 217 -22.65 -4.18 19.34
C ARG B 217 -23.82 -4.95 18.77
N SER B 218 -23.53 -6.01 18.03
CA SER B 218 -24.58 -6.93 17.60
C SER B 218 -24.95 -7.84 18.78
N SER B 219 -26.18 -8.34 18.79
CA SER B 219 -26.56 -9.35 19.77
C SER B 219 -27.50 -10.37 19.14
N LEU B 220 -27.01 -11.59 18.98
CA LEU B 220 -27.79 -12.64 18.32
C LEU B 220 -28.33 -13.64 19.35
N TYR B 221 -29.64 -13.86 19.31
CA TYR B 221 -30.30 -14.74 20.28
C TYR B 221 -30.37 -16.17 19.75
N PRO B 222 -29.95 -17.14 20.58
CA PRO B 222 -29.96 -18.58 20.26
C PRO B 222 -31.38 -19.11 20.01
N ASP B 223 -31.51 -20.10 19.13
CA ASP B 223 -32.78 -20.80 18.91
C ASP B 223 -33.97 -19.85 18.65
N SER B 224 -33.69 -18.74 17.98
CA SER B 224 -34.73 -17.75 17.70
C SER B 224 -34.84 -17.44 16.23
N LEU B 225 -34.44 -18.41 15.40
CA LEU B 225 -34.49 -18.27 13.94
C LEU B 225 -35.93 -18.07 13.40
N HIS B 226 -36.88 -18.69 14.09
CA HIS B 226 -38.28 -18.74 13.69
C HIS B 226 -39.06 -17.47 14.08
N ILE B 227 -38.51 -16.68 15.00
CA ILE B 227 -39.19 -15.48 15.49
C ILE B 227 -39.65 -14.53 14.37
N MET B 228 -38.75 -14.21 13.43
CA MET B 228 -39.05 -13.28 12.33
C MET B 228 -38.33 -13.64 11.02
N GLY B 229 -38.86 -13.14 9.89
CA GLY B 229 -38.27 -13.39 8.58
C GLY B 229 -39.31 -13.59 7.48
N TRP B 230 -38.92 -14.26 6.39
CA TRP B 230 -39.84 -14.66 5.31
C TRP B 230 -39.92 -16.18 5.11
N ASP B 231 -41.07 -16.62 4.61
CA ASP B 231 -41.22 -17.95 4.06
C ASP B 231 -41.41 -17.80 2.56
N VAL B 232 -40.30 -17.82 1.82
CA VAL B 232 -40.30 -17.45 0.41
C VAL B 232 -40.87 -18.54 -0.50
N GLY B 233 -41.68 -18.15 -1.48
CA GLY B 233 -42.29 -19.10 -2.38
C GLY B 233 -42.76 -18.45 -3.68
N SER B 234 -43.54 -19.20 -4.47
CA SER B 234 -44.02 -18.73 -5.78
C SER B 234 -44.88 -17.47 -5.69
N HIS B 235 -45.59 -17.30 -4.59
CA HIS B 235 -46.43 -16.11 -4.39
C HIS B 235 -45.64 -14.98 -3.74
N GLY B 236 -44.35 -15.22 -3.51
CA GLY B 236 -43.47 -14.14 -3.11
C GLY B 236 -42.95 -14.26 -1.69
N LEU B 237 -42.80 -13.09 -1.06
CA LEU B 237 -42.21 -12.96 0.26
C LEU B 237 -43.31 -12.90 1.31
N ARG B 238 -43.52 -14.02 2.01
CA ARG B 238 -44.59 -14.14 2.99
C ARG B 238 -44.03 -13.92 4.40
N LEU B 239 -44.61 -12.96 5.10
CA LEU B 239 -44.17 -12.62 6.45
C LEU B 239 -44.27 -13.80 7.42
N ARG B 240 -43.22 -13.99 8.21
CA ARG B 240 -43.27 -14.84 9.42
C ARG B 240 -43.05 -13.94 10.63
N LEU B 241 -43.99 -13.98 11.58
CA LEU B 241 -43.93 -13.12 12.76
C LEU B 241 -44.59 -13.81 13.94
N SER B 242 -43.79 -14.42 14.80
CA SER B 242 -44.26 -15.04 16.02
C SER B 242 -44.73 -13.99 17.04
N PRO B 243 -45.80 -14.31 17.79
CA PRO B 243 -46.22 -13.52 18.95
C PRO B 243 -45.17 -13.51 20.08
N ASP B 244 -44.37 -14.57 20.15
CA ASP B 244 -43.39 -14.73 21.24
C ASP B 244 -42.29 -13.64 21.27
N LEU B 245 -42.15 -12.91 20.18
CA LEU B 245 -41.12 -11.87 20.02
C LEU B 245 -40.96 -10.95 21.23
N THR B 246 -42.08 -10.38 21.69
CA THR B 246 -42.08 -9.41 22.78
C THR B 246 -41.43 -9.98 24.05
N ASN B 247 -41.70 -11.24 24.34
CA ASN B 247 -41.13 -11.91 25.52
C ASN B 247 -39.60 -11.95 25.51
N LEU B 248 -39.04 -12.23 24.33
CA LEU B 248 -37.58 -12.27 24.12
C LEU B 248 -36.87 -10.93 24.38
N ILE B 249 -37.53 -9.84 24.00
CA ILE B 249 -37.03 -8.50 24.28
C ILE B 249 -36.98 -8.26 25.79
N GLU B 250 -38.09 -8.56 26.46
CA GLU B 250 -38.23 -8.35 27.91
C GLU B 250 -37.18 -9.08 28.78
N ARG B 251 -36.70 -10.23 28.32
CA ARG B 251 -35.74 -11.02 29.12
C ARG B 251 -34.28 -10.72 28.82
N TYR B 252 -33.99 -10.10 27.69
CA TYR B 252 -32.61 -10.09 27.20
C TYR B 252 -32.06 -8.75 26.74
N LEU B 253 -32.94 -7.77 26.55
CA LEU B 253 -32.51 -6.49 25.99
C LEU B 253 -31.76 -5.65 27.02
N ALA B 254 -32.36 -5.55 28.22
CA ALA B 254 -31.74 -4.83 29.34
C ALA B 254 -30.30 -5.28 29.52
N ASN B 255 -30.12 -6.59 29.43
CA ASN B 255 -28.82 -7.25 29.52
C ASN B 255 -27.86 -6.74 28.47
N ASP B 256 -28.32 -6.72 27.21
CA ASP B 256 -27.49 -6.32 26.08
C ASP B 256 -27.15 -4.85 26.10
N VAL B 257 -28.09 -4.03 26.56
CA VAL B 257 -27.85 -2.60 26.67
C VAL B 257 -26.86 -2.31 27.80
N THR B 258 -27.10 -2.91 28.97
CA THR B 258 -26.20 -2.69 30.12
C THR B 258 -24.78 -3.24 29.89
N THR B 259 -24.66 -4.41 29.25
CA THR B 259 -23.35 -4.97 28.92
C THR B 259 -22.54 -4.13 27.93
N PHE B 260 -23.22 -3.28 27.17
CA PHE B 260 -22.59 -2.46 26.15
C PHE B 260 -22.24 -1.06 26.65
N LEU B 261 -23.18 -0.43 27.37
CA LEU B 261 -22.91 0.87 27.97
C LEU B 261 -21.84 0.78 29.05
N ASP B 262 -21.74 -0.37 29.72
CA ASP B 262 -20.72 -0.58 30.74
C ASP B 262 -19.33 -0.41 30.17
N ALA B 263 -19.12 -0.92 28.97
CA ALA B 263 -17.83 -0.88 28.33
C ALA B 263 -17.39 0.49 27.97
N HIS B 264 -18.24 1.46 28.20
CA HIS B 264 -17.92 2.86 27.97
C HIS B 264 -18.04 3.64 29.26
N ARG B 265 -18.11 2.91 30.37
CA ARG B 265 -18.29 3.48 31.71
C ARG B 265 -19.50 4.42 31.79
N LEU B 266 -20.48 4.20 30.94
CA LEU B 266 -21.75 4.90 31.00
C LEU B 266 -22.87 3.93 31.44
N THR B 267 -24.01 4.49 31.83
CA THR B 267 -25.23 3.70 32.07
C THR B 267 -26.37 4.35 31.29
N LYS B 268 -27.50 3.67 31.16
CA LYS B 268 -28.57 4.15 30.27
C LYS B 268 -29.11 5.55 30.61
N ASP B 269 -28.90 6.01 31.84
CA ASP B 269 -29.30 7.36 32.22
C ASP B 269 -28.35 8.44 31.67
N ASP B 270 -27.14 8.04 31.27
CA ASP B 270 -26.20 8.93 30.63
C ASP B 270 -26.54 9.16 29.16
N ILE B 271 -27.42 8.30 28.61
CA ILE B 271 -27.89 8.46 27.24
C ILE B 271 -28.93 9.57 27.13
N GLY B 272 -28.60 10.64 26.41
CA GLY B 272 -29.47 11.81 26.31
C GLY B 272 -30.51 11.76 25.19
N ALA B 273 -30.38 10.77 24.31
CA ALA B 273 -31.26 10.67 23.15
C ALA B 273 -31.38 9.23 22.65
N TRP B 274 -32.58 8.66 22.75
CA TRP B 274 -32.82 7.33 22.24
C TRP B 274 -33.37 7.37 20.81
N VAL B 275 -32.83 6.52 19.95
CA VAL B 275 -33.30 6.38 18.58
C VAL B 275 -33.67 4.92 18.33
N SER B 276 -34.90 4.55 18.65
CA SER B 276 -35.32 3.15 18.63
C SER B 276 -36.12 2.79 17.39
N HIS B 277 -35.96 1.56 16.90
CA HIS B 277 -36.77 1.09 15.79
C HIS B 277 -38.21 0.86 16.26
N PRO B 278 -39.19 1.40 15.50
CA PRO B 278 -40.63 1.41 15.80
C PRO B 278 -41.39 0.17 15.30
N GLY B 279 -41.02 -1.01 15.78
CA GLY B 279 -41.60 -2.25 15.29
C GLY B 279 -43.11 -2.36 15.44
N GLY B 280 -43.63 -1.75 16.51
CA GLY B 280 -45.04 -1.83 16.84
C GLY B 280 -45.24 -1.52 18.31
N PRO B 281 -46.48 -1.17 18.69
CA PRO B 281 -46.77 -0.71 20.06
C PRO B 281 -46.25 -1.66 21.15
N LYS B 282 -46.54 -2.96 21.03
CA LYS B 282 -46.07 -3.94 22.02
C LYS B 282 -44.55 -3.99 22.13
N VAL B 283 -43.87 -3.89 20.97
CA VAL B 283 -42.42 -3.83 20.92
C VAL B 283 -41.86 -2.56 21.58
N ILE B 284 -42.33 -1.39 21.13
CA ILE B 284 -41.90 -0.11 21.72
C ILE B 284 -42.14 -0.04 23.24
N ASP B 285 -43.30 -0.55 23.69
CA ASP B 285 -43.58 -0.62 25.12
C ASP B 285 -42.56 -1.51 25.81
N ALA B 286 -42.30 -2.68 25.22
CA ALA B 286 -41.37 -3.65 25.76
C ALA B 286 -39.99 -3.05 26.01
N VAL B 287 -39.45 -2.33 25.03
CA VAL B 287 -38.13 -1.75 25.21
C VAL B 287 -38.19 -0.59 26.21
N ALA B 288 -39.33 0.10 26.24
CA ALA B 288 -39.57 1.10 27.29
C ALA B 288 -39.51 0.47 28.69
N THR B 289 -40.27 -0.61 28.90
CA THR B 289 -40.37 -1.31 30.18
C THR B 289 -39.05 -1.90 30.67
N SER B 290 -38.45 -2.73 29.82
CA SER B 290 -37.28 -3.51 30.19
C SER B 290 -36.08 -2.59 30.44
N LEU B 291 -36.09 -1.41 29.80
CA LEU B 291 -35.03 -0.44 30.02
C LEU B 291 -35.40 0.62 31.05
N ALA B 292 -36.57 0.47 31.67
CA ALA B 292 -37.10 1.46 32.64
C ALA B 292 -36.94 2.89 32.13
N LEU B 293 -37.58 3.18 31.00
CA LEU B 293 -37.47 4.47 30.33
C LEU B 293 -38.71 5.34 30.56
N PRO B 294 -38.48 6.64 30.80
CA PRO B 294 -39.62 7.58 30.82
C PRO B 294 -40.26 7.66 29.42
N PRO B 295 -41.58 7.95 29.34
CA PRO B 295 -42.25 7.87 28.04
C PRO B 295 -41.83 8.97 27.08
N GLU B 296 -41.10 9.96 27.58
CA GLU B 296 -40.58 11.01 26.72
C GLU B 296 -39.41 10.49 25.87
N ALA B 297 -38.67 9.54 26.43
CA ALA B 297 -37.46 9.03 25.81
C ALA B 297 -37.69 8.47 24.40
N LEU B 298 -38.81 7.78 24.19
CA LEU B 298 -39.08 7.17 22.91
C LEU B 298 -40.14 7.89 22.08
N GLU B 299 -40.34 9.17 22.36
CA GLU B 299 -41.44 9.95 21.77
C GLU B 299 -41.34 10.05 20.25
N LEU B 300 -40.15 10.31 19.74
CA LEU B 300 -39.95 10.47 18.31
C LEU B 300 -40.30 9.19 17.52
N THR B 301 -39.98 8.03 18.09
CA THR B 301 -40.27 6.78 17.38
C THR B 301 -41.77 6.46 17.39
N TRP B 302 -42.46 6.81 18.48
CA TRP B 302 -43.92 6.71 18.55
C TRP B 302 -44.57 7.61 17.48
N ARG B 303 -44.00 8.80 17.32
CA ARG B 303 -44.52 9.80 16.38
C ARG B 303 -44.20 9.44 14.93
N SER B 304 -43.00 8.92 14.68
CA SER B 304 -42.67 8.41 13.36
C SER B 304 -43.58 7.25 12.99
N LEU B 305 -43.78 6.33 13.94
CA LEU B 305 -44.69 5.19 13.74
C LEU B 305 -46.05 5.70 13.32
N GLY B 306 -46.55 6.68 14.09
CA GLY B 306 -47.82 7.33 13.82
C GLY B 306 -47.93 7.95 12.43
N GLU B 307 -46.96 8.78 12.06
CA GLU B 307 -47.02 9.50 10.78
C GLU B 307 -46.79 8.69 9.47
N ILE B 308 -45.94 7.65 9.53
CA ILE B 308 -45.52 6.96 8.30
C ILE B 308 -45.51 5.43 8.42
N GLY B 309 -45.90 4.91 9.58
CA GLY B 309 -45.92 3.48 9.83
C GLY B 309 -44.55 2.92 10.13
N ASN B 310 -44.45 1.60 10.10
CA ASN B 310 -43.18 0.89 10.17
C ASN B 310 -42.55 0.77 8.78
N LEU B 311 -41.31 1.28 8.61
CA LEU B 311 -40.63 1.25 7.30
C LEU B 311 -39.55 0.16 7.18
N SER B 312 -39.59 -0.79 8.08
CA SER B 312 -38.55 -1.76 8.21
C SER B 312 -37.25 -1.05 8.50
N SER B 313 -36.18 -1.40 7.80
CA SER B 313 -34.87 -0.80 8.06
C SER B 313 -34.78 0.74 7.99
N ALA B 314 -35.64 1.39 7.20
CA ALA B 314 -35.50 2.83 7.00
C ALA B 314 -36.08 3.66 8.16
N SER B 315 -36.91 3.02 8.97
CA SER B 315 -37.61 3.73 10.01
C SER B 315 -36.61 4.37 10.95
N ILE B 316 -35.71 3.58 11.52
CA ILE B 316 -34.75 4.11 12.49
C ILE B 316 -33.93 5.29 11.94
N LEU B 317 -33.75 5.35 10.61
CA LEU B 317 -32.99 6.44 9.95
C LEU B 317 -33.86 7.69 9.77
N HIS B 318 -35.17 7.49 9.68
CA HIS B 318 -36.13 8.59 9.70
C HIS B 318 -36.13 9.23 11.10
N ILE B 319 -36.28 8.38 12.12
CA ILE B 319 -36.28 8.79 13.53
C ILE B 319 -34.93 9.36 13.94
N LEU B 320 -33.87 8.86 13.34
CA LEU B 320 -32.54 9.43 13.54
C LEU B 320 -32.47 10.88 13.05
N ARG B 321 -33.02 11.15 11.85
CA ARG B 321 -33.02 12.50 11.28
C ARG B 321 -33.93 13.45 12.09
N ASP B 322 -35.05 12.91 12.54
CA ASP B 322 -35.98 13.66 13.38
C ASP B 322 -35.28 14.17 14.65
N THR B 323 -34.50 13.30 15.28
CA THR B 323 -33.73 13.65 16.47
C THR B 323 -32.54 14.58 16.16
N ILE B 324 -31.95 14.45 14.97
CA ILE B 324 -30.93 15.41 14.56
C ILE B 324 -31.53 16.82 14.36
N GLU B 325 -32.74 16.89 13.82
CA GLU B 325 -33.49 18.14 13.74
C GLU B 325 -33.76 18.73 15.13
N LYS B 326 -33.87 17.86 16.14
CA LYS B 326 -34.24 18.24 17.51
C LYS B 326 -33.06 18.91 18.21
N ARG B 327 -31.88 18.67 17.68
CA ARG B 327 -30.62 19.19 18.18
C ARG B 327 -30.37 18.96 19.66
N PRO B 328 -30.04 17.74 20.05
CA PRO B 328 -29.73 17.47 21.45
C PRO B 328 -28.45 18.24 21.80
N PRO B 329 -28.19 18.46 23.10
CA PRO B 329 -26.99 19.18 23.58
C PRO B 329 -25.67 18.55 23.14
N SER B 330 -24.68 19.39 22.86
CA SER B 330 -23.39 18.93 22.34
C SER B 330 -22.58 18.10 23.36
N GLY B 331 -21.91 17.05 22.87
CA GLY B 331 -21.13 16.16 23.72
C GLY B 331 -21.96 15.07 24.38
N SER B 332 -23.28 15.23 24.35
CA SER B 332 -24.20 14.23 24.91
C SER B 332 -24.22 12.98 24.03
N ALA B 333 -24.59 11.85 24.63
CA ALA B 333 -24.55 10.56 23.95
C ALA B 333 -25.92 10.18 23.42
N GLY B 334 -25.93 9.37 22.36
CA GLY B 334 -27.17 8.83 21.81
C GLY B 334 -27.02 7.35 21.56
N LEU B 335 -28.15 6.64 21.51
CA LEU B 335 -28.11 5.20 21.30
C LEU B 335 -29.14 4.76 20.28
N MET B 336 -28.68 4.11 19.21
CA MET B 336 -29.58 3.52 18.23
C MET B 336 -29.92 2.13 18.71
N LEU B 337 -31.21 1.77 18.64
CA LEU B 337 -31.64 0.47 19.08
C LEU B 337 -32.57 -0.16 18.07
N ALA B 338 -32.07 -1.14 17.33
CA ALA B 338 -32.86 -1.80 16.29
C ALA B 338 -32.94 -3.30 16.54
N MET B 339 -33.98 -3.96 16.04
CA MET B 339 -34.08 -5.42 16.16
C MET B 339 -34.80 -6.04 14.95
N GLY B 340 -34.49 -7.30 14.62
CA GLY B 340 -35.11 -7.93 13.47
C GLY B 340 -34.76 -9.40 13.26
N PRO B 341 -34.95 -9.89 12.01
CA PRO B 341 -34.78 -11.32 11.71
C PRO B 341 -33.45 -11.86 12.22
N GLY B 342 -33.49 -12.96 12.96
CA GLY B 342 -32.27 -13.51 13.56
C GLY B 342 -32.50 -14.63 14.57
N PHE B 343 -33.14 -14.31 15.70
CA PHE B 343 -33.49 -12.95 16.08
C PHE B 343 -32.24 -12.21 16.56
N CYS B 344 -32.08 -10.95 16.19
CA CYS B 344 -30.99 -10.17 16.77
C CYS B 344 -31.38 -8.75 17.16
N THR B 345 -30.39 -8.06 17.72
CA THR B 345 -30.50 -6.69 18.20
C THR B 345 -29.22 -5.95 17.78
N GLU B 346 -29.31 -4.66 17.48
CA GLU B 346 -28.12 -3.87 17.16
C GLU B 346 -28.11 -2.54 17.93
N LEU B 347 -27.04 -2.30 18.68
CA LEU B 347 -26.88 -1.04 19.41
C LEU B 347 -25.76 -0.21 18.79
N VAL B 348 -26.03 1.07 18.53
CA VAL B 348 -25.00 1.97 17.99
C VAL B 348 -24.83 3.17 18.91
N LEU B 349 -23.64 3.32 19.47
CA LEU B 349 -23.36 4.46 20.35
C LEU B 349 -23.12 5.72 19.51
N LEU B 350 -23.78 6.82 19.88
CA LEU B 350 -23.58 8.08 19.18
C LEU B 350 -23.07 9.19 20.11
N ARG B 351 -22.44 10.19 19.51
CA ARG B 351 -22.09 11.43 20.21
C ARG B 351 -22.57 12.64 19.42
N TRP B 352 -23.50 13.39 20.01
CA TRP B 352 -24.08 14.56 19.34
C TRP B 352 -23.11 15.75 19.35
N ARG B 353 -23.08 16.48 18.24
CA ARG B 353 -22.15 17.61 18.10
C ARG B 353 -22.84 18.94 18.45
N SER C 2 11.77 0.86 -16.96
CA SER C 2 13.12 1.41 -17.16
C SER C 2 13.80 0.79 -18.39
N VAL C 3 14.22 1.63 -19.32
CA VAL C 3 14.99 1.12 -20.44
C VAL C 3 16.35 1.81 -20.55
N ILE C 4 17.40 1.00 -20.68
CA ILE C 4 18.74 1.53 -20.91
C ILE C 4 18.81 2.08 -22.33
N ALA C 5 19.35 3.29 -22.47
CA ALA C 5 19.47 3.91 -23.79
C ALA C 5 20.93 4.15 -24.15
N GLY C 6 21.81 4.14 -23.15
CA GLY C 6 23.23 4.32 -23.40
C GLY C 6 24.15 3.81 -22.31
N VAL C 7 25.16 3.04 -22.70
CA VAL C 7 26.26 2.61 -21.82
C VAL C 7 27.62 2.96 -22.45
N PHE C 8 28.45 3.72 -21.72
CA PHE C 8 29.71 4.22 -22.27
C PHE C 8 30.87 4.14 -21.28
N GLY C 9 32.01 3.64 -21.77
CA GLY C 9 33.20 3.55 -20.95
C GLY C 9 34.16 4.68 -21.24
N ALA C 10 35.12 4.88 -20.34
CA ALA C 10 36.11 5.93 -20.52
C ALA C 10 37.22 5.60 -19.58
N LEU C 11 38.44 5.78 -20.06
CA LEU C 11 39.64 5.46 -19.34
C LEU C 11 40.64 6.56 -19.52
N PRO C 12 41.56 6.73 -18.58
CA PRO C 12 42.58 7.76 -18.77
C PRO C 12 43.56 7.36 -19.86
N PRO C 13 44.32 8.33 -20.40
CA PRO C 13 45.13 7.99 -21.57
C PRO C 13 46.42 7.21 -21.27
N HIS C 14 46.92 7.24 -20.05
CA HIS C 14 48.15 6.49 -19.72
C HIS C 14 47.95 4.96 -19.61
N ARG C 15 48.40 4.20 -20.61
CA ARG C 15 48.25 2.73 -20.64
C ARG C 15 49.57 2.02 -20.47
N TYR C 16 49.60 1.01 -19.59
CA TYR C 16 50.78 0.20 -19.38
C TYR C 16 50.43 -1.27 -19.35
N SER C 17 51.29 -2.13 -19.86
CA SER C 17 51.10 -3.57 -19.69
C SER C 17 51.42 -3.88 -18.22
N GLN C 18 50.81 -4.94 -17.70
CA GLN C 18 51.05 -5.38 -16.32
C GLN C 18 52.52 -5.56 -16.05
N SER C 19 53.28 -6.01 -17.05
CA SER C 19 54.70 -6.25 -16.87
C SER C 19 55.48 -4.95 -16.66
N GLU C 20 55.04 -3.88 -17.34
CA GLU C 20 55.71 -2.58 -17.21
C GLU C 20 55.37 -2.02 -15.83
N ILE C 21 54.11 -2.18 -15.45
CA ILE C 21 53.66 -1.78 -14.09
C ILE C 21 54.50 -2.48 -13.00
N THR C 22 54.54 -3.81 -13.02
CA THR C 22 55.27 -4.58 -12.01
C THR C 22 56.73 -4.23 -11.98
N ASP C 23 57.36 -4.15 -13.16
CA ASP C 23 58.79 -3.83 -13.26
C ASP C 23 59.11 -2.50 -12.62
N SER C 24 58.26 -1.53 -12.85
CA SER C 24 58.46 -0.22 -12.27
C SER C 24 58.14 -0.23 -10.77
N PHE C 25 57.04 -0.88 -10.42
CA PHE C 25 56.59 -0.94 -9.03
C PHE C 25 57.62 -1.50 -8.04
N VAL C 26 58.28 -2.61 -8.41
CA VAL C 26 59.23 -3.21 -7.47
C VAL C 26 60.45 -2.33 -7.25
N GLU C 27 60.63 -1.32 -8.10
CA GLU C 27 61.74 -0.39 -7.92
C GLU C 27 61.35 0.86 -7.11
N PHE C 28 60.07 0.99 -6.74
CA PHE C 28 59.61 2.15 -5.94
C PHE C 28 60.28 2.15 -4.57
N PRO C 29 60.38 3.33 -3.92
CA PRO C 29 60.91 3.45 -2.54
C PRO C 29 60.13 2.59 -1.55
N GLY C 30 60.83 1.73 -0.83
CA GLY C 30 60.22 0.94 0.22
C GLY C 30 59.81 -0.46 -0.20
N LEU C 31 60.06 -0.83 -1.45
CA LEU C 31 59.45 -2.01 -2.04
C LEU C 31 60.33 -3.08 -2.64
N LYS C 32 61.56 -2.76 -2.98
CA LYS C 32 62.43 -3.78 -3.57
C LYS C 32 62.53 -5.06 -2.72
N GLU C 33 62.50 -4.92 -1.41
CA GLU C 33 62.51 -6.11 -0.54
C GLU C 33 61.34 -7.05 -0.80
N HIS C 34 60.28 -6.56 -1.42
CA HIS C 34 59.08 -7.37 -1.56
C HIS C 34 58.88 -7.84 -2.99
N GLU C 35 59.94 -7.74 -3.79
CA GLU C 35 59.86 -8.05 -5.23
C GLU C 35 59.16 -9.39 -5.50
N GLU C 36 59.53 -10.41 -4.75
CA GLU C 36 58.98 -11.74 -4.98
C GLU C 36 57.47 -11.84 -4.84
N ILE C 37 56.93 -11.32 -3.74
CA ILE C 37 55.50 -11.37 -3.50
C ILE C 37 54.78 -10.58 -4.56
N ILE C 38 55.41 -9.48 -4.95
CA ILE C 38 54.79 -8.52 -5.84
C ILE C 38 54.64 -9.13 -7.22
N ARG C 39 55.76 -9.64 -7.74
CA ARG C 39 55.78 -10.31 -9.05
C ARG C 39 54.77 -11.42 -9.04
N ARG C 40 54.80 -12.25 -7.99
CA ARG C 40 53.81 -13.33 -7.83
C ARG C 40 52.34 -12.90 -7.85
N LEU C 41 51.95 -11.93 -7.01
CA LEU C 41 50.57 -11.47 -7.03
C LEU C 41 50.15 -10.80 -8.36
N HIS C 42 51.05 -9.99 -8.88
CA HIS C 42 50.80 -9.32 -10.16
C HIS C 42 50.65 -10.31 -11.30
N ALA C 43 51.46 -11.37 -11.31
CA ALA C 43 51.33 -12.40 -12.34
C ALA C 43 49.99 -13.10 -12.17
N ALA C 44 49.62 -13.38 -10.93
CA ALA C 44 48.46 -14.25 -10.66
C ALA C 44 47.11 -13.56 -10.82
N ALA C 45 47.13 -12.26 -11.11
CA ALA C 45 45.89 -11.48 -11.15
C ALA C 45 45.18 -11.62 -12.49
N LYS C 46 45.86 -12.19 -13.48
CA LYS C 46 45.28 -12.29 -14.83
C LYS C 46 44.84 -10.91 -15.35
N VAL C 47 45.64 -9.90 -15.02
CA VAL C 47 45.49 -8.55 -15.54
C VAL C 47 46.70 -8.29 -16.45
N ASN C 48 46.46 -7.95 -17.72
CA ASN C 48 47.57 -7.81 -18.67
C ASN C 48 47.91 -6.35 -19.02
N GLY C 49 47.00 -5.45 -18.66
CA GLY C 49 47.19 -4.02 -18.89
C GLY C 49 46.24 -3.22 -18.02
N ARG C 50 46.63 -1.98 -17.73
CA ARG C 50 45.81 -1.08 -16.91
C ARG C 50 46.08 0.34 -17.32
N HIS C 51 45.04 1.16 -17.23
CA HIS C 51 45.17 2.58 -17.47
C HIS C 51 45.35 3.30 -16.14
N LEU C 52 46.27 4.24 -16.10
CA LEU C 52 46.51 5.02 -14.88
C LEU C 52 46.27 6.49 -15.16
N VAL C 53 45.74 7.18 -14.16
CA VAL C 53 45.42 8.59 -14.33
C VAL C 53 46.68 9.47 -14.34
N LEU C 54 47.74 9.01 -13.68
CA LEU C 54 49.03 9.69 -13.66
C LEU C 54 50.05 8.82 -14.39
N PRO C 55 51.09 9.43 -14.93
CA PRO C 55 52.22 8.69 -15.46
C PRO C 55 52.69 7.72 -14.39
N LEU C 56 53.07 6.52 -14.79
CA LEU C 56 53.45 5.46 -13.85
C LEU C 56 54.54 5.86 -12.86
N GLN C 57 55.53 6.62 -13.33
CA GLN C 57 56.69 6.92 -12.54
C GLN C 57 56.47 8.13 -11.65
N GLN C 58 55.24 8.65 -11.63
CA GLN C 58 54.92 9.77 -10.73
C GLN C 58 54.38 9.29 -9.37
N TYR C 59 53.85 8.06 -9.34
CA TYR C 59 53.32 7.53 -8.09
C TYR C 59 54.27 7.59 -6.87
N PRO C 60 55.58 7.35 -7.05
CA PRO C 60 56.37 7.42 -5.81
C PRO C 60 56.33 8.81 -5.12
N SER C 61 55.95 9.86 -5.85
CA SER C 61 55.85 11.20 -5.29
C SER C 61 54.50 11.52 -4.61
N LEU C 62 53.49 10.69 -4.88
CA LEU C 62 52.16 10.86 -4.35
C LEU C 62 52.10 10.27 -2.94
N THR C 63 52.77 10.91 -1.99
CA THR C 63 52.80 10.37 -0.63
C THR C 63 51.76 11.07 0.27
N ASP C 64 51.12 12.10 -0.25
CA ASP C 64 50.25 12.95 0.57
C ASP C 64 48.78 12.89 0.16
N PHE C 65 47.93 12.45 1.08
CA PHE C 65 46.49 12.32 0.85
C PHE C 65 45.85 13.58 0.27
N GLY C 66 46.21 14.74 0.81
CA GLY C 66 45.62 15.98 0.33
C GLY C 66 45.93 16.22 -1.15
N ASP C 67 47.15 15.90 -1.52
CA ASP C 67 47.59 16.05 -2.91
C ASP C 67 46.79 15.09 -3.77
N ALA C 68 46.75 13.84 -3.31
CA ALA C 68 46.08 12.76 -4.02
C ALA C 68 44.58 12.96 -4.17
N ASN C 69 43.92 13.38 -3.10
CA ASN C 69 42.50 13.66 -3.16
C ASN C 69 42.16 14.87 -4.06
N GLU C 70 43.00 15.91 -4.05
CA GLU C 70 42.85 17.04 -4.94
C GLU C 70 42.99 16.60 -6.40
N ILE C 71 44.01 15.79 -6.68
CA ILE C 71 44.14 15.25 -8.03
C ILE C 71 42.89 14.44 -8.36
N PHE C 72 42.42 13.62 -7.41
CA PHE C 72 41.16 12.90 -7.60
C PHE C 72 40.01 13.77 -8.08
N ILE C 73 39.70 14.83 -7.34
CA ILE C 73 38.61 15.67 -7.74
C ILE C 73 38.78 16.15 -9.19
N GLU C 74 39.91 16.82 -9.49
CA GLU C 74 40.24 17.29 -10.83
C GLU C 74 39.97 16.24 -11.91
N LYS C 75 40.65 15.10 -11.79
CA LYS C 75 40.56 14.02 -12.79
C LYS C 75 39.22 13.30 -12.82
N ALA C 76 38.60 13.10 -11.66
CA ALA C 76 37.34 12.37 -11.65
C ALA C 76 36.27 13.10 -12.44
N VAL C 77 36.17 14.41 -12.23
CA VAL C 77 35.21 15.21 -13.00
C VAL C 77 35.45 15.07 -14.52
N ASP C 78 36.67 15.27 -14.96
CA ASP C 78 36.98 15.16 -16.40
C ASP C 78 36.52 13.82 -16.93
N LEU C 79 36.92 12.75 -16.27
CA LEU C 79 36.59 11.39 -16.68
C LEU C 79 35.08 11.09 -16.59
N GLY C 80 34.39 11.75 -15.66
CA GLY C 80 32.98 11.51 -15.45
C GLY C 80 32.22 12.25 -16.53
N VAL C 81 32.69 13.44 -16.85
CA VAL C 81 32.15 14.22 -17.96
C VAL C 81 32.30 13.45 -19.27
N GLU C 82 33.52 12.99 -19.58
CA GLU C 82 33.80 12.22 -20.79
C GLU C 82 32.87 11.01 -20.88
N ALA C 83 32.79 10.23 -19.80
CA ALA C 83 31.88 9.09 -19.79
C ALA C 83 30.41 9.48 -20.07
N LEU C 84 29.88 10.43 -19.31
CA LEU C 84 28.49 10.79 -19.44
C LEU C 84 28.12 11.28 -20.84
N LEU C 85 28.94 12.19 -21.37
CA LEU C 85 28.79 12.71 -22.70
C LEU C 85 28.69 11.56 -23.71
N GLY C 86 29.67 10.67 -23.68
CA GLY C 86 29.66 9.48 -24.52
C GLY C 86 28.38 8.70 -24.39
N ALA C 87 27.83 8.58 -23.18
CA ALA C 87 26.64 7.76 -22.96
C ALA C 87 25.40 8.48 -23.47
N LEU C 88 25.41 9.80 -23.31
CA LEU C 88 24.36 10.64 -23.85
C LEU C 88 24.32 10.52 -25.37
N ASP C 89 25.44 10.82 -26.01
CA ASP C 89 25.55 10.80 -27.48
C ASP C 89 25.25 9.39 -28.02
N ASP C 90 25.51 8.38 -27.21
CA ASP C 90 25.12 7.00 -27.52
C ASP C 90 23.59 6.86 -27.57
N ALA C 91 22.91 7.57 -26.67
CA ALA C 91 21.46 7.46 -26.53
C ALA C 91 20.65 8.55 -27.28
N ASN C 92 21.36 9.37 -28.06
CA ASN C 92 20.77 10.53 -28.76
C ASN C 92 20.07 11.51 -27.84
N LEU C 93 20.62 11.68 -26.64
CA LEU C 93 20.09 12.64 -25.68
C LEU C 93 21.12 13.69 -25.34
N ARG C 94 20.69 14.68 -24.56
CA ARG C 94 21.49 15.87 -24.26
C ARG C 94 21.46 16.10 -22.76
N PRO C 95 22.49 16.78 -22.23
CA PRO C 95 22.54 17.12 -20.80
C PRO C 95 21.21 17.68 -20.25
N SER C 96 20.60 18.60 -20.97
CA SER C 96 19.35 19.22 -20.51
C SER C 96 18.22 18.21 -20.31
N ASP C 97 18.29 17.05 -20.96
CA ASP C 97 17.23 16.05 -20.81
C ASP C 97 17.25 15.29 -19.48
N ILE C 98 18.38 15.33 -18.78
CA ILE C 98 18.58 14.54 -17.56
C ILE C 98 17.75 15.03 -16.38
N ASP C 99 16.95 14.12 -15.83
CA ASP C 99 16.10 14.38 -14.67
C ASP C 99 16.79 14.07 -13.33
N MET C 100 17.54 12.98 -13.30
CA MET C 100 18.37 12.69 -12.12
C MET C 100 19.71 12.02 -12.48
N ILE C 101 20.74 12.41 -11.74
CA ILE C 101 22.08 11.88 -11.86
C ILE C 101 22.48 11.22 -10.56
N ALA C 102 22.77 9.92 -10.62
CA ALA C 102 23.38 9.24 -9.48
C ALA C 102 24.86 9.21 -9.75
N THR C 103 25.66 9.26 -8.70
CA THR C 103 27.10 9.29 -8.85
C THR C 103 27.70 8.24 -7.91
N ALA C 104 28.60 7.40 -8.44
CA ALA C 104 29.18 6.32 -7.64
C ALA C 104 30.69 6.43 -7.58
N THR C 105 31.24 6.55 -6.38
CA THR C 105 32.69 6.47 -6.24
C THR C 105 33.10 5.89 -4.90
N VAL C 106 34.25 5.23 -4.85
CA VAL C 106 34.75 4.77 -3.57
C VAL C 106 36.18 5.26 -3.29
N THR C 107 36.80 5.95 -4.25
CA THR C 107 38.24 6.18 -4.22
C THR C 107 38.68 7.63 -4.01
N GLY C 108 37.74 8.51 -3.68
CA GLY C 108 38.04 9.91 -3.41
C GLY C 108 36.92 10.54 -2.60
N VAL C 109 37.21 11.65 -1.92
CA VAL C 109 36.21 12.31 -1.06
C VAL C 109 35.90 13.70 -1.60
N ALA C 110 34.72 13.86 -2.19
CA ALA C 110 34.36 15.13 -2.86
C ALA C 110 33.20 15.87 -2.20
N VAL C 111 33.46 17.02 -1.59
CA VAL C 111 32.35 17.86 -1.11
C VAL C 111 32.58 19.34 -1.46
N PRO C 112 31.82 19.90 -2.44
CA PRO C 112 30.65 19.41 -3.21
C PRO C 112 30.94 18.10 -3.94
N SER C 113 29.93 17.24 -4.08
CA SER C 113 30.13 15.90 -4.60
C SER C 113 30.40 15.88 -6.10
N LEU C 114 30.72 14.70 -6.65
CA LEU C 114 31.05 14.53 -8.06
C LEU C 114 29.89 14.91 -9.00
N ASP C 115 28.67 14.56 -8.61
CA ASP C 115 27.50 14.90 -9.44
C ASP C 115 27.22 16.39 -9.47
N ALA C 116 27.57 17.10 -8.39
CA ALA C 116 27.38 18.54 -8.40
C ALA C 116 28.30 19.11 -9.46
N ARG C 117 29.55 18.69 -9.42
CA ARG C 117 30.57 19.14 -10.34
C ARG C 117 30.36 18.70 -11.80
N ILE C 118 29.79 17.51 -12.00
CA ILE C 118 29.56 17.08 -13.38
C ILE C 118 28.40 17.87 -13.96
N ALA C 119 27.38 18.13 -13.13
CA ALA C 119 26.23 18.94 -13.56
C ALA C 119 26.63 20.33 -14.03
N GLY C 120 27.61 20.94 -13.36
CA GLY C 120 28.08 22.26 -13.73
C GLY C 120 28.76 22.19 -15.08
N ARG C 121 29.65 21.21 -15.21
CA ARG C 121 30.46 21.08 -16.41
C ARG C 121 29.62 20.91 -17.68
N LEU C 122 28.59 20.07 -17.61
CA LEU C 122 27.81 19.72 -18.81
C LEU C 122 26.54 20.57 -18.96
N GLY C 123 26.36 21.50 -18.02
CA GLY C 123 25.17 22.31 -17.98
C GLY C 123 23.90 21.49 -17.88
N LEU C 124 23.85 20.54 -16.94
CA LEU C 124 22.59 19.90 -16.61
C LEU C 124 21.65 20.98 -16.05
N ARG C 125 20.35 20.69 -16.03
CA ARG C 125 19.36 21.63 -15.49
C ARG C 125 19.57 21.82 -14.00
N PRO C 126 19.35 23.05 -13.49
CA PRO C 126 19.47 23.35 -12.05
C PRO C 126 18.53 22.52 -11.19
N ASP C 127 17.44 22.02 -11.76
CA ASP C 127 16.51 21.20 -10.98
C ASP C 127 16.84 19.70 -11.01
N VAL C 128 17.97 19.34 -11.59
CA VAL C 128 18.33 17.92 -11.69
C VAL C 128 18.46 17.31 -10.31
N ARG C 129 17.97 16.09 -10.13
CA ARG C 129 18.05 15.43 -8.83
C ARG C 129 19.40 14.74 -8.64
N ARG C 130 20.00 14.93 -7.47
CA ARG C 130 21.36 14.42 -7.21
C ARG C 130 21.42 13.29 -6.19
N MET C 131 22.00 12.17 -6.62
CA MET C 131 22.15 10.99 -5.79
C MET C 131 23.62 10.60 -5.67
N PRO C 132 24.40 11.30 -4.82
CA PRO C 132 25.82 10.95 -4.68
C PRO C 132 26.06 9.70 -3.83
N LEU C 133 26.26 8.54 -4.48
CA LEU C 133 26.47 7.30 -3.74
C LEU C 133 27.94 7.12 -3.41
N PHE C 134 28.30 7.21 -2.14
CA PHE C 134 29.67 6.93 -1.73
C PHE C 134 29.70 5.78 -0.74
N GLY C 135 30.53 4.78 -1.04
CA GLY C 135 30.81 3.72 -0.07
C GLY C 135 30.16 2.39 -0.38
N LEU C 136 29.43 2.33 -1.49
CA LEU C 136 28.95 1.07 -2.03
C LEU C 136 30.10 0.23 -2.65
N GLY C 137 31.19 0.88 -3.06
CA GLY C 137 32.35 0.18 -3.56
C GLY C 137 32.08 -0.61 -4.84
N CYS C 138 32.67 -1.80 -4.94
CA CYS C 138 32.58 -2.61 -6.17
C CYS C 138 31.16 -3.05 -6.54
N VAL C 139 30.21 -2.86 -5.64
CA VAL C 139 28.84 -3.30 -5.91
C VAL C 139 28.09 -2.22 -6.71
N ALA C 140 28.65 -1.02 -6.73
CA ALA C 140 27.88 0.19 -7.08
C ALA C 140 27.53 0.26 -8.56
N GLY C 141 28.29 -0.46 -9.38
CA GLY C 141 27.95 -0.53 -10.78
C GLY C 141 26.55 -1.07 -10.89
N ALA C 142 26.33 -2.26 -10.30
CA ALA C 142 25.03 -2.94 -10.32
C ALA C 142 23.96 -2.20 -9.55
N ALA C 143 24.22 -2.00 -8.26
CA ALA C 143 23.29 -1.28 -7.37
C ALA C 143 22.84 0.08 -7.94
N GLY C 144 23.74 0.75 -8.67
CA GLY C 144 23.43 2.01 -9.32
C GLY C 144 22.40 1.86 -10.42
N VAL C 145 22.60 0.85 -11.27
CA VAL C 145 21.60 0.52 -12.26
C VAL C 145 20.25 0.26 -11.56
N ALA C 146 20.24 -0.54 -10.50
CA ALA C 146 19.00 -0.80 -9.76
C ALA C 146 18.38 0.47 -9.14
N ARG C 147 19.24 1.37 -8.67
CA ARG C 147 18.75 2.65 -8.15
C ARG C 147 18.10 3.50 -9.26
N LEU C 148 18.58 3.36 -10.49
CA LEU C 148 18.03 4.10 -11.64
C LEU C 148 16.62 3.61 -11.95
N ARG C 149 16.44 2.29 -11.97
CA ARG C 149 15.11 1.68 -12.09
C ARG C 149 14.17 2.16 -11.00
N ASP C 150 14.56 2.06 -9.73
CA ASP C 150 13.70 2.52 -8.63
C ASP C 150 13.24 3.97 -8.80
N TYR C 151 14.03 4.78 -9.49
CA TYR C 151 13.61 6.15 -9.71
C TYR C 151 12.58 6.19 -10.83
N LEU C 152 13.01 5.67 -11.97
CA LEU C 152 12.26 5.69 -13.22
C LEU C 152 10.95 4.88 -13.12
N ARG C 153 10.92 3.95 -12.18
CA ARG C 153 9.72 3.16 -11.94
C ARG C 153 8.57 4.10 -11.66
N GLY C 154 8.86 5.20 -10.95
CA GLY C 154 7.83 6.16 -10.57
C GLY C 154 7.91 7.47 -11.32
N ALA C 155 8.63 7.46 -12.44
CA ALA C 155 8.75 8.63 -13.31
C ALA C 155 8.95 8.15 -14.73
N PRO C 156 7.92 7.64 -15.36
CA PRO C 156 8.07 6.94 -16.61
C PRO C 156 8.32 7.83 -17.79
N ASP C 157 8.25 9.13 -17.62
CA ASP C 157 8.65 10.06 -18.68
C ASP C 157 10.10 10.59 -18.51
N ASP C 158 10.78 10.16 -17.43
CA ASP C 158 12.07 10.73 -17.05
C ASP C 158 13.34 10.07 -17.64
N VAL C 159 14.42 10.84 -17.64
CA VAL C 159 15.75 10.37 -18.03
C VAL C 159 16.64 10.37 -16.77
N ALA C 160 17.23 9.23 -16.43
CA ALA C 160 18.11 9.14 -15.25
C ALA C 160 19.45 8.55 -15.62
N VAL C 161 20.52 9.15 -15.11
CA VAL C 161 21.87 8.68 -15.42
C VAL C 161 22.71 8.26 -14.18
N LEU C 162 23.53 7.23 -14.40
CA LEU C 162 24.56 6.78 -13.44
C LEU C 162 25.98 7.03 -14.00
N VAL C 163 26.81 7.70 -13.21
CA VAL C 163 28.23 7.89 -13.57
C VAL C 163 29.11 7.26 -12.48
N SER C 164 29.88 6.24 -12.86
CA SER C 164 30.86 5.60 -11.99
C SER C 164 32.25 6.16 -12.31
N VAL C 165 32.99 6.58 -11.29
CA VAL C 165 34.37 7.01 -11.53
C VAL C 165 35.21 6.43 -10.43
N GLU C 166 36.13 5.55 -10.81
CA GLU C 166 36.97 4.94 -9.81
C GLU C 166 38.40 5.15 -10.21
N LEU C 167 39.10 5.93 -9.42
CA LEU C 167 40.50 6.12 -9.65
C LEU C 167 41.33 5.49 -8.54
N CYS C 168 41.38 4.19 -8.56
CA CYS C 168 42.05 3.39 -7.52
C CYS C 168 43.51 3.77 -7.30
N SER C 169 44.24 4.14 -8.36
CA SER C 169 45.68 4.38 -8.22
C SER C 169 45.99 5.57 -7.32
N LEU C 170 45.07 6.51 -7.26
CA LEU C 170 45.24 7.70 -6.41
C LEU C 170 45.15 7.40 -4.90
N THR C 171 44.81 6.18 -4.51
CA THR C 171 44.77 5.85 -3.09
C THR C 171 46.16 5.47 -2.63
N TYR C 172 47.12 5.65 -3.53
CA TYR C 172 48.49 5.24 -3.24
C TYR C 172 49.17 5.85 -2.00
N PRO C 173 48.75 7.05 -1.55
CA PRO C 173 49.45 7.41 -0.30
C PRO C 173 49.24 6.42 0.83
N ALA C 174 48.13 5.69 0.81
CA ALA C 174 47.86 4.74 1.89
C ALA C 174 48.50 3.36 1.72
N VAL C 175 49.03 3.05 0.54
CA VAL C 175 49.59 1.73 0.26
C VAL C 175 50.97 1.47 0.90
N LYS C 176 51.07 0.43 1.70
CA LYS C 176 52.39 -0.04 2.18
C LYS C 176 52.53 -1.51 1.75
N PRO C 177 53.74 -2.06 1.78
CA PRO C 177 53.90 -3.43 1.25
C PRO C 177 53.35 -4.45 2.20
N THR C 178 52.06 -4.36 2.42
CA THR C 178 51.33 -5.25 3.29
C THR C 178 50.60 -6.18 2.33
N VAL C 179 50.29 -7.39 2.74
CA VAL C 179 49.79 -8.33 1.73
C VAL C 179 48.47 -7.85 1.13
N SER C 180 47.52 -7.48 1.96
CA SER C 180 46.27 -6.86 1.51
C SER C 180 46.46 -5.69 0.54
N SER C 181 47.43 -4.82 0.80
CA SER C 181 47.62 -3.68 -0.09
C SER C 181 48.31 -4.09 -1.39
N LEU C 182 49.22 -5.06 -1.27
CA LEU C 182 49.90 -5.58 -2.46
C LEU C 182 48.91 -6.29 -3.37
N VAL C 183 47.92 -6.98 -2.81
CA VAL C 183 46.89 -7.60 -3.65
C VAL C 183 46.16 -6.58 -4.53
N GLY C 184 45.76 -5.43 -3.97
CA GLY C 184 45.00 -4.47 -4.71
C GLY C 184 45.90 -3.83 -5.74
N THR C 185 47.15 -3.69 -5.35
CA THR C 185 48.23 -3.17 -6.18
C THR C 185 48.35 -4.04 -7.46
N ALA C 186 47.90 -5.29 -7.37
CA ALA C 186 47.98 -6.18 -8.53
C ALA C 186 46.76 -6.04 -9.42
N LEU C 187 45.62 -5.73 -8.81
CA LEU C 187 44.35 -5.85 -9.52
C LEU C 187 43.74 -4.55 -10.03
N PHE C 188 43.76 -3.49 -9.20
CA PHE C 188 42.99 -2.29 -9.51
C PHE C 188 43.55 -1.31 -10.56
N GLY C 189 42.69 -0.90 -11.49
CA GLY C 189 43.04 0.08 -12.50
C GLY C 189 42.25 1.36 -12.30
N ASP C 190 42.33 2.29 -13.25
CA ASP C 190 41.54 3.50 -13.17
C ASP C 190 40.56 3.54 -14.34
N GLY C 191 39.38 4.10 -14.11
CA GLY C 191 38.38 4.23 -15.15
C GLY C 191 37.08 4.85 -14.68
N ALA C 192 36.21 5.12 -15.65
CA ALA C 192 34.87 5.60 -15.42
C ALA C 192 33.92 4.88 -16.37
N ALA C 193 32.62 5.01 -16.12
CA ALA C 193 31.59 4.48 -17.00
C ALA C 193 30.30 5.23 -16.74
N ALA C 194 29.51 5.47 -17.78
CA ALA C 194 28.22 6.10 -17.56
C ALA C 194 27.08 5.27 -18.15
N VAL C 195 25.97 5.21 -17.41
CA VAL C 195 24.74 4.59 -17.90
C VAL C 195 23.65 5.64 -18.02
N VAL C 196 23.08 5.74 -19.22
CA VAL C 196 21.88 6.54 -19.47
C VAL C 196 20.62 5.65 -19.52
N ALA C 197 19.68 5.88 -18.61
CA ALA C 197 18.41 5.14 -18.59
C ALA C 197 17.19 6.04 -18.81
N VAL C 198 16.06 5.41 -19.13
CA VAL C 198 14.84 6.12 -19.56
C VAL C 198 13.57 5.40 -19.05
N GLY C 199 12.58 6.18 -18.60
CA GLY C 199 11.32 5.62 -18.14
C GLY C 199 10.58 4.86 -19.24
N ASP C 200 9.51 4.14 -18.88
CA ASP C 200 8.86 3.29 -19.88
C ASP C 200 8.04 4.01 -20.93
N ARG C 201 7.54 5.20 -20.60
CA ARG C 201 6.82 5.98 -21.62
C ARG C 201 7.77 6.72 -22.54
N ARG C 202 8.91 7.15 -21.98
CA ARG C 202 9.93 7.90 -22.70
C ARG C 202 10.73 6.98 -23.63
N ALA C 203 10.54 5.67 -23.45
CA ALA C 203 11.28 4.66 -24.20
C ALA C 203 10.96 4.69 -25.69
N GLU C 204 9.66 4.69 -26.02
CA GLU C 204 9.22 4.72 -27.42
C GLU C 204 9.62 6.04 -28.08
N GLN C 205 9.29 7.13 -27.40
CA GLN C 205 9.61 8.47 -27.84
C GLN C 205 11.08 8.64 -28.28
N VAL C 206 12.04 8.10 -27.52
CA VAL C 206 13.45 8.32 -27.83
C VAL C 206 14.10 7.14 -28.55
N ARG C 207 13.32 6.07 -28.70
CA ARG C 207 13.80 4.82 -29.31
C ARG C 207 15.04 4.30 -28.59
N ALA C 208 14.82 3.85 -27.35
CA ALA C 208 15.88 3.40 -26.45
C ALA C 208 16.39 2.01 -26.83
N GLY C 209 17.62 1.96 -27.30
CA GLY C 209 18.20 0.74 -27.81
C GLY C 209 18.53 -0.37 -26.83
N GLY C 210 18.97 0.00 -25.63
CA GLY C 210 19.50 -0.96 -24.68
C GLY C 210 18.50 -1.92 -24.07
N PRO C 211 18.98 -2.77 -23.14
CA PRO C 211 18.24 -3.79 -22.39
C PRO C 211 17.14 -3.18 -21.51
N ASP C 212 16.13 -3.96 -21.17
CA ASP C 212 15.11 -3.57 -20.20
C ASP C 212 15.65 -3.86 -18.81
N ILE C 213 15.47 -2.92 -17.89
CA ILE C 213 15.74 -3.21 -16.49
C ILE C 213 14.46 -3.64 -15.76
N LEU C 214 14.37 -4.93 -15.46
CA LEU C 214 13.16 -5.53 -14.89
C LEU C 214 13.05 -5.48 -13.38
N ASP C 215 14.15 -5.78 -12.70
CA ASP C 215 14.12 -5.97 -11.26
C ASP C 215 15.54 -6.10 -10.70
N SER C 216 15.66 -6.06 -9.37
CA SER C 216 16.94 -6.22 -8.70
C SER C 216 16.76 -6.73 -7.28
N ARG C 217 17.80 -7.36 -6.72
CA ARG C 217 17.75 -7.82 -5.33
C ARG C 217 19.09 -7.62 -4.62
N SER C 218 19.07 -6.89 -3.51
CA SER C 218 20.27 -6.77 -2.71
C SER C 218 20.37 -7.99 -1.78
N SER C 219 21.58 -8.29 -1.32
CA SER C 219 21.76 -9.35 -0.36
C SER C 219 22.96 -9.02 0.52
N LEU C 220 22.71 -8.51 1.71
CA LEU C 220 23.80 -8.13 2.58
C LEU C 220 24.08 -9.26 3.56
N TYR C 221 25.29 -9.78 3.57
CA TYR C 221 25.62 -10.93 4.40
C TYR C 221 25.89 -10.48 5.82
N PRO C 222 25.33 -11.18 6.79
CA PRO C 222 25.45 -10.75 8.19
C PRO C 222 26.87 -10.93 8.75
N ASP C 223 27.22 -10.10 9.74
CA ASP C 223 28.51 -10.17 10.43
C ASP C 223 29.68 -10.29 9.46
N SER C 224 29.64 -9.42 8.45
CA SER C 224 30.57 -9.47 7.35
C SER C 224 31.28 -8.15 7.10
N LEU C 225 31.15 -7.20 8.02
CA LEU C 225 31.67 -5.84 7.78
C LEU C 225 33.18 -5.86 7.48
N HIS C 226 33.90 -6.73 8.17
CA HIS C 226 35.36 -6.84 8.09
C HIS C 226 35.86 -7.46 6.76
N ILE C 227 34.96 -7.93 5.91
CA ILE C 227 35.36 -8.63 4.69
C ILE C 227 36.01 -7.69 3.68
N MET C 228 35.41 -6.52 3.47
CA MET C 228 35.90 -5.54 2.52
C MET C 228 35.49 -4.10 2.90
N GLY C 229 36.41 -3.15 2.71
CA GLY C 229 36.15 -1.76 3.01
C GLY C 229 37.43 -0.92 2.96
N TRP C 230 37.37 0.26 3.60
CA TRP C 230 38.53 1.12 3.78
C TRP C 230 38.84 1.25 5.27
N ASP C 231 40.11 1.39 5.60
CA ASP C 231 40.45 1.87 6.93
C ASP C 231 40.98 3.27 6.69
N VAL C 232 40.23 4.26 7.13
CA VAL C 232 40.51 5.62 6.71
C VAL C 232 41.33 6.34 7.77
N GLY C 233 42.35 7.07 7.33
CA GLY C 233 43.28 7.73 8.24
C GLY C 233 44.01 8.88 7.54
N SER C 234 45.08 9.37 8.16
CA SER C 234 45.78 10.55 7.64
C SER C 234 46.47 10.30 6.32
N HIS C 235 46.83 9.04 6.06
CA HIS C 235 47.50 8.65 4.84
C HIS C 235 46.49 8.35 3.76
N GLY C 236 45.22 8.40 4.13
CA GLY C 236 44.15 8.29 3.14
C GLY C 236 43.37 7.02 3.28
N LEU C 237 43.07 6.39 2.15
CA LEU C 237 42.17 5.24 2.11
C LEU C 237 42.95 3.92 1.98
N ARG C 238 43.05 3.15 3.07
CA ARG C 238 43.82 1.88 3.06
C ARG C 238 42.89 0.69 2.88
N LEU C 239 43.29 -0.26 2.04
CA LEU C 239 42.38 -1.35 1.70
C LEU C 239 42.20 -2.34 2.85
N ARG C 240 40.97 -2.81 3.04
CA ARG C 240 40.74 -3.97 3.87
C ARG C 240 40.13 -5.02 2.98
N LEU C 241 40.81 -6.16 2.90
CA LEU C 241 40.35 -7.21 2.03
C LEU C 241 40.73 -8.53 2.66
N SER C 242 39.71 -9.25 3.14
CA SER C 242 39.92 -10.55 3.74
C SER C 242 40.04 -11.63 2.68
N PRO C 243 40.92 -12.61 2.92
CA PRO C 243 41.00 -13.69 1.93
C PRO C 243 39.83 -14.66 2.08
N ASP C 244 38.99 -14.41 3.09
CA ASP C 244 37.83 -15.25 3.30
C ASP C 244 36.66 -14.82 2.45
N LEU C 245 36.87 -13.82 1.61
CA LEU C 245 35.79 -13.32 0.78
C LEU C 245 35.25 -14.45 -0.09
N THR C 246 36.17 -15.10 -0.83
CA THR C 246 35.82 -16.23 -1.71
C THR C 246 34.91 -17.30 -1.07
N ASN C 247 35.15 -17.64 0.21
CA ASN C 247 34.32 -18.64 0.91
C ASN C 247 32.84 -18.31 1.06
N LEU C 248 32.53 -17.03 1.30
CA LEU C 248 31.14 -16.62 1.44
C LEU C 248 30.42 -16.75 0.09
N ILE C 249 31.11 -16.41 -0.99
CA ILE C 249 30.52 -16.59 -2.32
C ILE C 249 30.18 -18.06 -2.55
N GLU C 250 31.06 -18.94 -2.12
CA GLU C 250 30.85 -20.36 -2.26
C GLU C 250 29.92 -20.91 -1.23
N ARG C 251 29.11 -20.06 -0.63
CA ARG C 251 28.17 -20.51 0.35
C ARG C 251 26.79 -19.98 0.11
N TYR C 252 26.66 -18.68 -0.07
CA TYR C 252 25.35 -18.06 -0.18
C TYR C 252 24.98 -17.56 -1.58
N LEU C 253 25.95 -17.47 -2.48
CA LEU C 253 25.68 -16.91 -3.81
C LEU C 253 24.57 -17.68 -4.51
N ALA C 254 24.84 -18.95 -4.83
CA ALA C 254 23.86 -19.85 -5.43
C ALA C 254 22.46 -19.69 -4.81
N ASN C 255 22.41 -19.59 -3.49
CA ASN C 255 21.16 -19.32 -2.80
C ASN C 255 20.52 -18.00 -3.22
N ASP C 256 21.31 -16.93 -3.27
CA ASP C 256 20.78 -15.61 -3.60
C ASP C 256 20.26 -15.54 -5.03
N VAL C 257 20.99 -16.14 -5.97
CA VAL C 257 20.59 -16.18 -7.37
C VAL C 257 19.28 -16.94 -7.55
N THR C 258 19.23 -18.13 -6.96
CA THR C 258 18.03 -18.97 -7.00
C THR C 258 16.76 -18.27 -6.50
N THR C 259 16.77 -17.72 -5.28
CA THR C 259 15.57 -17.07 -4.76
C THR C 259 15.11 -15.89 -5.63
N PHE C 260 16.06 -15.13 -6.15
CA PHE C 260 15.76 -14.01 -7.03
C PHE C 260 15.17 -14.51 -8.34
N LEU C 261 15.81 -15.49 -8.96
CA LEU C 261 15.30 -16.04 -10.23
C LEU C 261 13.97 -16.80 -10.06
N ASP C 262 13.77 -17.42 -8.90
CA ASP C 262 12.53 -18.15 -8.62
C ASP C 262 11.31 -17.25 -8.72
N ALA C 263 11.39 -16.07 -8.13
CA ALA C 263 10.29 -15.11 -8.12
C ALA C 263 9.90 -14.58 -9.51
N HIS C 264 10.66 -14.98 -10.52
CA HIS C 264 10.36 -14.63 -11.90
C HIS C 264 10.19 -15.92 -12.70
N ARG C 265 10.24 -17.02 -11.95
CA ARG C 265 10.12 -18.37 -12.49
C ARG C 265 11.10 -18.59 -13.64
N LEU C 266 12.34 -18.23 -13.38
CA LEU C 266 13.43 -18.48 -14.29
C LEU C 266 14.44 -19.39 -13.58
N THR C 267 15.14 -20.17 -14.38
CA THR C 267 16.23 -21.01 -13.92
C THR C 267 17.52 -20.27 -14.33
N LYS C 268 18.68 -20.74 -13.85
CA LYS C 268 19.96 -20.15 -14.24
C LYS C 268 20.21 -20.28 -15.74
N ASP C 269 19.53 -21.25 -16.35
CA ASP C 269 19.77 -21.55 -17.75
C ASP C 269 18.85 -20.75 -18.66
N ASP C 270 17.89 -20.07 -18.04
CA ASP C 270 17.06 -19.10 -18.75
C ASP C 270 17.84 -17.84 -19.06
N ILE C 271 18.92 -17.61 -18.32
CA ILE C 271 19.77 -16.44 -18.56
C ILE C 271 20.69 -16.68 -19.74
N GLY C 272 20.66 -15.76 -20.71
CA GLY C 272 21.47 -15.90 -21.91
C GLY C 272 22.68 -14.97 -21.97
N ALA C 273 22.89 -14.19 -20.91
CA ALA C 273 24.08 -13.34 -20.84
C ALA C 273 24.41 -12.95 -19.41
N TRP C 274 25.52 -13.46 -18.91
CA TRP C 274 26.00 -13.12 -17.58
C TRP C 274 26.95 -11.92 -17.59
N VAL C 275 26.61 -10.88 -16.83
CA VAL C 275 27.45 -9.70 -16.67
C VAL C 275 27.93 -9.61 -15.23
N SER C 276 29.05 -10.24 -14.95
CA SER C 276 29.52 -10.32 -13.58
C SER C 276 30.67 -9.36 -13.29
N HIS C 277 30.77 -8.91 -12.06
CA HIS C 277 31.87 -8.09 -11.65
C HIS C 277 33.12 -8.91 -11.57
N PRO C 278 34.22 -8.39 -12.07
CA PRO C 278 35.47 -9.11 -11.94
C PRO C 278 35.80 -9.26 -10.47
N GLY C 279 36.81 -8.59 -10.00
CA GLY C 279 37.12 -8.67 -8.60
C GLY C 279 38.38 -9.44 -8.46
N GLY C 280 38.58 -10.40 -9.35
CA GLY C 280 39.77 -11.21 -9.31
C GLY C 280 39.50 -12.63 -9.77
N PRO C 281 40.56 -13.35 -10.11
CA PRO C 281 40.38 -14.69 -10.67
C PRO C 281 39.71 -15.63 -9.68
N LYS C 282 40.18 -15.65 -8.43
CA LYS C 282 39.60 -16.50 -7.40
C LYS C 282 38.11 -16.24 -7.25
N VAL C 283 37.73 -14.97 -7.30
CA VAL C 283 36.34 -14.56 -7.17
C VAL C 283 35.53 -14.99 -8.38
N ILE C 284 36.11 -14.82 -9.56
CA ILE C 284 35.43 -15.19 -10.79
C ILE C 284 35.27 -16.71 -10.85
N ASP C 285 36.30 -17.45 -10.44
CA ASP C 285 36.19 -18.90 -10.36
C ASP C 285 35.04 -19.30 -9.42
N ALA C 286 35.01 -18.68 -8.24
CA ALA C 286 33.97 -18.99 -7.25
C ALA C 286 32.56 -18.79 -7.81
N VAL C 287 32.37 -17.72 -8.57
CA VAL C 287 31.06 -17.45 -9.14
C VAL C 287 30.66 -18.53 -10.13
N ALA C 288 31.58 -18.87 -11.04
CA ALA C 288 31.37 -19.94 -12.03
C ALA C 288 31.10 -21.28 -11.36
N THR C 289 31.93 -21.60 -10.37
CA THR C 289 31.78 -22.83 -9.59
C THR C 289 30.44 -22.91 -8.88
N SER C 290 30.10 -21.87 -8.13
CA SER C 290 28.94 -21.93 -7.25
C SER C 290 27.61 -21.93 -8.02
N LEU C 291 27.58 -21.29 -9.18
CA LEU C 291 26.40 -21.27 -10.03
C LEU C 291 26.49 -22.33 -11.11
N ALA C 292 27.57 -23.10 -11.09
CA ALA C 292 27.80 -24.18 -12.07
C ALA C 292 27.50 -23.68 -13.48
N LEU C 293 28.27 -22.68 -13.91
CA LEU C 293 28.08 -22.04 -15.21
C LEU C 293 29.03 -22.66 -16.22
N PRO C 294 28.56 -22.76 -17.48
CA PRO C 294 29.42 -23.12 -18.63
C PRO C 294 30.66 -22.22 -18.67
N PRO C 295 31.76 -22.72 -19.27
CA PRO C 295 33.06 -22.03 -19.13
C PRO C 295 33.10 -20.76 -19.95
N GLU C 296 32.04 -20.51 -20.72
CA GLU C 296 32.00 -19.37 -21.62
C GLU C 296 31.15 -18.21 -21.10
N ALA C 297 30.26 -18.48 -20.15
CA ALA C 297 29.36 -17.46 -19.62
C ALA C 297 30.05 -16.21 -19.06
N LEU C 298 31.22 -16.39 -18.45
CA LEU C 298 31.91 -15.29 -17.77
C LEU C 298 33.08 -14.73 -18.57
N GLU C 299 33.19 -15.18 -19.82
CA GLU C 299 34.32 -14.88 -20.71
C GLU C 299 34.54 -13.38 -20.87
N LEU C 300 33.45 -12.67 -21.01
CA LEU C 300 33.52 -11.24 -21.18
C LEU C 300 34.09 -10.58 -19.93
N THR C 301 33.75 -11.07 -18.73
CA THR C 301 34.34 -10.43 -17.57
C THR C 301 35.81 -10.83 -17.43
N TRP C 302 36.13 -12.08 -17.73
CA TRP C 302 37.53 -12.52 -17.83
C TRP C 302 38.36 -11.66 -18.81
N ARG C 303 37.73 -11.27 -19.91
CA ARG C 303 38.45 -10.55 -20.95
C ARG C 303 38.74 -9.13 -20.49
N SER C 304 37.71 -8.50 -19.94
CA SER C 304 37.80 -7.13 -19.42
C SER C 304 38.87 -7.04 -18.33
N LEU C 305 38.81 -7.99 -17.39
CA LEU C 305 39.78 -8.09 -16.31
C LEU C 305 41.22 -8.13 -16.84
N GLY C 306 41.44 -8.89 -17.90
CA GLY C 306 42.74 -8.99 -18.52
C GLY C 306 43.13 -7.71 -19.25
N GLU C 307 42.17 -7.12 -19.93
CA GLU C 307 42.43 -5.97 -20.78
C GLU C 307 42.73 -4.71 -19.96
N ILE C 308 41.92 -4.47 -18.91
CA ILE C 308 41.96 -3.20 -18.15
C ILE C 308 41.99 -3.31 -16.61
N GLY C 309 42.12 -4.51 -16.07
CA GLY C 309 42.11 -4.70 -14.63
C GLY C 309 40.75 -4.52 -13.97
N ASN C 310 40.77 -4.41 -12.66
CA ASN C 310 39.56 -4.19 -11.83
C ASN C 310 39.39 -2.70 -11.59
N LEU C 311 38.28 -2.14 -12.07
CA LEU C 311 37.99 -0.69 -12.02
C LEU C 311 36.99 -0.39 -10.93
N SER C 312 36.87 -1.27 -9.97
CA SER C 312 35.88 -1.20 -8.93
C SER C 312 34.49 -1.17 -9.50
N SER C 313 33.69 -0.18 -9.19
CA SER C 313 32.32 -0.17 -9.70
C SER C 313 32.15 0.13 -11.19
N ALA C 314 33.16 0.70 -11.85
CA ALA C 314 33.06 0.95 -13.29
C ALA C 314 33.23 -0.33 -14.12
N SER C 315 33.96 -1.30 -13.60
CA SER C 315 34.25 -2.52 -14.36
C SER C 315 33.00 -3.23 -14.90
N ILE C 316 31.98 -3.38 -14.07
CA ILE C 316 30.78 -4.10 -14.50
C ILE C 316 30.04 -3.35 -15.60
N LEU C 317 30.28 -2.04 -15.69
CA LEU C 317 29.62 -1.23 -16.70
C LEU C 317 30.31 -1.32 -18.06
N HIS C 318 31.63 -1.51 -18.05
CA HIS C 318 32.36 -1.79 -19.29
C HIS C 318 31.91 -3.12 -19.89
N ILE C 319 31.81 -4.11 -19.01
CA ILE C 319 31.33 -5.43 -19.38
C ILE C 319 29.88 -5.37 -19.89
N LEU C 320 29.04 -4.54 -19.26
CA LEU C 320 27.67 -4.32 -19.77
C LEU C 320 27.67 -3.77 -21.20
N ARG C 321 28.56 -2.81 -21.48
CA ARG C 321 28.77 -2.30 -22.84
C ARG C 321 29.19 -3.41 -23.80
N ASP C 322 30.13 -4.24 -23.38
CA ASP C 322 30.66 -5.30 -24.22
C ASP C 322 29.59 -6.34 -24.49
N THR C 323 28.85 -6.71 -23.45
CA THR C 323 27.76 -7.67 -23.54
C THR C 323 26.71 -7.18 -24.55
N ILE C 324 26.34 -5.91 -24.42
CA ILE C 324 25.39 -5.30 -25.35
C ILE C 324 25.91 -5.30 -26.80
N GLU C 325 27.15 -4.85 -26.99
CA GLU C 325 27.78 -4.78 -28.32
C GLU C 325 27.82 -6.12 -29.06
N LYS C 326 27.83 -7.23 -28.31
CA LYS C 326 27.85 -8.56 -28.93
C LYS C 326 26.42 -9.04 -29.20
N ARG C 327 25.47 -8.15 -28.93
CA ARG C 327 24.06 -8.41 -29.15
C ARG C 327 23.62 -9.76 -28.71
N PRO C 328 23.00 -9.83 -27.56
CA PRO C 328 22.35 -11.07 -27.15
C PRO C 328 20.99 -11.22 -27.84
N PRO C 329 20.56 -12.48 -28.09
CA PRO C 329 19.29 -12.82 -28.75
C PRO C 329 18.07 -12.12 -28.13
N SER C 330 17.21 -11.55 -28.97
CA SER C 330 16.13 -10.67 -28.51
C SER C 330 15.17 -11.33 -27.52
N GLY C 331 14.81 -10.57 -26.47
CA GLY C 331 13.91 -11.08 -25.46
C GLY C 331 14.55 -12.04 -24.45
N SER C 332 15.79 -12.47 -24.69
CA SER C 332 16.46 -13.33 -23.70
C SER C 332 16.78 -12.49 -22.46
N ALA C 333 16.92 -13.15 -21.32
CA ALA C 333 17.12 -12.45 -20.06
C ALA C 333 18.60 -12.19 -19.81
N GLY C 334 18.87 -11.15 -19.02
CA GLY C 334 20.23 -10.82 -18.61
C GLY C 334 20.30 -10.76 -17.10
N LEU C 335 21.49 -11.01 -16.56
CA LEU C 335 21.67 -10.90 -15.13
C LEU C 335 23.00 -10.22 -14.86
N MET C 336 22.97 -9.03 -14.25
CA MET C 336 24.20 -8.44 -13.71
C MET C 336 24.44 -8.96 -12.29
N LEU C 337 25.69 -9.20 -11.95
CA LEU C 337 26.06 -9.70 -10.63
C LEU C 337 27.28 -8.93 -10.09
N ALA C 338 27.13 -8.25 -8.97
CA ALA C 338 28.27 -7.54 -8.36
C ALA C 338 28.38 -7.85 -6.89
N MET C 339 29.47 -7.39 -6.27
CA MET C 339 29.70 -7.65 -4.86
C MET C 339 30.67 -6.60 -4.34
N GLY C 340 30.52 -6.25 -3.06
CA GLY C 340 31.42 -5.26 -2.48
C GLY C 340 31.20 -5.12 -0.98
N PRO C 341 31.82 -4.08 -0.39
CA PRO C 341 31.78 -3.85 1.06
C PRO C 341 30.39 -4.02 1.63
N GLY C 342 30.29 -4.67 2.79
CA GLY C 342 29.00 -5.05 3.34
C GLY C 342 29.08 -6.16 4.37
N PHE C 343 29.44 -7.37 3.98
CA PHE C 343 29.61 -7.79 2.58
C PHE C 343 28.26 -8.00 1.93
N CYS C 344 28.14 -7.67 0.64
CA CYS C 344 26.86 -7.86 -0.04
C CYS C 344 27.03 -8.24 -1.49
N THR C 345 25.92 -8.65 -2.10
CA THR C 345 25.85 -8.88 -3.54
C THR C 345 24.66 -8.11 -4.07
N GLU C 346 24.64 -7.89 -5.39
CA GLU C 346 23.52 -7.23 -6.03
C GLU C 346 23.29 -7.88 -7.38
N LEU C 347 22.03 -8.11 -7.70
CA LEU C 347 21.64 -8.86 -8.88
C LEU C 347 20.70 -7.92 -9.60
N VAL C 348 20.74 -7.89 -10.91
CA VAL C 348 19.81 -7.06 -11.65
C VAL C 348 19.34 -7.87 -12.83
N LEU C 349 18.04 -8.09 -12.93
CA LEU C 349 17.53 -8.90 -14.03
C LEU C 349 17.29 -8.01 -15.24
N LEU C 350 17.73 -8.46 -16.41
CA LEU C 350 17.62 -7.67 -17.62
C LEU C 350 16.85 -8.46 -18.68
N ARG C 351 16.41 -7.80 -19.75
CA ARG C 351 15.98 -8.48 -20.96
C ARG C 351 16.51 -7.71 -22.17
N TRP C 352 17.07 -8.45 -23.12
CA TRP C 352 17.81 -7.85 -24.23
C TRP C 352 16.97 -7.53 -25.46
N ARG C 353 17.63 -7.01 -26.49
CA ARG C 353 17.01 -6.74 -27.79
C ARG C 353 17.63 -7.64 -28.87
N MET D 1 5.01 9.95 -4.63
CA MET D 1 4.02 10.41 -3.65
C MET D 1 3.96 9.45 -2.45
N SER D 2 3.75 10.00 -1.24
CA SER D 2 3.98 9.25 0.00
C SER D 2 3.61 10.01 1.28
N VAL D 3 3.78 9.35 2.43
CA VAL D 3 3.45 9.93 3.74
C VAL D 3 4.53 9.68 4.79
N ILE D 4 4.82 10.70 5.60
CA ILE D 4 5.79 10.55 6.70
C ILE D 4 5.10 9.95 7.93
N ALA D 5 5.60 8.81 8.41
CA ALA D 5 4.98 8.14 9.57
C ALA D 5 5.72 8.35 10.90
N GLY D 6 6.97 8.80 10.84
CA GLY D 6 7.78 8.94 12.04
C GLY D 6 9.00 9.82 11.86
N VAL D 7 9.22 10.70 12.82
CA VAL D 7 10.39 11.55 12.82
C VAL D 7 10.91 11.48 14.23
N PHE D 8 12.23 11.35 14.37
CA PHE D 8 12.82 11.13 15.68
C PHE D 8 14.24 11.69 15.76
N GLY D 9 14.46 12.58 16.72
CA GLY D 9 15.78 13.10 16.97
C GLY D 9 16.52 12.25 17.97
N ALA D 10 17.83 12.23 17.87
CA ALA D 10 18.67 11.55 18.84
C ALA D 10 19.91 12.39 19.02
N LEU D 11 20.34 12.59 20.25
CA LEU D 11 21.54 13.34 20.58
C LEU D 11 22.47 12.62 21.51
N PRO D 12 23.76 12.91 21.45
CA PRO D 12 24.65 12.33 22.47
C PRO D 12 24.28 12.84 23.86
N PRO D 13 24.71 12.15 24.94
CA PRO D 13 24.21 12.51 26.27
C PRO D 13 24.94 13.69 26.91
N HIS D 14 26.23 13.80 26.64
CA HIS D 14 26.99 14.98 27.01
C HIS D 14 26.36 16.23 26.44
N ARG D 15 25.62 16.97 27.25
CA ARG D 15 25.08 18.29 26.87
C ARG D 15 25.93 19.39 27.52
N TYR D 16 26.18 20.49 26.80
CA TYR D 16 26.99 21.57 27.35
C TYR D 16 26.40 22.94 27.06
N SER D 17 26.77 23.91 27.90
CA SER D 17 26.40 25.30 27.63
C SER D 17 27.48 25.94 26.77
N GLN D 18 27.10 26.96 26.00
CA GLN D 18 28.03 27.59 25.07
C GLN D 18 29.17 28.23 25.81
N SER D 19 28.88 28.65 27.03
CA SER D 19 29.88 29.26 27.89
C SER D 19 30.78 28.17 28.44
N GLU D 20 30.20 27.00 28.69
CA GLU D 20 30.94 25.84 29.17
C GLU D 20 31.93 25.37 28.08
N ILE D 21 31.47 25.42 26.83
CA ILE D 21 32.27 24.96 25.71
C ILE D 21 33.39 25.97 25.47
N THR D 22 33.02 27.24 25.41
CA THR D 22 33.99 28.29 25.13
C THR D 22 35.07 28.34 26.20
N ASP D 23 34.70 28.20 27.48
CA ASP D 23 35.73 28.27 28.54
C ASP D 23 36.82 27.21 28.36
N SER D 24 36.40 25.96 28.17
CA SER D 24 37.35 24.87 27.95
C SER D 24 38.14 25.08 26.67
N PHE D 25 37.40 25.40 25.60
CA PHE D 25 37.96 25.52 24.26
C PHE D 25 39.13 26.51 24.15
N VAL D 26 39.02 27.66 24.82
CA VAL D 26 40.05 28.68 24.69
C VAL D 26 41.32 28.28 25.39
N GLU D 27 41.22 27.24 26.23
CA GLU D 27 42.38 26.71 26.94
C GLU D 27 43.06 25.55 26.20
N PHE D 28 42.46 25.12 25.09
CA PHE D 28 43.07 24.06 24.27
C PHE D 28 44.37 24.59 23.69
N PRO D 29 45.36 23.69 23.50
CA PRO D 29 46.65 24.14 22.96
C PRO D 29 46.49 24.72 21.56
N GLY D 30 47.39 25.65 21.22
CA GLY D 30 47.33 26.37 19.96
C GLY D 30 46.46 27.62 20.03
N LEU D 31 45.35 27.52 20.75
CA LEU D 31 44.22 28.44 20.71
C LEU D 31 44.14 29.58 21.71
N LYS D 32 45.01 29.60 22.69
CA LYS D 32 44.89 30.57 23.79
C LYS D 32 45.08 32.01 23.32
N GLU D 33 46.03 32.21 22.40
CA GLU D 33 46.32 33.54 21.84
C GLU D 33 45.30 33.99 20.78
N HIS D 34 44.22 33.23 20.64
CA HIS D 34 43.09 33.63 19.81
C HIS D 34 41.86 33.64 20.70
N GLU D 35 42.08 33.85 22.00
CA GLU D 35 40.98 33.84 22.96
C GLU D 35 39.85 34.78 22.57
N GLU D 36 40.19 36.03 22.29
CA GLU D 36 39.13 37.02 22.12
C GLU D 36 38.33 36.88 20.82
N ILE D 37 38.99 36.50 19.73
CA ILE D 37 38.24 36.23 18.51
C ILE D 37 37.25 35.06 18.74
N ILE D 38 37.69 34.05 19.50
CA ILE D 38 36.86 32.87 19.76
C ILE D 38 35.62 33.20 20.58
N ARG D 39 35.82 33.86 21.72
CA ARG D 39 34.69 34.30 22.54
C ARG D 39 33.69 35.13 21.73
N ARG D 40 34.21 36.02 20.88
CA ARG D 40 33.34 36.83 20.04
C ARG D 40 32.48 35.97 19.11
N LEU D 41 33.13 35.16 18.27
CA LEU D 41 32.40 34.26 17.35
C LEU D 41 31.42 33.32 18.07
N HIS D 42 31.86 32.76 19.20
CA HIS D 42 31.02 31.85 19.98
C HIS D 42 29.82 32.55 20.59
N ALA D 43 30.02 33.74 21.13
CA ALA D 43 28.89 34.45 21.72
C ALA D 43 27.94 34.91 20.61
N ALA D 44 28.50 35.34 19.47
CA ALA D 44 27.70 35.86 18.36
C ALA D 44 26.87 34.82 17.60
N ALA D 45 27.04 33.54 17.95
CA ALA D 45 26.41 32.46 17.17
C ALA D 45 24.93 32.27 17.46
N LYS D 46 24.45 32.78 18.59
CA LYS D 46 23.05 32.57 19.00
C LYS D 46 22.74 31.08 19.14
N VAL D 47 23.70 30.38 19.74
CA VAL D 47 23.56 28.98 20.08
C VAL D 47 23.80 28.88 21.58
N ASN D 48 22.81 28.45 22.34
CA ASN D 48 22.97 28.41 23.79
C ASN D 48 23.19 27.01 24.34
N GLY D 49 23.03 26.00 23.47
CA GLY D 49 23.25 24.61 23.83
C GLY D 49 23.86 23.74 22.73
N ARG D 50 24.79 22.86 23.09
CA ARG D 50 25.29 21.85 22.15
C ARG D 50 25.60 20.53 22.80
N HIS D 51 25.05 19.47 22.23
CA HIS D 51 25.42 18.11 22.60
C HIS D 51 26.66 17.64 21.81
N LEU D 52 27.68 17.18 22.52
CA LEU D 52 28.92 16.70 21.94
C LEU D 52 29.07 15.21 22.20
N VAL D 53 29.71 14.50 21.28
CA VAL D 53 29.75 13.03 21.33
C VAL D 53 30.86 12.53 22.27
N LEU D 54 31.92 13.32 22.43
CA LEU D 54 32.97 13.07 23.44
C LEU D 54 32.84 14.05 24.60
N PRO D 55 33.38 13.70 25.78
CA PRO D 55 33.54 14.71 26.84
C PRO D 55 34.54 15.80 26.43
N LEU D 56 34.31 17.04 26.86
CA LEU D 56 35.10 18.20 26.43
C LEU D 56 36.62 18.04 26.51
N GLN D 57 37.09 17.47 27.61
CA GLN D 57 38.51 17.52 27.89
C GLN D 57 39.25 16.52 27.01
N GLN D 58 38.49 15.78 26.22
CA GLN D 58 39.09 14.77 25.34
C GLN D 58 39.46 15.34 23.96
N TYR D 59 38.80 16.40 23.51
CA TYR D 59 39.13 16.98 22.19
C TYR D 59 40.60 17.36 21.91
N PRO D 60 41.31 17.99 22.88
CA PRO D 60 42.74 18.28 22.63
C PRO D 60 43.56 17.08 22.20
N SER D 61 43.12 15.87 22.56
CA SER D 61 43.84 14.64 22.23
C SER D 61 43.44 14.10 20.85
N LEU D 62 42.43 14.69 20.23
CA LEU D 62 41.91 14.19 18.95
C LEU D 62 42.50 14.98 17.79
N THR D 63 43.80 14.79 17.53
CA THR D 63 44.53 15.53 16.51
C THR D 63 44.85 14.62 15.33
N ASP D 64 44.38 13.39 15.40
CA ASP D 64 44.59 12.41 14.33
C ASP D 64 43.26 12.09 13.63
N PHE D 65 43.25 12.30 12.34
CA PHE D 65 42.07 12.04 11.55
C PHE D 65 41.65 10.57 11.69
N GLY D 66 42.64 9.68 11.72
CA GLY D 66 42.42 8.24 11.87
C GLY D 66 41.68 7.92 13.16
N ASP D 67 42.17 8.47 14.26
CA ASP D 67 41.45 8.35 15.53
C ASP D 67 40.03 8.87 15.41
N ALA D 68 39.88 10.05 14.80
CA ALA D 68 38.57 10.71 14.80
C ALA D 68 37.51 10.02 13.92
N ASN D 69 37.93 9.53 12.75
CA ASN D 69 37.04 8.80 11.85
C ASN D 69 36.58 7.44 12.40
N GLU D 70 37.48 6.72 13.07
CA GLU D 70 37.17 5.44 13.68
C GLU D 70 36.16 5.68 14.76
N ILE D 71 36.37 6.75 15.53
CA ILE D 71 35.38 7.09 16.53
C ILE D 71 34.10 7.56 15.84
N PHE D 72 34.22 8.35 14.77
CA PHE D 72 33.01 8.68 14.01
C PHE D 72 32.21 7.41 13.72
N ILE D 73 32.88 6.37 13.22
CA ILE D 73 32.14 5.20 12.72
C ILE D 73 31.35 4.51 13.83
N GLU D 74 32.02 4.28 14.96
CA GLU D 74 31.40 3.65 16.10
C GLU D 74 30.26 4.51 16.69
N LYS D 75 30.50 5.79 17.00
CA LYS D 75 29.42 6.62 17.56
C LYS D 75 28.28 6.88 16.56
N ALA D 76 28.61 7.07 15.29
CA ALA D 76 27.53 7.35 14.32
C ALA D 76 26.60 6.16 14.13
N VAL D 77 27.11 4.93 14.21
CA VAL D 77 26.23 3.76 14.09
C VAL D 77 25.29 3.66 15.29
N ASP D 78 25.83 3.78 16.50
CA ASP D 78 25.03 3.90 17.71
C ASP D 78 23.89 4.91 17.57
N LEU D 79 24.21 6.13 17.15
CA LEU D 79 23.17 7.18 17.06
C LEU D 79 22.17 6.96 15.93
N GLY D 80 22.62 6.45 14.79
CA GLY D 80 21.72 6.23 13.68
C GLY D 80 20.71 5.18 14.11
N VAL D 81 21.20 4.21 14.87
CA VAL D 81 20.36 3.13 15.35
C VAL D 81 19.31 3.71 16.28
N GLU D 82 19.75 4.43 17.30
CA GLU D 82 18.81 5.07 18.23
C GLU D 82 17.75 5.89 17.51
N ALA D 83 18.16 6.70 16.53
CA ALA D 83 17.19 7.54 15.80
C ALA D 83 16.22 6.71 14.96
N LEU D 84 16.71 5.67 14.29
CA LEU D 84 15.82 4.82 13.48
C LEU D 84 14.78 4.14 14.37
N LEU D 85 15.23 3.57 15.48
CA LEU D 85 14.35 2.87 16.40
C LEU D 85 13.25 3.76 16.85
N GLY D 86 13.61 4.95 17.28
CA GLY D 86 12.66 5.95 17.75
C GLY D 86 11.66 6.34 16.68
N ALA D 87 12.14 6.50 15.44
CA ALA D 87 11.24 6.89 14.36
C ALA D 87 10.34 5.74 13.94
N LEU D 88 10.83 4.52 14.17
CA LEU D 88 10.12 3.28 13.83
C LEU D 88 8.99 3.00 14.83
N ASP D 89 9.31 3.15 16.11
CA ASP D 89 8.32 3.07 17.18
C ASP D 89 7.24 4.16 17.01
N ASP D 90 7.68 5.38 16.72
CA ASP D 90 6.80 6.54 16.54
C ASP D 90 5.78 6.25 15.43
N ALA D 91 6.19 5.41 14.49
CA ALA D 91 5.39 5.02 13.33
C ALA D 91 4.74 3.63 13.48
N ASN D 92 4.99 2.99 14.62
CA ASN D 92 4.53 1.61 14.85
C ASN D 92 4.89 0.57 13.77
N LEU D 93 6.15 0.61 13.31
CA LEU D 93 6.68 -0.42 12.43
C LEU D 93 7.93 -1.08 13.03
N ARG D 94 8.45 -2.09 12.34
CA ARG D 94 9.65 -2.76 12.83
C ARG D 94 10.75 -2.77 11.78
N PRO D 95 12.02 -2.87 12.22
CA PRO D 95 13.15 -2.94 11.29
C PRO D 95 12.91 -3.87 10.09
N SER D 96 12.13 -4.94 10.28
CA SER D 96 11.87 -5.91 9.20
C SER D 96 10.90 -5.39 8.13
N ASP D 97 10.28 -4.25 8.39
CA ASP D 97 9.31 -3.66 7.47
C ASP D 97 10.00 -2.75 6.45
N ILE D 98 11.20 -2.27 6.81
CA ILE D 98 12.00 -1.38 5.96
C ILE D 98 12.46 -2.03 4.67
N ASP D 99 12.00 -1.47 3.55
CA ASP D 99 12.41 -1.94 2.23
C ASP D 99 13.60 -1.17 1.66
N MET D 100 13.80 0.06 2.15
CA MET D 100 14.90 0.87 1.65
C MET D 100 15.42 1.81 2.74
N ILE D 101 16.74 1.82 2.93
CA ILE D 101 17.37 2.73 3.89
C ILE D 101 18.37 3.68 3.23
N ALA D 102 18.17 4.97 3.42
CA ALA D 102 19.09 5.97 2.91
C ALA D 102 19.78 6.63 4.08
N THR D 103 21.03 7.01 3.88
CA THR D 103 21.85 7.40 4.99
C THR D 103 22.52 8.71 4.57
N ALA D 104 22.59 9.68 5.48
CA ALA D 104 23.25 10.92 5.13
C ALA D 104 24.23 11.41 6.19
N THR D 105 25.43 11.72 5.73
CA THR D 105 26.42 12.33 6.59
C THR D 105 27.39 13.10 5.75
N VAL D 106 28.20 13.92 6.39
CA VAL D 106 29.16 14.70 5.64
C VAL D 106 30.38 14.84 6.55
N THR D 107 30.28 14.23 7.72
CA THR D 107 31.32 14.39 8.75
C THR D 107 32.19 13.18 9.05
N GLY D 108 32.14 12.15 8.21
CA GLY D 108 32.97 10.97 8.41
C GLY D 108 32.96 10.10 7.17
N VAL D 109 33.86 9.11 7.10
CA VAL D 109 34.03 8.34 5.87
C VAL D 109 33.97 6.89 6.26
N ALA D 110 32.91 6.24 5.82
CA ALA D 110 32.66 4.87 6.23
C ALA D 110 32.38 4.02 5.00
N VAL D 111 33.26 3.04 4.80
CA VAL D 111 33.13 1.99 3.79
C VAL D 111 33.51 0.64 4.46
N PRO D 112 32.54 -0.29 4.64
CA PRO D 112 31.13 -0.23 4.24
C PRO D 112 30.36 0.92 4.90
N SER D 113 29.36 1.43 4.21
CA SER D 113 28.65 2.64 4.61
C SER D 113 27.90 2.48 5.94
N LEU D 114 27.40 3.59 6.46
CA LEU D 114 26.65 3.62 7.71
C LEU D 114 25.36 2.79 7.59
N ASP D 115 24.71 2.82 6.44
CA ASP D 115 23.50 2.02 6.27
C ASP D 115 23.78 0.52 6.27
N ALA D 116 24.96 0.12 5.84
CA ALA D 116 25.30 -1.28 5.95
C ALA D 116 25.41 -1.68 7.42
N ARG D 117 25.96 -0.78 8.24
CA ARG D 117 26.24 -1.14 9.65
C ARG D 117 24.97 -1.10 10.50
N ILE D 118 24.11 -0.13 10.22
CA ILE D 118 22.84 0.05 10.94
C ILE D 118 21.90 -1.13 10.64
N ALA D 119 21.96 -1.59 9.39
CA ALA D 119 21.12 -2.70 8.97
C ALA D 119 21.47 -3.93 9.79
N GLY D 120 22.77 -4.24 9.83
CA GLY D 120 23.28 -5.41 10.54
C GLY D 120 22.96 -5.32 12.01
N ARG D 121 23.07 -4.12 12.57
CA ARG D 121 22.70 -3.85 13.95
C ARG D 121 21.23 -4.09 14.25
N LEU D 122 20.34 -3.41 13.54
CA LEU D 122 18.91 -3.52 13.83
C LEU D 122 18.25 -4.78 13.24
N GLY D 123 18.99 -5.54 12.44
CA GLY D 123 18.46 -6.75 11.84
C GLY D 123 17.51 -6.51 10.68
N LEU D 124 17.86 -5.58 9.80
CA LEU D 124 17.05 -5.36 8.60
C LEU D 124 17.16 -6.58 7.69
N ARG D 125 16.20 -6.72 6.79
CA ARG D 125 16.24 -7.80 5.82
C ARG D 125 17.50 -7.67 4.99
N PRO D 126 18.16 -8.79 4.71
CA PRO D 126 19.34 -8.77 3.83
C PRO D 126 19.05 -8.18 2.44
N ASP D 127 17.79 -8.19 2.00
CA ASP D 127 17.45 -7.68 0.66
C ASP D 127 17.10 -6.19 0.64
N VAL D 128 17.29 -5.51 1.76
CA VAL D 128 17.01 -4.07 1.83
C VAL D 128 17.92 -3.25 0.91
N ARG D 129 17.30 -2.33 0.17
CA ARG D 129 17.99 -1.42 -0.74
C ARG D 129 18.67 -0.32 0.07
N ARG D 130 19.94 -0.08 -0.23
CA ARG D 130 20.74 0.86 0.55
C ARG D 130 21.16 2.03 -0.31
N MET D 131 20.95 3.25 0.21
CA MET D 131 21.30 4.48 -0.50
C MET D 131 22.16 5.39 0.38
N PRO D 132 23.47 5.15 0.40
CA PRO D 132 24.39 5.95 1.21
C PRO D 132 24.74 7.29 0.57
N LEU D 133 24.10 8.36 1.03
CA LEU D 133 24.34 9.67 0.45
C LEU D 133 25.48 10.39 1.17
N PHE D 134 26.53 10.69 0.42
CA PHE D 134 27.63 11.44 0.96
C PHE D 134 27.88 12.67 0.13
N GLY D 135 27.92 13.82 0.79
CA GLY D 135 28.46 15.02 0.18
C GLY D 135 27.41 16.08 -0.09
N LEU D 136 26.17 15.79 0.28
CA LEU D 136 25.08 16.74 0.16
C LEU D 136 25.18 17.78 1.25
N GLY D 137 25.91 17.45 2.31
CA GLY D 137 26.10 18.39 3.40
C GLY D 137 24.83 18.79 4.10
N CYS D 138 24.63 20.10 4.28
CA CYS D 138 23.49 20.61 5.02
C CYS D 138 22.15 20.45 4.32
N VAL D 139 22.17 20.22 3.01
CA VAL D 139 20.91 20.09 2.26
C VAL D 139 20.33 18.67 2.40
N ALA D 140 21.09 17.80 3.04
CA ALA D 140 20.76 16.38 2.96
C ALA D 140 19.49 15.97 3.68
N GLY D 141 19.07 16.75 4.68
CA GLY D 141 17.87 16.40 5.45
C GLY D 141 16.66 16.51 4.55
N ALA D 142 16.59 17.60 3.79
CA ALA D 142 15.47 17.85 2.91
C ALA D 142 15.61 17.04 1.61
N ALA D 143 16.79 17.10 1.01
CA ALA D 143 17.02 16.34 -0.21
C ALA D 143 16.80 14.85 0.10
N GLY D 144 17.10 14.46 1.34
CA GLY D 144 16.91 13.08 1.78
C GLY D 144 15.45 12.65 1.68
N VAL D 145 14.59 13.51 2.22
CA VAL D 145 13.16 13.27 2.18
C VAL D 145 12.69 13.15 0.74
N ALA D 146 13.25 13.98 -0.14
CA ALA D 146 12.87 13.99 -1.55
C ALA D 146 13.24 12.68 -2.25
N ARG D 147 14.35 12.08 -1.86
CA ARG D 147 14.77 10.83 -2.49
C ARG D 147 13.87 9.68 -2.06
N LEU D 148 13.38 9.79 -0.82
CA LEU D 148 12.47 8.83 -0.23
C LEU D 148 11.13 8.87 -1.00
N ARG D 149 10.66 10.09 -1.22
CA ARG D 149 9.48 10.35 -2.04
C ARG D 149 9.65 9.71 -3.41
N ASP D 150 10.77 10.02 -4.08
CA ASP D 150 11.05 9.48 -5.41
C ASP D 150 11.03 7.98 -5.40
N TYR D 151 11.64 7.38 -4.38
CA TYR D 151 11.62 5.93 -4.25
C TYR D 151 10.19 5.37 -4.07
N LEU D 152 9.42 5.97 -3.16
CA LEU D 152 8.10 5.45 -2.81
C LEU D 152 7.12 5.70 -3.95
N ARG D 153 7.36 6.77 -4.71
CA ARG D 153 6.55 7.09 -5.89
C ARG D 153 6.61 5.91 -6.88
N GLY D 154 7.71 5.16 -6.85
CA GLY D 154 7.89 4.01 -7.73
C GLY D 154 7.65 2.68 -7.04
N ALA D 155 7.46 2.74 -5.72
CA ALA D 155 7.27 1.54 -4.90
C ALA D 155 6.20 1.85 -3.86
N PRO D 156 4.95 1.93 -4.31
CA PRO D 156 3.87 2.50 -3.51
C PRO D 156 3.54 1.67 -2.28
N ASP D 157 3.93 0.40 -2.27
CA ASP D 157 3.64 -0.47 -1.11
C ASP D 157 4.76 -0.57 -0.05
N ASP D 158 5.85 0.17 -0.25
CA ASP D 158 7.04 0.00 0.60
C ASP D 158 7.20 1.01 1.73
N VAL D 159 8.16 0.71 2.61
CA VAL D 159 8.61 1.57 3.70
C VAL D 159 10.03 1.97 3.35
N ALA D 160 10.44 3.19 3.70
CA ALA D 160 11.76 3.72 3.34
C ALA D 160 12.15 4.71 4.40
N VAL D 161 13.39 4.63 4.86
CA VAL D 161 13.81 5.45 5.99
C VAL D 161 15.07 6.26 5.63
N LEU D 162 15.17 7.45 6.20
CA LEU D 162 16.33 8.27 6.00
C LEU D 162 16.96 8.40 7.36
N VAL D 163 18.26 8.24 7.45
CA VAL D 163 18.94 8.43 8.74
C VAL D 163 20.08 9.40 8.50
N SER D 164 20.01 10.55 9.16
CA SER D 164 21.07 11.53 9.04
C SER D 164 21.87 11.51 10.33
N VAL D 165 23.19 11.40 10.22
CA VAL D 165 24.07 11.42 11.38
C VAL D 165 25.25 12.33 11.13
N GLU D 166 25.33 13.42 11.88
CA GLU D 166 26.41 14.37 11.69
C GLU D 166 27.11 14.56 13.02
N LEU D 167 28.38 14.26 13.05
CA LEU D 167 29.15 14.40 14.24
C LEU D 167 30.25 15.38 14.01
N CYS D 168 29.84 16.59 13.73
CA CYS D 168 30.69 17.70 13.42
C CYS D 168 31.85 17.90 14.34
N SER D 169 31.69 17.60 15.58
CA SER D 169 32.73 17.86 16.57
C SER D 169 33.91 16.95 16.32
N LEU D 170 33.63 15.82 15.67
CA LEU D 170 34.68 14.87 15.33
C LEU D 170 35.61 15.36 14.23
N THR D 171 35.31 16.48 13.57
CA THR D 171 36.21 16.99 12.55
C THR D 171 37.31 17.85 13.19
N TYR D 172 37.34 17.88 14.52
CA TYR D 172 38.40 18.60 15.26
C TYR D 172 39.87 18.50 14.77
N PRO D 173 40.31 17.31 14.29
CA PRO D 173 41.70 17.27 13.83
C PRO D 173 42.00 18.25 12.70
N ALA D 174 40.98 18.69 11.97
CA ALA D 174 41.16 19.60 10.84
C ALA D 174 40.97 21.11 11.21
N VAL D 175 40.48 21.39 12.42
CA VAL D 175 40.25 22.78 12.86
C VAL D 175 41.56 23.55 12.98
N LYS D 176 41.58 24.79 12.48
CA LYS D 176 42.74 25.70 12.59
C LYS D 176 42.28 27.03 13.19
N PRO D 177 43.17 27.79 13.83
CA PRO D 177 42.82 29.07 14.40
C PRO D 177 42.58 30.08 13.31
N THR D 178 41.48 29.88 12.62
CA THR D 178 41.19 30.52 11.36
C THR D 178 39.71 30.89 11.37
N VAL D 179 39.37 32.00 10.73
CA VAL D 179 38.02 32.52 10.75
C VAL D 179 36.95 31.51 10.31
N SER D 180 37.13 30.89 9.15
CA SER D 180 36.16 29.90 8.69
C SER D 180 36.09 28.75 9.67
N SER D 181 37.25 28.28 10.10
CA SER D 181 37.30 27.19 11.06
C SER D 181 36.65 27.58 12.40
N LEU D 182 37.19 28.61 13.03
CA LEU D 182 36.64 29.09 14.31
C LEU D 182 35.16 29.41 14.22
N VAL D 183 34.67 29.90 13.08
CA VAL D 183 33.22 30.07 12.94
C VAL D 183 32.46 28.75 13.12
N GLY D 184 32.88 27.71 12.41
CA GLY D 184 32.26 26.41 12.53
C GLY D 184 32.29 25.89 13.96
N THR D 185 33.32 26.29 14.70
CA THR D 185 33.46 25.82 16.06
C THR D 185 32.44 26.53 16.97
N ALA D 186 31.94 27.67 16.52
CA ALA D 186 30.90 28.38 17.26
C ALA D 186 29.51 27.78 17.01
N LEU D 187 29.28 27.25 15.81
CA LEU D 187 27.94 26.87 15.38
C LEU D 187 27.61 25.40 15.59
N PHE D 188 28.54 24.54 15.22
CA PHE D 188 28.22 23.13 14.99
C PHE D 188 28.26 22.24 16.22
N GLY D 189 27.22 21.43 16.35
CA GLY D 189 27.15 20.43 17.40
C GLY D 189 27.03 19.03 16.80
N ASP D 190 26.74 18.05 17.67
CA ASP D 190 26.61 16.66 17.24
C ASP D 190 25.15 16.21 17.38
N GLY D 191 24.70 15.41 16.41
CA GLY D 191 23.35 14.90 16.45
C GLY D 191 23.02 13.91 15.35
N ALA D 192 21.81 13.34 15.46
CA ALA D 192 21.31 12.36 14.51
C ALA D 192 19.80 12.50 14.44
N ALA D 193 19.20 11.98 13.37
CA ALA D 193 17.76 12.01 13.22
C ALA D 193 17.35 10.98 12.16
N ALA D 194 16.12 10.49 12.24
CA ALA D 194 15.63 9.54 11.23
C ALA D 194 14.20 9.88 10.83
N VAL D 195 13.89 9.69 9.55
CA VAL D 195 12.53 9.83 9.07
C VAL D 195 12.12 8.44 8.58
N VAL D 196 10.91 8.02 8.94
CA VAL D 196 10.29 6.83 8.38
C VAL D 196 9.13 7.28 7.51
N ALA D 197 9.10 6.83 6.26
CA ALA D 197 8.08 7.25 5.31
C ALA D 197 7.53 6.03 4.58
N VAL D 198 6.29 6.11 4.11
CA VAL D 198 5.66 4.98 3.44
C VAL D 198 5.00 5.41 2.14
N GLY D 199 4.94 4.48 1.17
CA GLY D 199 4.27 4.75 -0.08
C GLY D 199 2.77 4.88 0.13
N ASP D 200 2.06 5.36 -0.88
CA ASP D 200 0.60 5.58 -0.76
C ASP D 200 -0.21 4.30 -0.45
N ARG D 201 -0.04 3.26 -1.26
CA ARG D 201 -0.74 2.00 -1.00
C ARG D 201 -0.34 1.33 0.31
N ARG D 202 0.76 1.76 0.93
CA ARG D 202 1.13 1.23 2.25
C ARG D 202 0.49 2.03 3.39
N ALA D 203 0.24 3.32 3.16
CA ALA D 203 -0.51 4.10 4.14
C ALA D 203 -1.98 3.71 4.11
N GLU D 204 -2.38 3.02 3.04
CA GLU D 204 -3.73 2.48 2.86
C GLU D 204 -3.80 1.07 3.46
N GLN D 205 -2.70 0.65 4.08
CA GLN D 205 -2.64 -0.63 4.80
C GLN D 205 -2.22 -0.39 6.25
N VAL D 206 -2.34 0.86 6.68
CA VAL D 206 -1.73 1.26 7.95
C VAL D 206 -2.26 2.62 8.33
N ARG D 207 -1.80 3.09 9.48
CA ARG D 207 -2.29 4.33 10.06
C ARG D 207 -1.16 5.34 10.02
N ALA D 208 -0.61 5.54 8.84
CA ALA D 208 0.46 6.53 8.68
C ALA D 208 -0.08 7.92 8.99
N GLY D 209 0.24 8.44 10.17
CA GLY D 209 -0.42 9.64 10.66
C GLY D 209 0.26 10.99 10.50
N GLY D 210 1.32 11.06 9.71
CA GLY D 210 2.04 12.31 9.51
C GLY D 210 1.81 13.00 8.18
N PRO D 211 2.60 14.05 7.89
CA PRO D 211 2.39 14.88 6.71
C PRO D 211 2.65 14.13 5.41
N ASP D 212 1.96 14.53 4.33
CA ASP D 212 2.17 13.93 3.01
C ASP D 212 3.32 14.67 2.31
N ILE D 213 4.12 13.95 1.52
CA ILE D 213 5.17 14.60 0.75
C ILE D 213 4.67 14.79 -0.68
N LEU D 214 4.32 16.03 -1.01
CA LEU D 214 3.69 16.30 -2.30
C LEU D 214 4.68 16.32 -3.47
N ASP D 215 5.81 16.99 -3.29
CA ASP D 215 6.74 17.22 -4.37
C ASP D 215 8.03 17.82 -3.83
N SER D 216 9.08 17.77 -4.64
CA SER D 216 10.34 18.38 -4.26
C SER D 216 10.96 19.09 -5.44
N ARG D 217 11.81 20.07 -5.16
CA ARG D 217 12.58 20.70 -6.22
C ARG D 217 13.97 21.07 -5.73
N SER D 218 14.97 20.61 -6.47
CA SER D 218 16.34 21.01 -6.23
C SER D 218 16.67 22.19 -7.12
N SER D 219 17.66 22.96 -6.71
CA SER D 219 18.14 24.10 -7.48
C SER D 219 19.64 24.22 -7.21
N LEU D 220 20.44 23.77 -8.17
CA LEU D 220 21.89 23.86 -8.08
C LEU D 220 22.33 25.15 -8.77
N TYR D 221 23.10 25.99 -8.08
CA TYR D 221 23.47 27.29 -8.64
C TYR D 221 24.79 27.19 -9.41
N PRO D 222 24.87 27.88 -10.56
CA PRO D 222 26.05 27.78 -11.43
C PRO D 222 27.24 28.51 -10.83
N ASP D 223 28.42 28.01 -11.16
CA ASP D 223 29.69 28.66 -10.79
C ASP D 223 29.77 28.98 -9.30
N SER D 224 29.25 28.08 -8.47
CA SER D 224 29.21 28.29 -7.02
C SER D 224 29.87 27.21 -6.14
N LEU D 225 30.71 26.36 -6.73
CA LEU D 225 31.39 25.31 -5.98
C LEU D 225 32.11 25.85 -4.72
N HIS D 226 32.69 27.04 -4.85
CA HIS D 226 33.51 27.65 -3.80
C HIS D 226 32.72 28.12 -2.57
N ILE D 227 31.39 28.14 -2.67
CA ILE D 227 30.54 28.72 -1.62
C ILE D 227 30.65 27.98 -0.30
N MET D 228 30.55 26.65 -0.37
CA MET D 228 30.81 25.79 0.78
C MET D 228 31.26 24.40 0.34
N GLY D 229 31.93 23.70 1.24
CA GLY D 229 32.43 22.35 0.99
C GLY D 229 33.53 22.00 1.98
N TRP D 230 34.22 20.88 1.70
CA TRP D 230 35.34 20.38 2.52
C TRP D 230 36.65 20.56 1.79
N ASP D 231 37.70 20.95 2.52
CA ASP D 231 39.05 20.69 2.07
C ASP D 231 39.51 19.40 2.75
N VAL D 232 39.80 18.36 1.97
CA VAL D 232 40.16 17.05 2.50
C VAL D 232 41.67 16.87 2.45
N GLY D 233 42.22 16.14 3.41
CA GLY D 233 43.66 15.96 3.49
C GLY D 233 44.07 15.20 4.73
N SER D 234 45.37 15.20 5.03
CA SER D 234 45.90 14.38 6.11
C SER D 234 45.28 14.68 7.47
N HIS D 235 44.72 15.87 7.64
CA HIS D 235 44.14 16.24 8.95
C HIS D 235 42.65 16.00 9.01
N GLY D 236 42.08 15.49 7.92
CA GLY D 236 40.66 15.23 7.92
C GLY D 236 39.93 16.22 7.06
N LEU D 237 38.73 16.57 7.52
CA LEU D 237 37.77 17.37 6.79
C LEU D 237 37.77 18.82 7.31
N ARG D 238 38.39 19.74 6.57
CA ARG D 238 38.50 21.14 6.98
C ARG D 238 37.45 22.03 6.33
N LEU D 239 36.73 22.77 7.16
CA LEU D 239 35.62 23.57 6.67
C LEU D 239 36.08 24.71 5.78
N ARG D 240 35.44 24.81 4.62
CA ARG D 240 35.56 26.02 3.80
C ARG D 240 34.22 26.76 3.79
N LEU D 241 34.26 28.05 4.11
CA LEU D 241 33.03 28.84 4.19
C LEU D 241 33.22 30.12 3.44
N SER D 242 32.25 30.44 2.59
CA SER D 242 32.35 31.67 1.82
C SER D 242 31.44 32.74 2.37
N PRO D 243 31.95 33.99 2.41
CA PRO D 243 31.15 35.16 2.81
C PRO D 243 30.09 35.44 1.75
N ASP D 244 30.34 35.01 0.51
CA ASP D 244 29.39 35.21 -0.58
C ASP D 244 28.07 34.44 -0.39
N LEU D 245 27.96 33.70 0.70
CA LEU D 245 26.79 32.84 0.96
C LEU D 245 25.48 33.62 1.12
N THR D 246 25.40 34.44 2.17
CA THR D 246 24.22 35.29 2.40
C THR D 246 23.74 36.02 1.13
N ASN D 247 24.66 36.76 0.49
CA ASN D 247 24.38 37.48 -0.76
C ASN D 247 23.79 36.61 -1.87
N LEU D 248 24.23 35.36 -1.92
CA LEU D 248 23.75 34.42 -2.92
C LEU D 248 22.31 34.05 -2.60
N ILE D 249 22.02 33.83 -1.32
CA ILE D 249 20.66 33.55 -0.87
C ILE D 249 19.70 34.65 -1.32
N GLU D 250 20.04 35.89 -0.96
CA GLU D 250 19.19 37.05 -1.21
C GLU D 250 18.79 37.15 -2.70
N ARG D 251 19.78 36.94 -3.56
CA ARG D 251 19.60 37.12 -4.98
C ARG D 251 18.67 36.07 -5.58
N TYR D 252 18.86 34.82 -5.18
CA TYR D 252 18.27 33.70 -5.91
C TYR D 252 17.11 32.95 -5.22
N LEU D 253 17.04 33.04 -3.89
CA LEU D 253 16.16 32.13 -3.16
C LEU D 253 14.70 32.34 -3.47
N ALA D 254 14.24 33.60 -3.40
CA ALA D 254 12.86 33.94 -3.71
C ALA D 254 12.43 33.35 -5.06
N ASN D 255 13.25 33.58 -6.08
CA ASN D 255 12.96 33.01 -7.40
C ASN D 255 12.85 31.47 -7.40
N ASP D 256 13.68 30.77 -6.61
CA ASP D 256 13.54 29.31 -6.45
C ASP D 256 12.17 28.96 -5.87
N VAL D 257 11.82 29.65 -4.79
CA VAL D 257 10.57 29.38 -4.11
C VAL D 257 9.40 29.66 -5.07
N THR D 258 9.40 30.85 -5.68
CA THR D 258 8.35 31.25 -6.60
C THR D 258 8.12 30.18 -7.67
N THR D 259 9.17 29.83 -8.41
CA THR D 259 9.11 28.82 -9.44
C THR D 259 8.45 27.52 -8.97
N PHE D 260 8.83 27.07 -7.78
CA PHE D 260 8.32 25.81 -7.22
C PHE D 260 6.86 25.88 -6.79
N LEU D 261 6.50 26.91 -6.01
CA LEU D 261 5.13 27.08 -5.59
C LEU D 261 4.17 27.40 -6.76
N ASP D 262 4.70 28.07 -7.78
CA ASP D 262 3.91 28.36 -8.97
C ASP D 262 3.51 27.07 -9.68
N ALA D 263 4.37 26.05 -9.58
CA ALA D 263 4.09 24.76 -10.20
C ALA D 263 2.91 24.06 -9.50
N HIS D 264 2.59 24.51 -8.30
CA HIS D 264 1.52 23.92 -7.50
C HIS D 264 0.44 24.95 -7.18
N ARG D 265 0.46 26.05 -7.93
CA ARG D 265 -0.53 27.13 -7.81
C ARG D 265 -0.71 27.63 -6.36
N LEU D 266 0.39 28.09 -5.78
CA LEU D 266 0.40 28.62 -4.42
C LEU D 266 1.45 29.72 -4.35
N THR D 267 1.51 30.40 -3.21
CA THR D 267 2.61 31.34 -2.94
C THR D 267 3.02 31.21 -1.48
N LYS D 268 4.03 31.99 -1.08
CA LYS D 268 4.60 31.92 0.28
C LYS D 268 3.55 32.08 1.37
N ASP D 269 2.43 32.70 0.98
CA ASP D 269 1.35 33.03 1.89
C ASP D 269 0.38 31.83 2.01
N ASP D 270 0.42 30.96 1.01
CA ASP D 270 -0.38 29.73 1.04
C ASP D 270 0.25 28.64 1.94
N ILE D 271 1.55 28.77 2.22
CA ILE D 271 2.20 27.80 3.11
C ILE D 271 2.12 28.27 4.56
N GLY D 272 1.73 27.36 5.46
CA GLY D 272 1.45 27.71 6.85
C GLY D 272 2.36 27.09 7.89
N ALA D 273 3.48 26.53 7.42
CA ALA D 273 4.54 26.00 8.30
C ALA D 273 5.87 25.93 7.56
N TRP D 274 6.83 26.75 7.99
CA TRP D 274 8.15 26.80 7.38
C TRP D 274 9.15 25.91 8.13
N VAL D 275 9.90 25.09 7.37
CA VAL D 275 10.88 24.17 7.94
C VAL D 275 12.26 24.39 7.31
N SER D 276 13.05 25.27 7.92
CA SER D 276 14.30 25.70 7.28
C SER D 276 15.53 25.26 8.03
N HIS D 277 16.65 25.20 7.30
CA HIS D 277 17.92 24.79 7.90
C HIS D 277 18.49 25.98 8.68
N PRO D 278 18.91 25.73 9.94
CA PRO D 278 19.48 26.80 10.79
C PRO D 278 20.96 27.01 10.51
N GLY D 279 21.29 27.57 9.36
CA GLY D 279 22.70 27.74 9.01
C GLY D 279 23.54 28.55 9.99
N GLY D 280 22.88 29.36 10.82
CA GLY D 280 23.55 30.36 11.64
C GLY D 280 22.73 31.64 11.54
N PRO D 281 22.94 32.59 12.45
CA PRO D 281 22.09 33.79 12.50
C PRO D 281 22.06 34.58 11.18
N LYS D 282 23.23 34.91 10.62
CA LYS D 282 23.30 35.65 9.36
C LYS D 282 22.46 34.98 8.26
N VAL D 283 22.56 33.65 8.15
CA VAL D 283 21.86 32.89 7.13
C VAL D 283 20.35 32.89 7.30
N ILE D 284 19.91 32.61 8.53
CA ILE D 284 18.47 32.63 8.84
C ILE D 284 17.86 34.01 8.52
N ASP D 285 18.56 35.08 8.89
CA ASP D 285 18.14 36.44 8.56
C ASP D 285 17.94 36.61 7.06
N ALA D 286 18.94 36.13 6.30
CA ALA D 286 18.93 36.22 4.85
C ALA D 286 17.71 35.52 4.29
N VAL D 287 17.34 34.40 4.89
CA VAL D 287 16.18 33.66 4.41
C VAL D 287 14.88 34.39 4.70
N ALA D 288 14.75 34.91 5.93
CA ALA D 288 13.56 35.65 6.31
C ALA D 288 13.42 36.91 5.44
N THR D 289 14.50 37.68 5.36
CA THR D 289 14.52 38.88 4.52
C THR D 289 14.15 38.59 3.06
N SER D 290 14.96 37.76 2.39
CA SER D 290 14.76 37.49 0.97
C SER D 290 13.39 36.90 0.62
N LEU D 291 12.75 36.25 1.60
CA LEU D 291 11.43 35.64 1.39
C LEU D 291 10.30 36.50 1.99
N ALA D 292 10.67 37.67 2.53
CA ALA D 292 9.72 38.56 3.20
C ALA D 292 8.86 37.82 4.21
N LEU D 293 9.52 37.16 5.15
CA LEU D 293 8.83 36.26 6.08
C LEU D 293 8.49 36.95 7.40
N PRO D 294 7.30 36.63 7.96
CA PRO D 294 6.92 37.04 9.33
C PRO D 294 8.02 36.63 10.28
N PRO D 295 8.27 37.42 11.33
CA PRO D 295 9.44 37.18 12.18
C PRO D 295 9.31 35.90 13.03
N GLU D 296 8.11 35.31 13.03
CA GLU D 296 7.84 34.08 13.77
C GLU D 296 7.52 32.85 12.90
N ALA D 297 7.65 33.01 11.57
CA ALA D 297 7.55 31.86 10.65
C ALA D 297 8.79 30.97 10.75
N LEU D 298 9.91 31.56 11.18
CA LEU D 298 11.16 30.82 11.39
C LEU D 298 11.49 30.68 12.86
N GLU D 299 10.48 30.58 13.73
CA GLU D 299 10.73 30.53 15.17
C GLU D 299 11.34 29.19 15.61
N LEU D 300 10.75 28.09 15.16
CA LEU D 300 11.26 26.74 15.48
C LEU D 300 12.75 26.57 15.14
N THR D 301 13.12 27.05 13.96
CA THR D 301 14.51 26.99 13.49
C THR D 301 15.46 27.77 14.40
N TRP D 302 15.06 28.97 14.82
CA TRP D 302 15.85 29.75 15.78
C TRP D 302 15.96 29.00 17.09
N ARG D 303 14.87 28.36 17.48
CA ARG D 303 14.78 27.70 18.77
C ARG D 303 15.73 26.49 18.81
N SER D 304 15.61 25.62 17.79
CA SER D 304 16.52 24.48 17.65
C SER D 304 17.99 24.89 17.66
N LEU D 305 18.32 25.92 16.89
CA LEU D 305 19.69 26.41 16.83
C LEU D 305 20.14 26.89 18.21
N GLY D 306 19.24 27.52 18.96
CA GLY D 306 19.52 27.89 20.34
C GLY D 306 19.81 26.69 21.23
N GLU D 307 18.97 25.66 21.07
CA GLU D 307 19.03 24.45 21.90
C GLU D 307 20.14 23.44 21.54
N ILE D 308 20.29 23.12 20.25
CA ILE D 308 21.27 22.10 19.84
C ILE D 308 22.38 22.53 18.84
N GLY D 309 22.36 23.78 18.40
CA GLY D 309 23.32 24.26 17.42
C GLY D 309 23.01 23.73 16.03
N ASN D 310 23.95 23.90 15.11
CA ASN D 310 23.82 23.42 13.73
C ASN D 310 24.27 21.95 13.66
N LEU D 311 23.36 21.06 13.29
CA LEU D 311 23.67 19.63 13.22
C LEU D 311 23.80 19.17 11.76
N SER D 312 24.28 20.07 10.91
CA SER D 312 24.32 19.79 9.49
C SER D 312 22.96 19.27 9.02
N SER D 313 22.97 18.30 8.14
CA SER D 313 21.74 17.69 7.71
C SER D 313 20.81 17.25 8.82
N ALA D 314 21.29 17.05 10.01
CA ALA D 314 20.37 16.55 11.04
C ALA D 314 19.39 17.63 11.52
N SER D 315 19.85 18.88 11.62
CA SER D 315 19.03 19.97 12.15
C SER D 315 17.66 20.11 11.53
N ILE D 316 17.56 20.05 10.21
CA ILE D 316 16.24 20.29 9.62
C ILE D 316 15.17 19.23 10.00
N LEU D 317 15.61 18.03 10.37
CA LEU D 317 14.71 16.95 10.75
C LEU D 317 14.26 17.04 12.20
N HIS D 318 15.12 17.60 13.06
CA HIS D 318 14.72 17.89 14.44
C HIS D 318 13.59 18.91 14.35
N ILE D 319 13.87 19.97 13.61
CA ILE D 319 12.90 21.02 13.33
C ILE D 319 11.62 20.44 12.70
N LEU D 320 11.75 19.50 11.78
CA LEU D 320 10.56 18.84 11.25
C LEU D 320 9.73 18.23 12.37
N ARG D 321 10.38 17.56 13.32
CA ARG D 321 9.69 16.88 14.42
C ARG D 321 8.96 17.87 15.35
N ASP D 322 9.64 18.96 15.71
CA ASP D 322 9.03 20.02 16.52
C ASP D 322 7.81 20.63 15.85
N THR D 323 7.86 20.70 14.52
CA THR D 323 6.78 21.27 13.73
C THR D 323 5.56 20.36 13.71
N ILE D 324 5.79 19.08 13.40
CA ILE D 324 4.71 18.09 13.41
C ILE D 324 3.95 18.05 14.75
N GLU D 325 4.72 18.09 15.82
CA GLU D 325 4.27 18.10 17.18
C GLU D 325 3.57 19.38 17.57
N LYS D 326 3.92 20.50 16.95
CA LYS D 326 3.30 21.76 17.25
C LYS D 326 1.97 21.77 16.57
N ARG D 327 1.44 20.59 16.38
CA ARG D 327 0.38 20.33 15.44
C ARG D 327 -0.04 21.47 14.57
N PRO D 328 0.40 21.34 13.24
CA PRO D 328 -0.11 22.40 12.38
C PRO D 328 -1.52 22.01 11.94
N PRO D 329 -2.22 22.91 11.29
CA PRO D 329 -3.66 22.71 11.01
C PRO D 329 -3.92 21.82 9.79
N SER D 330 -4.98 21.02 9.83
CA SER D 330 -5.34 20.13 8.72
C SER D 330 -5.43 20.84 7.36
N GLY D 331 -4.82 20.23 6.34
CA GLY D 331 -4.90 20.75 4.98
C GLY D 331 -3.81 21.76 4.65
N SER D 332 -3.28 22.43 5.68
CA SER D 332 -2.22 23.42 5.49
C SER D 332 -0.98 22.79 4.85
N ALA D 333 -0.21 23.61 4.15
CA ALA D 333 0.96 23.14 3.41
C ALA D 333 2.26 23.51 4.13
N GLY D 334 3.19 22.57 4.12
CA GLY D 334 4.51 22.78 4.71
C GLY D 334 5.61 22.91 3.66
N LEU D 335 6.60 23.74 4.00
CA LEU D 335 7.77 23.92 3.16
C LEU D 335 9.05 23.63 3.92
N MET D 336 9.74 22.55 3.52
CA MET D 336 11.11 22.30 3.96
C MET D 336 12.02 23.11 3.06
N LEU D 337 13.06 23.72 3.63
CA LEU D 337 14.01 24.48 2.84
C LEU D 337 15.39 24.32 3.43
N ALA D 338 16.30 23.79 2.62
CA ALA D 338 17.68 23.58 3.05
C ALA D 338 18.62 24.05 1.95
N MET D 339 19.89 24.23 2.31
CA MET D 339 20.93 24.46 1.32
C MET D 339 22.23 23.75 1.73
N GLY D 340 23.10 23.48 0.77
CA GLY D 340 24.39 22.86 1.05
C GLY D 340 25.39 23.04 -0.06
N PRO D 341 26.56 22.38 0.05
CA PRO D 341 27.65 22.43 -0.93
C PRO D 341 27.11 22.08 -2.29
N GLY D 342 27.54 22.81 -3.31
CA GLY D 342 26.91 22.77 -4.62
C GLY D 342 27.30 23.92 -5.52
N PHE D 343 26.91 25.14 -5.17
CA PHE D 343 26.00 25.42 -4.04
C PHE D 343 24.58 25.17 -4.50
N CYS D 344 23.73 24.72 -3.59
CA CYS D 344 22.37 24.35 -3.95
C CYS D 344 21.37 24.52 -2.84
N THR D 345 20.11 24.46 -3.23
CA THR D 345 19.04 24.58 -2.29
C THR D 345 18.05 23.47 -2.63
N GLU D 346 17.27 23.04 -1.64
CA GLU D 346 16.25 22.01 -1.88
C GLU D 346 14.96 22.35 -1.16
N LEU D 347 13.86 22.28 -1.90
CA LEU D 347 12.53 22.55 -1.37
C LEU D 347 11.74 21.26 -1.42
N VAL D 348 11.04 20.95 -0.34
CA VAL D 348 10.11 19.85 -0.34
C VAL D 348 8.80 20.38 0.19
N LEU D 349 7.72 20.06 -0.50
CA LEU D 349 6.39 20.58 -0.15
C LEU D 349 5.60 19.54 0.63
N LEU D 350 5.26 19.88 1.88
CA LEU D 350 4.44 19.01 2.72
C LEU D 350 2.97 19.44 2.72
N ARG D 351 2.09 18.51 3.04
CA ARG D 351 0.74 18.84 3.41
C ARG D 351 0.43 18.15 4.72
N TRP D 352 0.09 18.93 5.73
CA TRP D 352 -0.14 18.38 7.03
C TRP D 352 -1.42 17.60 7.23
N ARG D 353 -2.04 17.77 8.37
CA ARG D 353 -3.14 16.90 8.71
C ARG D 353 -2.64 16.19 9.96
#